data_2DY7
#
_entry.id   2DY7
#
_entity_poly.entity_id   1
_entity_poly.type   'polypeptide(L)'
_entity_poly.pdbx_seq_one_letter_code
;QPEDFHGIDIVINHRLKTSLEEGKVLEKTVPDLNNCKENYEFLIKWTDESHLHNTWETYESIGQVRGLKRLDNYCKQFII
E
;
_entity_poly.pdbx_strand_id   A
#
# COMPACT_ATOMS: atom_id res chain seq x y z
N GLN A 1 -9.95 -5.14 26.40
CA GLN A 1 -10.24 -5.35 24.96
C GLN A 1 -9.48 -4.33 24.10
N PRO A 2 -8.39 -4.77 23.54
CA PRO A 2 -7.56 -3.88 22.69
C PRO A 2 -8.25 -3.62 21.35
N GLU A 3 -7.53 -3.11 20.39
CA GLU A 3 -8.15 -2.84 19.06
C GLU A 3 -7.23 -3.33 17.94
N ASP A 4 -7.62 -4.37 17.25
CA ASP A 4 -6.77 -4.91 16.16
C ASP A 4 -7.64 -5.47 15.03
N PHE A 5 -8.87 -5.05 14.96
CA PHE A 5 -9.77 -5.55 13.89
C PHE A 5 -9.04 -5.61 12.55
N HIS A 6 -9.43 -6.49 11.68
CA HIS A 6 -8.75 -6.59 10.36
C HIS A 6 -8.95 -5.30 9.56
N GLY A 7 -8.26 -5.15 8.47
CA GLY A 7 -8.42 -3.91 7.65
C GLY A 7 -7.92 -4.16 6.23
N ILE A 8 -6.69 -4.57 6.08
CA ILE A 8 -6.14 -4.84 4.72
C ILE A 8 -6.21 -6.33 4.40
N ASP A 9 -6.78 -6.69 3.28
CA ASP A 9 -6.86 -8.14 2.94
C ASP A 9 -5.63 -8.53 2.13
N ILE A 10 -5.30 -7.78 1.11
CA ILE A 10 -4.12 -8.14 0.29
C ILE A 10 -3.59 -6.93 -0.49
N VAL A 11 -2.29 -6.82 -0.59
CA VAL A 11 -1.70 -5.70 -1.37
C VAL A 11 -1.57 -6.13 -2.82
N ILE A 12 -2.56 -5.86 -3.62
CA ILE A 12 -2.53 -6.29 -5.05
C ILE A 12 -1.27 -5.76 -5.76
N ASN A 13 -0.85 -4.58 -5.43
CA ASN A 13 0.36 -4.03 -6.11
C ASN A 13 0.70 -2.65 -5.55
N HIS A 14 1.60 -1.93 -6.17
CA HIS A 14 1.94 -0.58 -5.65
C HIS A 14 2.68 0.25 -6.72
N ARG A 15 2.98 1.47 -6.41
CA ARG A 15 3.70 2.35 -7.37
C ARG A 15 3.93 3.73 -6.75
N LEU A 16 4.56 4.62 -7.47
CA LEU A 16 4.80 5.98 -6.90
C LEU A 16 3.48 6.60 -6.44
N LYS A 17 3.49 7.29 -5.33
CA LYS A 17 2.24 7.92 -4.84
C LYS A 17 1.93 9.19 -5.63
N THR A 18 1.68 9.05 -6.91
CA THR A 18 1.38 10.25 -7.75
C THR A 18 0.08 10.91 -7.30
N SER A 19 -0.83 10.14 -6.75
CA SER A 19 -2.11 10.73 -6.28
C SER A 19 -2.69 11.65 -7.36
N LEU A 20 -2.50 11.31 -8.60
CA LEU A 20 -3.04 12.18 -9.70
C LEU A 20 -2.40 13.57 -9.64
N GLU A 21 -1.36 13.72 -8.86
CA GLU A 21 -0.70 15.05 -8.76
C GLU A 21 0.50 15.12 -9.72
N GLU A 22 1.38 14.15 -9.63
CA GLU A 22 2.57 14.16 -10.53
C GLU A 22 3.34 15.47 -10.39
N GLY A 23 4.51 15.55 -10.95
CA GLY A 23 5.31 16.80 -10.86
C GLY A 23 6.79 16.49 -11.08
N LYS A 24 7.29 15.45 -10.46
CA LYS A 24 8.72 15.08 -10.65
C LYS A 24 8.86 13.56 -10.76
N VAL A 25 9.94 13.10 -11.33
CA VAL A 25 10.14 11.62 -11.47
C VAL A 25 11.23 11.13 -10.50
N LEU A 26 11.24 9.86 -10.22
CA LEU A 26 12.28 9.33 -9.29
C LEU A 26 12.79 7.98 -9.80
N GLU A 27 14.02 7.93 -10.26
CA GLU A 27 14.58 6.65 -10.77
C GLU A 27 15.34 5.92 -9.65
N LYS A 28 15.00 6.17 -8.42
CA LYS A 28 15.72 5.49 -7.31
C LYS A 28 15.01 4.18 -6.95
N THR A 29 14.05 3.77 -7.74
CA THR A 29 13.33 2.50 -7.44
C THR A 29 13.02 2.40 -5.94
N VAL A 30 12.89 1.21 -5.43
CA VAL A 30 12.59 1.06 -3.98
C VAL A 30 13.34 -0.16 -3.41
N PRO A 31 14.37 0.13 -2.67
CA PRO A 31 15.19 -0.92 -2.05
C PRO A 31 14.64 -1.32 -0.69
N ASP A 32 14.42 -0.36 0.16
CA ASP A 32 13.88 -0.65 1.51
C ASP A 32 12.43 -0.16 1.63
N LEU A 33 11.89 -0.16 2.81
CA LEU A 33 10.49 0.31 3.00
C LEU A 33 10.45 1.83 3.15
N ASN A 34 11.56 2.44 3.41
CA ASN A 34 11.58 3.93 3.57
C ASN A 34 11.34 4.60 2.22
N ASN A 35 12.14 4.28 1.24
CA ASN A 35 11.95 4.90 -0.10
C ASN A 35 10.46 4.88 -0.46
N CYS A 36 9.84 3.74 -0.36
CA CYS A 36 8.40 3.67 -0.67
C CYS A 36 7.60 4.41 0.41
N LYS A 37 7.77 4.01 1.64
CA LYS A 37 7.05 4.68 2.76
C LYS A 37 7.18 6.20 2.68
N GLU A 38 8.18 6.69 1.98
CA GLU A 38 8.35 8.17 1.90
C GLU A 38 7.72 8.72 0.61
N ASN A 39 7.55 7.89 -0.40
CA ASN A 39 6.94 8.40 -1.66
C ASN A 39 6.43 7.23 -2.51
N TYR A 40 5.40 6.56 -2.05
CA TYR A 40 4.86 5.42 -2.83
C TYR A 40 3.45 5.06 -2.36
N GLU A 41 2.64 4.53 -3.23
CA GLU A 41 1.26 4.13 -2.83
C GLU A 41 1.13 2.61 -2.97
N PHE A 42 0.00 2.05 -2.64
CA PHE A 42 -0.13 0.57 -2.76
C PHE A 42 -1.58 0.17 -3.05
N LEU A 43 -1.78 -0.73 -3.98
CA LEU A 43 -3.17 -1.17 -4.27
C LEU A 43 -3.62 -2.06 -3.11
N ILE A 44 -4.56 -1.60 -2.34
CA ILE A 44 -5.00 -2.40 -1.18
C ILE A 44 -6.27 -3.21 -1.46
N LYS A 45 -6.16 -4.50 -1.56
CA LYS A 45 -7.39 -5.31 -1.79
C LYS A 45 -8.14 -5.41 -0.45
N TRP A 46 -9.14 -4.60 -0.25
CA TRP A 46 -9.88 -4.65 1.05
C TRP A 46 -10.90 -5.77 1.02
N THR A 47 -11.47 -6.11 2.15
CA THR A 47 -12.48 -7.20 2.19
C THR A 47 -13.52 -7.01 1.08
N ASP A 48 -13.67 -8.00 0.22
CA ASP A 48 -14.66 -7.88 -0.88
C ASP A 48 -16.07 -8.15 -0.35
N GLU A 49 -16.67 -7.18 0.30
CA GLU A 49 -18.05 -7.40 0.84
C GLU A 49 -19.06 -7.52 -0.30
N SER A 50 -18.98 -6.64 -1.27
CA SER A 50 -19.94 -6.70 -2.41
C SER A 50 -19.72 -5.53 -3.35
N HIS A 51 -19.78 -4.32 -2.85
CA HIS A 51 -19.56 -3.13 -3.73
C HIS A 51 -18.17 -2.56 -3.49
N LEU A 52 -17.49 -3.01 -2.47
CA LEU A 52 -16.12 -2.50 -2.20
C LEU A 52 -15.10 -3.27 -3.03
N HIS A 53 -14.23 -2.57 -3.71
CA HIS A 53 -13.21 -3.27 -4.54
C HIS A 53 -11.80 -2.76 -4.21
N ASN A 54 -10.80 -3.39 -4.77
CA ASN A 54 -9.39 -2.94 -4.48
C ASN A 54 -9.26 -1.43 -4.69
N THR A 55 -8.33 -0.83 -4.01
CA THR A 55 -8.14 0.64 -4.15
C THR A 55 -6.66 0.97 -3.99
N TRP A 56 -6.26 2.14 -4.38
CA TRP A 56 -4.82 2.51 -4.25
C TRP A 56 -4.63 3.50 -3.10
N GLU A 57 -4.34 2.99 -1.93
CA GLU A 57 -4.15 3.89 -0.75
C GLU A 57 -2.65 4.07 -0.48
N THR A 58 -2.31 4.78 0.57
CA THR A 58 -0.88 4.98 0.89
C THR A 58 -0.69 4.85 2.39
N TYR A 59 0.48 4.51 2.83
CA TYR A 59 0.69 4.36 4.30
C TYR A 59 0.05 5.53 5.05
N GLU A 60 0.06 6.70 4.45
CA GLU A 60 -0.55 7.88 5.13
C GLU A 60 -2.04 7.65 5.32
N SER A 61 -2.59 6.64 4.71
CA SER A 61 -4.05 6.38 4.86
C SER A 61 -4.29 4.92 5.28
N ILE A 62 -3.37 4.05 4.98
CA ILE A 62 -3.53 2.61 5.36
C ILE A 62 -2.49 2.25 6.43
N GLY A 63 -1.80 3.22 6.95
CA GLY A 63 -0.77 2.94 7.99
C GLY A 63 -1.42 2.90 9.38
N GLN A 64 -2.51 2.19 9.52
CA GLN A 64 -3.17 2.12 10.86
C GLN A 64 -4.39 1.19 10.82
N VAL A 65 -4.27 0.07 10.16
CA VAL A 65 -5.43 -0.89 10.10
C VAL A 65 -4.92 -2.29 9.74
N ARG A 66 -3.80 -2.68 10.27
CA ARG A 66 -3.23 -4.03 9.95
C ARG A 66 -2.64 -4.02 8.53
N GLY A 67 -2.81 -2.92 7.83
CA GLY A 67 -2.27 -2.84 6.45
C GLY A 67 -0.75 -2.89 6.51
N LEU A 68 -0.15 -2.01 7.25
CA LEU A 68 1.33 -2.01 7.35
C LEU A 68 1.84 -3.44 7.52
N LYS A 69 1.11 -4.27 8.22
CA LYS A 69 1.58 -5.68 8.39
C LYS A 69 1.58 -6.38 7.04
N ARG A 70 0.44 -6.47 6.40
CA ARG A 70 0.41 -7.13 5.06
C ARG A 70 1.16 -6.25 4.05
N LEU A 71 1.10 -4.97 4.25
CA LEU A 71 1.82 -4.03 3.35
C LEU A 71 3.32 -4.19 3.58
N ASP A 72 3.70 -4.44 4.80
CA ASP A 72 5.15 -4.62 5.10
C ASP A 72 5.64 -5.87 4.39
N ASN A 73 4.92 -6.95 4.50
CA ASN A 73 5.33 -8.20 3.82
C ASN A 73 5.23 -8.01 2.30
N TYR A 74 4.47 -7.03 1.86
CA TYR A 74 4.35 -6.80 0.41
C TYR A 74 5.56 -5.97 -0.05
N CYS A 75 5.88 -4.94 0.68
CA CYS A 75 7.04 -4.11 0.31
C CYS A 75 8.32 -4.95 0.36
N LYS A 76 8.34 -5.92 1.23
CA LYS A 76 9.55 -6.79 1.32
C LYS A 76 9.50 -7.87 0.23
N GLN A 77 8.32 -8.26 -0.17
CA GLN A 77 8.20 -9.28 -1.23
C GLN A 77 8.09 -8.59 -2.59
N PHE A 78 8.15 -7.29 -2.61
CA PHE A 78 8.05 -6.56 -3.89
C PHE A 78 8.97 -5.33 -3.92
N ILE A 79 9.34 -4.79 -2.80
CA ILE A 79 10.23 -3.59 -2.82
C ILE A 79 11.55 -3.86 -2.06
N ILE A 80 11.61 -4.91 -1.30
CA ILE A 80 12.86 -5.22 -0.56
C ILE A 80 13.10 -6.73 -0.53
N GLU A 81 14.02 -7.19 0.27
CA GLU A 81 14.29 -8.66 0.34
C GLU A 81 15.20 -8.98 1.53
N GLN A 1 -19.76 0.87 12.04
CA GLN A 1 -20.93 0.20 12.67
C GLN A 1 -21.57 -0.80 11.70
N PRO A 2 -21.84 -0.33 10.50
CA PRO A 2 -22.45 -1.20 9.47
C PRO A 2 -21.41 -2.13 8.87
N GLU A 3 -20.16 -1.81 9.00
CA GLU A 3 -19.10 -2.70 8.42
C GLU A 3 -18.46 -3.53 9.53
N ASP A 4 -17.45 -4.29 9.21
CA ASP A 4 -16.79 -5.13 10.25
C ASP A 4 -15.67 -5.97 9.63
N PHE A 5 -14.44 -5.56 9.76
CA PHE A 5 -13.32 -6.34 9.18
C PHE A 5 -12.00 -5.91 9.82
N HIS A 6 -10.94 -6.61 9.55
CA HIS A 6 -9.62 -6.24 10.15
C HIS A 6 -9.11 -4.94 9.52
N GLY A 7 -8.90 -4.93 8.23
CA GLY A 7 -8.39 -3.69 7.58
C GLY A 7 -7.86 -4.03 6.18
N ILE A 8 -6.59 -4.26 6.06
CA ILE A 8 -6.02 -4.59 4.73
C ILE A 8 -6.12 -6.10 4.47
N ASP A 9 -6.70 -6.50 3.38
CA ASP A 9 -6.81 -7.95 3.10
C ASP A 9 -5.58 -8.40 2.30
N ILE A 10 -5.23 -7.68 1.27
CA ILE A 10 -4.05 -8.08 0.47
C ILE A 10 -3.50 -6.91 -0.36
N VAL A 11 -2.21 -6.75 -0.39
CA VAL A 11 -1.60 -5.66 -1.21
C VAL A 11 -1.45 -6.17 -2.64
N ILE A 12 -2.43 -5.92 -3.47
CA ILE A 12 -2.39 -6.41 -4.88
C ILE A 12 -1.15 -5.90 -5.62
N ASN A 13 -0.72 -4.71 -5.33
CA ASN A 13 0.48 -4.17 -6.02
C ASN A 13 0.82 -2.78 -5.49
N HIS A 14 1.70 -2.07 -6.14
CA HIS A 14 2.06 -0.71 -5.65
C HIS A 14 2.86 0.06 -6.71
N ARG A 15 3.12 1.31 -6.48
CA ARG A 15 3.91 2.12 -7.46
C ARG A 15 4.05 3.56 -6.97
N LEU A 16 4.87 4.34 -7.63
CA LEU A 16 5.06 5.76 -7.19
C LEU A 16 3.71 6.44 -6.94
N LYS A 17 3.64 7.28 -5.95
CA LYS A 17 2.36 7.99 -5.66
C LYS A 17 2.06 9.03 -6.75
N THR A 18 1.85 8.58 -7.96
CA THR A 18 1.56 9.54 -9.06
C THR A 18 0.26 10.31 -8.76
N SER A 19 -0.75 9.62 -8.32
CA SER A 19 -2.04 10.30 -8.01
C SER A 19 -2.38 11.30 -9.13
N LEU A 20 -2.40 10.86 -10.35
CA LEU A 20 -2.73 11.78 -11.47
C LEU A 20 -1.64 12.84 -11.63
N GLU A 21 -1.47 13.69 -10.64
CA GLU A 21 -0.41 14.73 -10.73
C GLU A 21 0.91 14.12 -11.22
N GLU A 22 1.13 14.14 -12.51
CA GLU A 22 2.40 13.56 -13.05
C GLU A 22 3.24 14.64 -13.73
N GLY A 23 4.15 15.23 -13.02
CA GLY A 23 5.01 16.29 -13.62
C GLY A 23 6.42 16.19 -13.04
N LYS A 24 6.52 15.94 -11.77
CA LYS A 24 7.87 15.83 -11.15
C LYS A 24 8.26 14.35 -11.00
N VAL A 25 9.27 13.92 -11.72
CA VAL A 25 9.69 12.49 -11.63
C VAL A 25 10.39 12.24 -10.29
N LEU A 26 10.58 11.00 -9.93
CA LEU A 26 11.25 10.69 -8.64
C LEU A 26 11.96 9.34 -8.73
N GLU A 27 12.36 8.79 -7.61
CA GLU A 27 13.05 7.46 -7.63
C GLU A 27 12.20 6.43 -8.38
N LYS A 28 12.81 5.39 -8.86
CA LYS A 28 12.03 4.36 -9.60
C LYS A 28 12.09 3.02 -8.86
N THR A 29 13.20 2.70 -8.26
CA THR A 29 13.32 1.41 -7.52
C THR A 29 12.98 1.60 -6.04
N VAL A 30 12.86 0.52 -5.32
CA VAL A 30 12.55 0.62 -3.86
C VAL A 30 13.37 -0.41 -3.08
N PRO A 31 14.33 0.08 -2.36
CA PRO A 31 15.21 -0.81 -1.57
C PRO A 31 14.62 -1.11 -0.19
N ASP A 32 14.20 -0.10 0.52
CA ASP A 32 13.62 -0.33 1.87
C ASP A 32 12.20 0.22 1.95
N LEU A 33 11.46 -0.15 2.98
CA LEU A 33 10.08 0.36 3.12
C LEU A 33 10.09 1.87 3.29
N ASN A 34 11.23 2.43 3.60
CA ASN A 34 11.32 3.91 3.77
C ASN A 34 11.08 4.61 2.44
N ASN A 35 11.82 4.25 1.43
CA ASN A 35 11.63 4.89 0.10
C ASN A 35 10.17 4.79 -0.33
N CYS A 36 9.55 3.69 -0.01
CA CYS A 36 8.12 3.52 -0.40
C CYS A 36 7.21 4.37 0.50
N LYS A 37 7.08 3.99 1.74
CA LYS A 37 6.21 4.75 2.68
C LYS A 37 6.39 6.27 2.51
N GLU A 38 7.53 6.70 2.03
CA GLU A 38 7.74 8.17 1.88
C GLU A 38 7.26 8.66 0.51
N ASN A 39 7.31 7.84 -0.50
CA ASN A 39 6.85 8.30 -1.84
C ASN A 39 6.39 7.11 -2.70
N TYR A 40 5.35 6.44 -2.27
CA TYR A 40 4.87 5.27 -3.06
C TYR A 40 3.42 4.93 -2.70
N GLU A 41 2.67 4.48 -3.66
CA GLU A 41 1.26 4.08 -3.38
C GLU A 41 1.18 2.57 -3.28
N PHE A 42 0.04 2.03 -2.94
CA PHE A 42 -0.07 0.54 -2.84
C PHE A 42 -1.50 0.09 -3.11
N LEU A 43 -1.68 -0.81 -4.05
CA LEU A 43 -3.06 -1.29 -4.32
C LEU A 43 -3.50 -2.13 -3.12
N ILE A 44 -4.41 -1.63 -2.36
CA ILE A 44 -4.84 -2.38 -1.16
C ILE A 44 -6.12 -3.17 -1.41
N LYS A 45 -6.04 -4.47 -1.49
CA LYS A 45 -7.28 -5.27 -1.68
C LYS A 45 -8.06 -5.28 -0.35
N TRP A 46 -8.98 -4.38 -0.17
CA TRP A 46 -9.74 -4.36 1.12
C TRP A 46 -10.79 -5.47 1.13
N THR A 47 -11.50 -5.60 2.21
CA THR A 47 -12.54 -6.67 2.28
C THR A 47 -11.89 -8.04 2.13
N ASP A 48 -12.52 -9.07 2.63
CA ASP A 48 -11.94 -10.44 2.51
C ASP A 48 -12.24 -11.03 1.13
N GLU A 49 -12.01 -12.29 0.95
CA GLU A 49 -12.28 -12.92 -0.37
C GLU A 49 -13.75 -12.74 -0.76
N SER A 50 -14.03 -11.87 -1.68
CA SER A 50 -15.44 -11.65 -2.10
C SER A 50 -15.49 -10.62 -3.24
N HIS A 51 -16.50 -9.79 -3.26
CA HIS A 51 -16.60 -8.76 -4.34
C HIS A 51 -15.27 -8.03 -4.50
N LEU A 52 -15.08 -7.36 -5.59
CA LEU A 52 -13.80 -6.63 -5.82
C LEU A 52 -13.84 -5.27 -5.11
N HIS A 53 -12.98 -5.06 -4.15
CA HIS A 53 -12.96 -3.76 -3.43
C HIS A 53 -11.53 -3.24 -3.32
N ASN A 54 -10.69 -3.61 -4.25
CA ASN A 54 -9.27 -3.14 -4.21
C ASN A 54 -9.19 -1.65 -4.56
N THR A 55 -8.21 -0.98 -4.03
CA THR A 55 -8.05 0.47 -4.33
C THR A 55 -6.57 0.84 -4.15
N TRP A 56 -6.18 2.00 -4.60
CA TRP A 56 -4.75 2.38 -4.45
C TRP A 56 -4.58 3.41 -3.33
N GLU A 57 -4.15 2.96 -2.18
CA GLU A 57 -3.96 3.90 -1.04
C GLU A 57 -2.46 4.12 -0.77
N THR A 58 -2.14 4.78 0.30
CA THR A 58 -0.72 5.03 0.63
C THR A 58 -0.53 4.87 2.14
N TYR A 59 0.65 4.53 2.57
CA TYR A 59 0.88 4.35 4.03
C TYR A 59 0.26 5.51 4.81
N GLU A 60 0.25 6.68 4.24
CA GLU A 60 -0.33 7.86 4.95
C GLU A 60 -1.84 7.65 5.16
N SER A 61 -2.40 6.65 4.54
CA SER A 61 -3.86 6.42 4.70
C SER A 61 -4.13 4.95 5.08
N ILE A 62 -3.18 4.08 4.85
CA ILE A 62 -3.38 2.65 5.18
C ILE A 62 -2.35 2.22 6.26
N GLY A 63 -1.64 3.16 6.81
CA GLY A 63 -0.63 2.82 7.85
C GLY A 63 -1.28 2.87 9.24
N GLN A 64 -2.36 2.15 9.43
CA GLN A 64 -3.02 2.17 10.76
C GLN A 64 -4.25 1.25 10.76
N VAL A 65 -4.16 0.11 10.15
CA VAL A 65 -5.33 -0.84 10.11
C VAL A 65 -4.84 -2.23 9.73
N ARG A 66 -3.73 -2.66 10.28
CA ARG A 66 -3.18 -4.00 9.93
C ARG A 66 -2.59 -3.95 8.51
N GLY A 67 -2.67 -2.82 7.86
CA GLY A 67 -2.12 -2.70 6.50
C GLY A 67 -0.60 -2.81 6.56
N LEU A 68 0.03 -1.94 7.29
CA LEU A 68 1.52 -2.01 7.40
C LEU A 68 1.97 -3.45 7.59
N LYS A 69 1.19 -4.26 8.26
CA LYS A 69 1.61 -5.67 8.45
C LYS A 69 1.60 -6.40 7.11
N ARG A 70 0.47 -6.46 6.47
CA ARG A 70 0.42 -7.14 5.14
C ARG A 70 1.16 -6.28 4.11
N LEU A 71 1.22 -5.01 4.36
CA LEU A 71 1.95 -4.09 3.44
C LEU A 71 3.44 -4.27 3.66
N ASP A 72 3.82 -4.53 4.87
CA ASP A 72 5.26 -4.75 5.16
C ASP A 72 5.69 -6.06 4.51
N ASN A 73 4.94 -7.11 4.72
CA ASN A 73 5.30 -8.41 4.09
C ASN A 73 5.16 -8.28 2.57
N TYR A 74 4.41 -7.32 2.12
CA TYR A 74 4.27 -7.13 0.65
C TYR A 74 5.46 -6.31 0.15
N CYS A 75 5.79 -5.27 0.87
CA CYS A 75 6.94 -4.43 0.46
C CYS A 75 8.23 -5.25 0.54
N LYS A 76 8.26 -6.21 1.43
CA LYS A 76 9.48 -7.06 1.54
C LYS A 76 9.43 -8.15 0.47
N GLN A 77 8.26 -8.56 0.09
CA GLN A 77 8.13 -9.60 -0.96
C GLN A 77 8.03 -8.94 -2.33
N PHE A 78 8.03 -7.63 -2.37
CA PHE A 78 7.92 -6.92 -3.67
C PHE A 78 8.85 -5.69 -3.73
N ILE A 79 9.25 -5.16 -2.60
CA ILE A 79 10.14 -3.96 -2.66
C ILE A 79 11.46 -4.22 -1.93
N ILE A 80 11.46 -5.11 -0.97
CA ILE A 80 12.73 -5.40 -0.23
C ILE A 80 12.92 -6.91 -0.11
N GLU A 81 13.63 -7.35 0.90
CA GLU A 81 13.85 -8.81 1.07
C GLU A 81 14.76 -9.07 2.27
N GLN A 1 -14.53 -17.93 13.78
CA GLN A 1 -13.60 -17.14 12.93
C GLN A 1 -13.89 -15.64 13.08
N PRO A 2 -12.83 -14.86 13.11
CA PRO A 2 -12.96 -13.40 13.24
C PRO A 2 -13.50 -12.78 11.94
N GLU A 3 -14.70 -13.12 11.57
CA GLU A 3 -15.28 -12.54 10.31
C GLU A 3 -14.34 -12.80 9.12
N ASP A 4 -14.57 -12.15 8.01
CA ASP A 4 -13.70 -12.36 6.83
C ASP A 4 -12.38 -11.60 7.00
N PHE A 5 -12.41 -10.51 7.72
CA PHE A 5 -11.15 -9.72 7.93
C PHE A 5 -11.44 -8.49 8.79
N HIS A 6 -10.47 -7.65 8.99
CA HIS A 6 -10.69 -6.43 9.83
C HIS A 6 -9.73 -5.32 9.39
N GLY A 7 -9.44 -5.22 8.12
CA GLY A 7 -8.52 -4.15 7.65
C GLY A 7 -8.03 -4.47 6.24
N ILE A 8 -6.75 -4.41 6.02
CA ILE A 8 -6.21 -4.71 4.66
C ILE A 8 -6.33 -6.21 4.37
N ASP A 9 -6.89 -6.57 3.24
CA ASP A 9 -7.00 -8.02 2.91
C ASP A 9 -5.79 -8.46 2.11
N ILE A 10 -5.41 -7.70 1.12
CA ILE A 10 -4.24 -8.08 0.29
C ILE A 10 -3.68 -6.88 -0.48
N VAL A 11 -2.38 -6.81 -0.61
CA VAL A 11 -1.76 -5.69 -1.38
C VAL A 11 -1.64 -6.12 -2.85
N ILE A 12 -2.63 -5.80 -3.64
CA ILE A 12 -2.60 -6.22 -5.08
C ILE A 12 -1.32 -5.74 -5.77
N ASN A 13 -0.87 -4.57 -5.45
CA ASN A 13 0.36 -4.04 -6.11
C ASN A 13 0.73 -2.67 -5.55
N HIS A 14 1.63 -1.98 -6.17
CA HIS A 14 2.01 -0.63 -5.66
C HIS A 14 2.82 0.15 -6.72
N ARG A 15 3.11 1.39 -6.46
CA ARG A 15 3.88 2.20 -7.44
C ARG A 15 4.00 3.65 -6.95
N LEU A 16 4.81 4.43 -7.61
CA LEU A 16 4.97 5.86 -7.19
C LEU A 16 3.61 6.47 -6.87
N LYS A 17 3.52 7.23 -5.82
CA LYS A 17 2.20 7.85 -5.45
C LYS A 17 1.92 9.06 -6.34
N THR A 18 1.93 8.86 -7.64
CA THR A 18 1.66 10.01 -8.57
C THR A 18 0.35 10.69 -8.20
N SER A 19 -0.70 9.93 -8.03
CA SER A 19 -2.02 10.54 -7.67
C SER A 19 -2.40 11.60 -8.71
N LEU A 20 -2.22 11.29 -9.97
CA LEU A 20 -2.56 12.28 -11.04
C LEU A 20 -1.85 13.61 -10.78
N GLU A 21 -0.83 13.60 -9.96
CA GLU A 21 -0.08 14.87 -9.68
C GLU A 21 1.34 14.78 -10.25
N GLU A 22 1.54 13.91 -11.19
CA GLU A 22 2.90 13.75 -11.78
C GLU A 22 3.47 15.11 -12.17
N GLY A 23 4.55 15.51 -11.56
CA GLY A 23 5.17 16.83 -11.90
C GLY A 23 6.70 16.69 -11.87
N LYS A 24 7.24 16.40 -10.72
CA LYS A 24 8.73 16.25 -10.62
C LYS A 24 9.07 14.77 -10.42
N VAL A 25 10.31 14.40 -10.66
CA VAL A 25 10.70 12.97 -10.49
C VAL A 25 11.22 12.73 -9.06
N LEU A 26 11.43 11.48 -8.71
CA LEU A 26 11.94 11.17 -7.34
C LEU A 26 12.33 9.69 -7.26
N GLU A 27 13.43 9.32 -7.84
CA GLU A 27 13.87 7.90 -7.80
C GLU A 27 12.77 7.00 -8.39
N LYS A 28 13.12 5.80 -8.78
CA LYS A 28 12.10 4.89 -9.37
C LYS A 28 12.30 3.46 -8.84
N THR A 29 13.13 3.30 -7.85
CA THR A 29 13.36 1.93 -7.29
C THR A 29 13.07 1.92 -5.78
N VAL A 30 12.94 0.76 -5.20
CA VAL A 30 12.66 0.69 -3.74
C VAL A 30 13.49 -0.42 -3.09
N PRO A 31 14.50 -0.01 -2.39
CA PRO A 31 15.40 -0.95 -1.69
C PRO A 31 14.83 -1.31 -0.32
N ASP A 32 14.59 -0.33 0.50
CA ASP A 32 14.03 -0.60 1.85
C ASP A 32 12.57 -0.14 1.91
N LEU A 33 11.95 -0.24 3.03
CA LEU A 33 10.52 0.19 3.14
C LEU A 33 10.45 1.71 3.32
N ASN A 34 11.54 2.34 3.63
CA ASN A 34 11.53 3.81 3.82
C ASN A 34 11.32 4.52 2.48
N ASN A 35 11.95 4.05 1.44
CA ASN A 35 11.78 4.70 0.11
C ASN A 35 10.31 4.70 -0.30
N CYS A 36 9.63 3.61 -0.08
CA CYS A 36 8.20 3.54 -0.46
C CYS A 36 7.37 4.46 0.44
N LYS A 37 7.25 4.11 1.69
CA LYS A 37 6.44 4.95 2.62
C LYS A 37 6.71 6.44 2.42
N GLU A 38 7.86 6.80 1.89
CA GLU A 38 8.15 8.24 1.69
C GLU A 38 7.64 8.73 0.34
N ASN A 39 7.53 7.85 -0.63
CA ASN A 39 7.03 8.27 -1.97
C ASN A 39 6.50 7.08 -2.75
N TYR A 40 5.44 6.46 -2.28
CA TYR A 40 4.91 5.27 -3.02
C TYR A 40 3.47 4.97 -2.58
N GLU A 41 2.69 4.44 -3.47
CA GLU A 41 1.28 4.07 -3.14
C GLU A 41 1.17 2.55 -3.14
N PHE A 42 0.01 2.02 -2.85
CA PHE A 42 -0.12 0.53 -2.83
C PHE A 42 -1.57 0.11 -3.14
N LEU A 43 -1.77 -0.75 -4.09
CA LEU A 43 -3.16 -1.19 -4.37
C LEU A 43 -3.61 -2.07 -3.22
N ILE A 44 -4.52 -1.59 -2.44
CA ILE A 44 -4.96 -2.39 -1.26
C ILE A 44 -6.25 -3.16 -1.53
N LYS A 45 -6.16 -4.45 -1.66
CA LYS A 45 -7.41 -5.25 -1.87
C LYS A 45 -8.14 -5.34 -0.53
N TRP A 46 -9.17 -4.56 -0.34
CA TRP A 46 -9.90 -4.61 0.96
C TRP A 46 -10.95 -5.72 0.95
N THR A 47 -12.07 -5.49 1.58
CA THR A 47 -13.13 -6.54 1.63
C THR A 47 -13.33 -7.18 0.27
N ASP A 48 -14.11 -8.23 0.19
CA ASP A 48 -14.34 -8.90 -1.12
C ASP A 48 -15.60 -9.78 -1.04
N GLU A 49 -16.73 -9.23 -1.36
CA GLU A 49 -17.99 -10.03 -1.30
C GLU A 49 -18.52 -10.28 -2.72
N SER A 50 -19.07 -9.29 -3.34
CA SER A 50 -19.61 -9.46 -4.71
C SER A 50 -18.47 -9.35 -5.74
N HIS A 51 -17.75 -8.27 -5.72
CA HIS A 51 -16.62 -8.11 -6.69
C HIS A 51 -15.34 -7.69 -5.97
N LEU A 52 -14.33 -7.32 -6.70
CA LEU A 52 -13.05 -6.90 -6.06
C LEU A 52 -13.12 -5.44 -5.61
N HIS A 53 -12.94 -5.18 -4.35
CA HIS A 53 -12.99 -3.78 -3.84
C HIS A 53 -11.57 -3.24 -3.63
N ASN A 54 -10.68 -3.53 -4.54
CA ASN A 54 -9.28 -3.04 -4.40
C ASN A 54 -9.22 -1.53 -4.65
N THR A 55 -8.23 -0.89 -4.10
CA THR A 55 -8.09 0.58 -4.30
C THR A 55 -6.62 0.95 -4.10
N TRP A 56 -6.21 2.10 -4.55
CA TRP A 56 -4.80 2.49 -4.38
C TRP A 56 -4.65 3.45 -3.21
N GLU A 57 -4.35 2.93 -2.05
CA GLU A 57 -4.19 3.79 -0.85
C GLU A 57 -2.71 4.08 -0.59
N THR A 58 -2.43 4.69 0.53
CA THR A 58 -1.01 5.01 0.86
C THR A 58 -0.79 4.76 2.35
N TYR A 59 0.41 4.46 2.76
CA TYR A 59 0.65 4.22 4.20
C TYR A 59 -0.04 5.30 5.04
N GLU A 60 -0.04 6.51 4.57
CA GLU A 60 -0.70 7.61 5.32
C GLU A 60 -2.20 7.38 5.42
N SER A 61 -2.70 6.40 4.71
CA SER A 61 -4.17 6.13 4.76
C SER A 61 -4.42 4.67 5.13
N ILE A 62 -3.43 3.84 4.97
CA ILE A 62 -3.59 2.39 5.30
C ILE A 62 -2.56 2.01 6.37
N GLY A 63 -1.92 2.98 6.96
CA GLY A 63 -0.91 2.67 8.01
C GLY A 63 -1.56 2.65 9.38
N GLN A 64 -2.68 1.98 9.52
CA GLN A 64 -3.34 1.92 10.85
C GLN A 64 -4.58 0.99 10.79
N VAL A 65 -4.46 -0.12 10.12
CA VAL A 65 -5.60 -1.06 10.03
C VAL A 65 -5.09 -2.45 9.63
N ARG A 66 -3.98 -2.86 10.17
CA ARG A 66 -3.39 -4.18 9.81
C ARG A 66 -2.80 -4.11 8.40
N GLY A 67 -2.90 -2.97 7.76
CA GLY A 67 -2.34 -2.83 6.40
C GLY A 67 -0.82 -2.95 6.47
N LEU A 68 -0.19 -2.07 7.18
CA LEU A 68 1.30 -2.13 7.29
C LEU A 68 1.76 -3.58 7.47
N LYS A 69 1.01 -4.39 8.14
CA LYS A 69 1.44 -5.81 8.33
C LYS A 69 1.43 -6.52 6.98
N ARG A 70 0.28 -6.60 6.35
CA ARG A 70 0.23 -7.27 5.02
C ARG A 70 0.97 -6.40 3.99
N LEU A 71 0.97 -5.12 4.23
CA LEU A 71 1.68 -4.19 3.31
C LEU A 71 3.17 -4.36 3.52
N ASP A 72 3.59 -4.56 4.74
CA ASP A 72 5.04 -4.77 5.01
C ASP A 72 5.49 -6.05 4.31
N ASN A 73 4.76 -7.12 4.52
CA ASN A 73 5.13 -8.39 3.85
C ASN A 73 5.03 -8.22 2.34
N TYR A 74 4.26 -7.25 1.91
CA TYR A 74 4.15 -7.01 0.44
C TYR A 74 5.35 -6.20 -0.01
N CYS A 75 5.73 -5.21 0.77
CA CYS A 75 6.89 -4.38 0.41
C CYS A 75 8.16 -5.24 0.45
N LYS A 76 8.18 -6.22 1.31
CA LYS A 76 9.37 -7.10 1.39
C LYS A 76 9.30 -8.15 0.28
N GLN A 77 8.11 -8.45 -0.16
CA GLN A 77 7.95 -9.45 -1.25
C GLN A 77 7.87 -8.73 -2.60
N PHE A 78 7.84 -7.42 -2.58
CA PHE A 78 7.74 -6.66 -3.85
C PHE A 78 8.69 -5.44 -3.86
N ILE A 79 9.16 -5.01 -2.71
CA ILE A 79 10.07 -3.82 -2.71
C ILE A 79 11.38 -4.14 -1.99
N ILE A 80 11.38 -5.07 -1.07
CA ILE A 80 12.64 -5.40 -0.36
C ILE A 80 12.81 -6.92 -0.27
N GLU A 81 13.62 -7.40 0.64
CA GLU A 81 13.82 -8.87 0.76
C GLU A 81 14.46 -9.21 2.12
N GLN A 1 -9.99 0.13 22.99
CA GLN A 1 -10.42 -0.48 21.69
C GLN A 1 -9.48 -0.03 20.57
N PRO A 2 -8.34 -0.64 20.52
CA PRO A 2 -7.33 -0.30 19.49
C PRO A 2 -7.75 -0.86 18.12
N GLU A 3 -8.50 -1.93 18.12
CA GLU A 3 -8.94 -2.52 16.82
C GLU A 3 -10.25 -3.27 16.98
N ASP A 4 -11.23 -2.95 16.17
CA ASP A 4 -12.55 -3.65 16.26
C ASP A 4 -13.19 -3.68 14.88
N PHE A 5 -12.41 -3.95 13.87
CA PHE A 5 -12.97 -3.99 12.48
C PHE A 5 -11.91 -4.54 11.51
N HIS A 6 -12.33 -5.08 10.40
CA HIS A 6 -11.35 -5.63 9.42
C HIS A 6 -10.41 -4.52 8.93
N GLY A 7 -9.45 -4.87 8.11
CA GLY A 7 -8.51 -3.83 7.61
C GLY A 7 -8.02 -4.21 6.21
N ILE A 8 -6.73 -4.22 6.00
CA ILE A 8 -6.20 -4.57 4.65
C ILE A 8 -6.35 -6.07 4.38
N ASP A 9 -6.82 -6.44 3.22
CA ASP A 9 -6.97 -7.89 2.91
C ASP A 9 -5.77 -8.35 2.09
N ILE A 10 -5.41 -7.61 1.08
CA ILE A 10 -4.26 -8.01 0.24
C ILE A 10 -3.71 -6.81 -0.54
N VAL A 11 -2.42 -6.71 -0.65
CA VAL A 11 -1.82 -5.59 -1.43
C VAL A 11 -1.66 -6.05 -2.88
N ILE A 12 -2.65 -5.76 -3.70
CA ILE A 12 -2.60 -6.20 -5.13
C ILE A 12 -1.33 -5.70 -5.83
N ASN A 13 -0.89 -4.52 -5.52
CA ASN A 13 0.32 -3.98 -6.19
C ASN A 13 0.67 -2.61 -5.61
N HIS A 14 1.56 -1.90 -6.24
CA HIS A 14 1.94 -0.55 -5.72
C HIS A 14 2.77 0.22 -6.76
N ARG A 15 3.00 1.48 -6.51
CA ARG A 15 3.82 2.29 -7.47
C ARG A 15 3.97 3.72 -6.96
N LEU A 16 4.83 4.48 -7.56
CA LEU A 16 5.04 5.89 -7.12
C LEU A 16 3.68 6.55 -6.84
N LYS A 17 3.62 7.37 -5.82
CA LYS A 17 2.34 8.05 -5.49
C LYS A 17 2.25 9.39 -6.22
N THR A 18 1.84 9.38 -7.46
CA THR A 18 1.74 10.66 -8.23
C THR A 18 0.39 11.34 -7.96
N SER A 19 -0.65 10.58 -7.77
CA SER A 19 -1.98 11.21 -7.51
C SER A 19 -2.24 12.34 -8.50
N LEU A 20 -1.87 12.15 -9.74
CA LEU A 20 -2.08 13.21 -10.77
C LEU A 20 -1.17 14.41 -10.47
N GLU A 21 -1.33 15.01 -9.33
CA GLU A 21 -0.46 16.18 -8.98
C GLU A 21 1.01 15.81 -9.17
N GLU A 22 1.54 16.01 -10.35
CA GLU A 22 2.97 15.66 -10.59
C GLU A 22 3.81 16.94 -10.68
N GLY A 23 4.41 17.34 -9.59
CA GLY A 23 5.26 18.57 -9.61
C GLY A 23 6.66 18.22 -9.13
N LYS A 24 7.00 16.95 -9.10
CA LYS A 24 8.35 16.55 -8.64
C LYS A 24 8.80 15.27 -9.37
N VAL A 25 10.08 15.05 -9.46
CA VAL A 25 10.56 13.82 -10.16
C VAL A 25 10.53 12.62 -9.21
N LEU A 26 11.58 12.41 -8.47
CA LEU A 26 11.61 11.27 -7.52
C LEU A 26 11.26 9.97 -8.25
N GLU A 27 12.01 9.62 -9.26
CA GLU A 27 11.73 8.38 -10.02
C GLU A 27 12.80 7.33 -9.73
N LYS A 28 12.56 6.45 -8.80
CA LYS A 28 13.57 5.40 -8.47
C LYS A 28 12.87 4.11 -8.02
N THR A 29 13.62 3.07 -7.82
CA THR A 29 13.01 1.78 -7.38
C THR A 29 12.73 1.81 -5.88
N VAL A 30 12.73 0.66 -5.24
CA VAL A 30 12.47 0.63 -3.77
C VAL A 30 13.31 -0.45 -3.11
N PRO A 31 14.30 -0.01 -2.38
CA PRO A 31 15.22 -0.94 -1.68
C PRO A 31 14.66 -1.30 -0.31
N ASP A 32 14.28 -0.32 0.47
CA ASP A 32 13.74 -0.61 1.82
C ASP A 32 12.29 -0.11 1.93
N LEU A 33 11.70 -0.19 3.08
CA LEU A 33 10.30 0.27 3.25
C LEU A 33 10.26 1.80 3.39
N ASN A 34 11.38 2.41 3.70
CA ASN A 34 11.40 3.89 3.86
C ASN A 34 11.17 4.58 2.50
N ASN A 35 11.90 4.17 1.50
CA ASN A 35 11.73 4.80 0.16
C ASN A 35 10.27 4.71 -0.28
N CYS A 36 9.61 3.62 0.02
CA CYS A 36 8.19 3.48 -0.38
C CYS A 36 7.29 4.32 0.53
N LYS A 37 7.16 3.91 1.77
CA LYS A 37 6.30 4.68 2.71
C LYS A 37 6.51 6.19 2.56
N GLU A 38 7.64 6.62 2.08
CA GLU A 38 7.87 8.09 1.95
C GLU A 38 7.38 8.60 0.59
N ASN A 39 7.42 7.79 -0.44
CA ASN A 39 6.96 8.26 -1.77
C ASN A 39 6.46 7.08 -2.61
N TYR A 40 5.42 6.43 -2.17
CA TYR A 40 4.89 5.26 -2.95
C TYR A 40 3.45 4.95 -2.56
N GLU A 41 2.65 4.57 -3.51
CA GLU A 41 1.24 4.21 -3.20
C GLU A 41 1.12 2.69 -3.19
N PHE A 42 -0.03 2.16 -2.89
CA PHE A 42 -0.16 0.68 -2.87
C PHE A 42 -1.60 0.26 -3.16
N LEU A 43 -1.80 -0.63 -4.09
CA LEU A 43 -3.19 -1.09 -4.38
C LEU A 43 -3.63 -1.96 -3.21
N ILE A 44 -4.55 -1.48 -2.43
CA ILE A 44 -4.99 -2.27 -1.26
C ILE A 44 -6.28 -3.04 -1.53
N LYS A 45 -6.19 -4.34 -1.66
CA LYS A 45 -7.42 -5.14 -1.87
C LYS A 45 -8.17 -5.21 -0.54
N TRP A 46 -9.15 -4.37 -0.35
CA TRP A 46 -9.89 -4.40 0.95
C TRP A 46 -10.94 -5.52 0.95
N THR A 47 -12.06 -5.29 1.57
CA THR A 47 -13.12 -6.35 1.61
C THR A 47 -13.82 -6.45 0.26
N ASP A 48 -14.08 -7.66 -0.19
CA ASP A 48 -14.77 -7.83 -1.50
C ASP A 48 -16.23 -8.24 -1.26
N GLU A 49 -16.49 -9.51 -1.12
CA GLU A 49 -17.89 -9.96 -0.88
C GLU A 49 -18.83 -9.36 -1.94
N SER A 50 -18.30 -8.94 -3.05
CA SER A 50 -19.15 -8.35 -4.12
C SER A 50 -18.60 -8.69 -5.50
N HIS A 51 -17.60 -7.96 -5.94
CA HIS A 51 -17.01 -8.23 -7.28
C HIS A 51 -15.52 -7.92 -7.28
N LEU A 52 -15.16 -6.67 -7.44
CA LEU A 52 -13.72 -6.30 -7.44
C LEU A 52 -13.55 -4.85 -6.98
N HIS A 53 -13.45 -4.63 -5.69
CA HIS A 53 -13.26 -3.24 -5.19
C HIS A 53 -11.80 -2.83 -5.31
N ASN A 54 -11.01 -3.06 -4.31
CA ASN A 54 -9.57 -2.68 -4.36
C ASN A 54 -9.42 -1.18 -4.62
N THR A 55 -8.45 -0.58 -4.00
CA THR A 55 -8.23 0.88 -4.20
C THR A 55 -6.77 1.22 -3.94
N TRP A 56 -6.27 2.27 -4.52
CA TRP A 56 -4.85 2.62 -4.31
C TRP A 56 -4.71 3.60 -3.14
N GLU A 57 -4.33 3.09 -2.00
CA GLU A 57 -4.17 3.98 -0.82
C GLU A 57 -2.69 4.26 -0.56
N THR A 58 -2.38 4.90 0.53
CA THR A 58 -0.95 5.19 0.85
C THR A 58 -0.69 4.96 2.33
N TYR A 59 0.50 4.62 2.69
CA TYR A 59 0.79 4.37 4.13
C TYR A 59 0.22 5.50 4.98
N GLU A 60 0.16 6.68 4.44
CA GLU A 60 -0.38 7.84 5.22
C GLU A 60 -1.88 7.64 5.48
N SER A 61 -2.47 6.66 4.86
CA SER A 61 -3.93 6.43 5.06
C SER A 61 -4.22 4.96 5.39
N ILE A 62 -3.30 4.08 5.08
CA ILE A 62 -3.52 2.64 5.36
C ILE A 62 -2.54 2.17 6.44
N GLY A 63 -1.83 3.08 7.04
CA GLY A 63 -0.84 2.69 8.09
C GLY A 63 -1.53 2.68 9.46
N GLN A 64 -2.61 1.95 9.60
CA GLN A 64 -3.30 1.91 10.92
C GLN A 64 -4.53 1.00 10.87
N VAL A 65 -4.46 -0.06 10.10
CA VAL A 65 -5.61 -1.01 10.02
C VAL A 65 -5.09 -2.37 9.59
N ARG A 66 -4.01 -2.81 10.15
CA ARG A 66 -3.43 -4.12 9.76
C ARG A 66 -2.83 -4.01 8.35
N GLY A 67 -2.87 -2.84 7.77
CA GLY A 67 -2.31 -2.66 6.42
C GLY A 67 -0.80 -2.82 6.49
N LEU A 68 -0.15 -1.99 7.27
CA LEU A 68 1.32 -2.10 7.40
C LEU A 68 1.72 -3.57 7.53
N LYS A 69 0.90 -4.37 8.13
CA LYS A 69 1.25 -5.82 8.27
C LYS A 69 1.29 -6.48 6.91
N ARG A 70 0.18 -6.50 6.21
CA ARG A 70 0.17 -7.11 4.86
C ARG A 70 0.96 -6.22 3.90
N LEU A 71 1.05 -4.96 4.21
CA LEU A 71 1.82 -4.02 3.36
C LEU A 71 3.30 -4.24 3.63
N ASP A 72 3.64 -4.56 4.85
CA ASP A 72 5.07 -4.81 5.18
C ASP A 72 5.51 -6.09 4.49
N ASN A 73 4.72 -7.13 4.57
CA ASN A 73 5.08 -8.40 3.90
C ASN A 73 4.98 -8.23 2.39
N TYR A 74 4.24 -7.25 1.94
CA TYR A 74 4.15 -7.03 0.47
C TYR A 74 5.36 -6.24 0.01
N CYS A 75 5.73 -5.24 0.77
CA CYS A 75 6.92 -4.44 0.39
C CYS A 75 8.16 -5.32 0.44
N LYS A 76 8.17 -6.27 1.33
CA LYS A 76 9.36 -7.17 1.43
C LYS A 76 9.26 -8.24 0.33
N GLN A 77 8.06 -8.55 -0.09
CA GLN A 77 7.88 -9.57 -1.16
C GLN A 77 7.81 -8.87 -2.52
N PHE A 78 7.76 -7.57 -2.54
CA PHE A 78 7.68 -6.84 -3.83
C PHE A 78 8.60 -5.61 -3.85
N ILE A 79 9.09 -5.18 -2.72
CA ILE A 79 9.99 -3.97 -2.74
C ILE A 79 11.32 -4.27 -2.04
N ILE A 80 11.35 -5.23 -1.15
CA ILE A 80 12.62 -5.55 -0.44
C ILE A 80 12.83 -7.06 -0.39
N GLU A 81 13.36 -7.55 0.70
CA GLU A 81 13.59 -9.03 0.82
C GLU A 81 13.14 -9.52 2.20
N GLN A 1 -6.99 -4.72 19.87
CA GLN A 1 -7.88 -5.74 19.27
C GLN A 1 -8.74 -5.12 18.17
N PRO A 2 -9.19 -5.95 17.27
CA PRO A 2 -10.04 -5.49 16.15
C PRO A 2 -11.45 -5.18 16.65
N GLU A 3 -11.91 -3.97 16.44
CA GLU A 3 -13.28 -3.60 16.90
C GLU A 3 -14.32 -4.54 16.27
N ASP A 4 -14.69 -4.29 15.05
CA ASP A 4 -15.70 -5.17 14.39
C ASP A 4 -15.65 -4.99 12.87
N PHE A 5 -14.56 -5.37 12.25
CA PHE A 5 -14.45 -5.23 10.77
C PHE A 5 -13.09 -5.76 10.29
N HIS A 6 -12.77 -5.54 9.04
CA HIS A 6 -11.47 -6.03 8.50
C HIS A 6 -10.62 -4.85 8.02
N GLY A 7 -9.33 -5.02 7.95
CA GLY A 7 -8.46 -3.90 7.48
C GLY A 7 -7.94 -4.21 6.07
N ILE A 8 -6.66 -4.45 5.94
CA ILE A 8 -6.09 -4.75 4.59
C ILE A 8 -6.19 -6.26 4.30
N ASP A 9 -6.83 -6.63 3.23
CA ASP A 9 -6.94 -8.07 2.90
C ASP A 9 -5.72 -8.51 2.10
N ILE A 10 -5.36 -7.77 1.09
CA ILE A 10 -4.18 -8.16 0.28
C ILE A 10 -3.60 -6.97 -0.49
N VAL A 11 -2.30 -6.85 -0.53
CA VAL A 11 -1.67 -5.74 -1.28
C VAL A 11 -1.52 -6.18 -2.75
N ILE A 12 -2.48 -5.88 -3.57
CA ILE A 12 -2.42 -6.32 -4.99
C ILE A 12 -1.15 -5.83 -5.68
N ASN A 13 -0.71 -4.63 -5.38
CA ASN A 13 0.52 -4.11 -6.03
C ASN A 13 0.84 -2.72 -5.50
N HIS A 14 1.76 -2.03 -6.12
CA HIS A 14 2.11 -0.67 -5.63
C HIS A 14 2.91 0.10 -6.69
N ARG A 15 3.10 1.37 -6.48
CA ARG A 15 3.88 2.19 -7.45
C ARG A 15 3.85 3.66 -7.03
N LEU A 16 4.68 4.49 -7.60
CA LEU A 16 4.70 5.93 -7.23
C LEU A 16 3.26 6.44 -7.05
N LYS A 17 2.98 7.06 -5.94
CA LYS A 17 1.60 7.57 -5.69
C LYS A 17 1.24 8.64 -6.74
N THR A 18 0.36 9.54 -6.39
CA THR A 18 -0.03 10.62 -7.35
C THR A 18 -0.54 9.99 -8.66
N SER A 19 0.34 9.77 -9.61
CA SER A 19 -0.08 9.17 -10.89
C SER A 19 1.13 8.92 -11.78
N LEU A 20 2.28 8.67 -11.18
CA LEU A 20 3.51 8.43 -11.98
C LEU A 20 3.88 9.68 -12.78
N GLU A 21 3.22 10.78 -12.54
CA GLU A 21 3.56 12.03 -13.27
C GLU A 21 4.50 12.88 -12.44
N GLU A 22 5.20 12.29 -11.53
CA GLU A 22 6.14 13.06 -10.67
C GLU A 22 7.49 13.24 -11.39
N GLY A 23 8.19 14.30 -11.08
CA GLY A 23 9.51 14.53 -11.75
C GLY A 23 10.61 14.65 -10.69
N LYS A 24 11.12 15.84 -10.49
CA LYS A 24 12.20 16.03 -9.48
C LYS A 24 13.29 14.97 -9.65
N VAL A 25 14.01 14.69 -8.61
CA VAL A 25 15.10 13.67 -8.71
C VAL A 25 14.75 12.44 -7.86
N LEU A 26 14.51 12.63 -6.61
CA LEU A 26 14.16 11.48 -5.71
C LEU A 26 15.05 10.28 -6.06
N GLU A 27 14.50 9.10 -6.03
CA GLU A 27 15.32 7.89 -6.35
C GLU A 27 14.81 7.24 -7.64
N LYS A 28 15.05 5.97 -7.82
CA LYS A 28 14.56 5.29 -9.05
C LYS A 28 13.70 4.08 -8.70
N THR A 29 14.15 3.26 -7.78
CA THR A 29 13.34 2.07 -7.40
C THR A 29 13.07 2.06 -5.89
N VAL A 30 12.92 0.91 -5.31
CA VAL A 30 12.66 0.84 -3.84
C VAL A 30 13.46 -0.29 -3.21
N PRO A 31 14.56 0.09 -2.60
CA PRO A 31 15.44 -0.89 -1.95
C PRO A 31 14.97 -1.17 -0.52
N ASP A 32 14.70 -0.13 0.23
CA ASP A 32 14.22 -0.33 1.62
C ASP A 32 12.77 0.14 1.74
N LEU A 33 12.14 -0.11 2.86
CA LEU A 33 10.73 0.33 3.03
C LEU A 33 10.66 1.85 3.15
N ASN A 34 11.74 2.48 3.51
CA ASN A 34 11.75 3.96 3.63
C ASN A 34 11.43 4.61 2.29
N ASN A 35 12.19 4.28 1.28
CA ASN A 35 11.93 4.86 -0.07
C ASN A 35 10.44 4.83 -0.40
N CYS A 36 9.81 3.71 -0.18
CA CYS A 36 8.36 3.61 -0.47
C CYS A 36 7.55 4.51 0.46
N LYS A 37 7.52 4.20 1.72
CA LYS A 37 6.74 5.01 2.69
C LYS A 37 7.00 6.51 2.49
N GLU A 38 8.10 6.87 1.89
CA GLU A 38 8.37 8.32 1.69
C GLU A 38 7.78 8.81 0.35
N ASN A 39 7.60 7.92 -0.59
CA ASN A 39 7.02 8.34 -1.91
C ASN A 39 6.51 7.13 -2.69
N TYR A 40 5.48 6.49 -2.22
CA TYR A 40 4.94 5.30 -2.95
C TYR A 40 3.52 4.97 -2.51
N GLU A 41 2.72 4.47 -3.42
CA GLU A 41 1.32 4.09 -3.07
C GLU A 41 1.19 2.57 -3.16
N PHE A 42 0.11 2.01 -2.71
CA PHE A 42 -0.04 0.52 -2.78
C PHE A 42 -1.48 0.12 -3.09
N LEU A 43 -1.67 -0.77 -4.02
CA LEU A 43 -3.07 -1.22 -4.31
C LEU A 43 -3.52 -2.09 -3.16
N ILE A 44 -4.49 -1.64 -2.43
CA ILE A 44 -4.93 -2.42 -1.26
C ILE A 44 -6.21 -3.20 -1.54
N LYS A 45 -6.12 -4.50 -1.64
CA LYS A 45 -7.35 -5.30 -1.86
C LYS A 45 -8.12 -5.37 -0.54
N TRP A 46 -9.08 -4.51 -0.35
CA TRP A 46 -9.85 -4.51 0.94
C TRP A 46 -10.91 -5.62 0.90
N THR A 47 -12.00 -5.42 1.60
CA THR A 47 -13.07 -6.45 1.59
C THR A 47 -14.24 -5.97 0.73
N ASP A 48 -15.08 -6.88 0.30
CA ASP A 48 -16.23 -6.48 -0.56
C ASP A 48 -17.13 -5.50 0.20
N GLU A 49 -17.36 -4.33 -0.35
CA GLU A 49 -18.22 -3.34 0.34
C GLU A 49 -19.04 -2.54 -0.68
N SER A 50 -20.11 -3.11 -1.16
CA SER A 50 -20.94 -2.38 -2.18
C SER A 50 -20.13 -2.11 -3.43
N HIS A 51 -19.23 -1.16 -3.39
CA HIS A 51 -18.41 -0.85 -4.60
C HIS A 51 -17.00 -0.39 -4.19
N LEU A 52 -16.00 -1.15 -4.54
CA LEU A 52 -14.61 -0.78 -4.19
C LEU A 52 -13.62 -1.51 -5.10
N HIS A 53 -13.72 -2.81 -5.16
CA HIS A 53 -12.79 -3.59 -6.04
C HIS A 53 -11.35 -3.11 -5.88
N ASN A 54 -10.76 -3.33 -4.74
CA ASN A 54 -9.34 -2.90 -4.53
C ASN A 54 -9.21 -1.39 -4.76
N THR A 55 -8.24 -0.78 -4.12
CA THR A 55 -8.03 0.68 -4.31
C THR A 55 -6.58 1.01 -4.02
N TRP A 56 -6.10 2.09 -4.55
CA TRP A 56 -4.67 2.46 -4.32
C TRP A 56 -4.56 3.43 -3.15
N GLU A 57 -4.07 2.96 -2.04
CA GLU A 57 -3.94 3.83 -0.85
C GLU A 57 -2.46 4.06 -0.52
N THR A 58 -2.18 4.73 0.56
CA THR A 58 -0.78 4.99 0.94
C THR A 58 -0.64 4.78 2.45
N TYR A 59 0.52 4.49 2.93
CA TYR A 59 0.66 4.28 4.40
C TYR A 59 -0.07 5.39 5.16
N GLU A 60 -0.11 6.57 4.62
CA GLU A 60 -0.82 7.70 5.29
C GLU A 60 -2.32 7.44 5.31
N SER A 61 -2.77 6.42 4.62
CA SER A 61 -4.22 6.11 4.58
C SER A 61 -4.46 4.64 4.89
N ILE A 62 -3.43 3.84 4.93
CA ILE A 62 -3.61 2.39 5.22
C ILE A 62 -2.64 1.97 6.34
N GLY A 63 -1.99 2.92 6.96
CA GLY A 63 -1.04 2.58 8.05
C GLY A 63 -1.77 2.63 9.40
N GLN A 64 -2.75 1.80 9.59
CA GLN A 64 -3.50 1.81 10.88
C GLN A 64 -4.68 0.83 10.83
N VAL A 65 -4.51 -0.27 10.16
CA VAL A 65 -5.61 -1.28 10.06
C VAL A 65 -5.04 -2.63 9.63
N ARG A 66 -3.94 -3.01 10.20
CA ARG A 66 -3.32 -4.32 9.81
C ARG A 66 -2.72 -4.21 8.40
N GLY A 67 -2.83 -3.04 7.79
CA GLY A 67 -2.29 -2.86 6.43
C GLY A 67 -0.76 -2.90 6.49
N LEU A 68 -0.18 -2.00 7.23
CA LEU A 68 1.31 -1.99 7.33
C LEU A 68 1.84 -3.41 7.51
N LYS A 69 1.13 -4.24 8.20
CA LYS A 69 1.60 -5.64 8.39
C LYS A 69 1.63 -6.38 7.04
N ARG A 70 0.50 -6.48 6.41
CA ARG A 70 0.47 -7.17 5.08
C ARG A 70 1.18 -6.29 4.05
N LEU A 71 1.13 -5.00 4.25
CA LEU A 71 1.81 -4.07 3.33
C LEU A 71 3.31 -4.19 3.54
N ASP A 72 3.71 -4.42 4.77
CA ASP A 72 5.16 -4.57 5.05
C ASP A 72 5.68 -5.83 4.36
N ASN A 73 5.02 -6.94 4.58
CA ASN A 73 5.48 -8.19 3.91
C ASN A 73 5.33 -8.04 2.39
N TYR A 74 4.53 -7.10 1.95
CA TYR A 74 4.38 -6.90 0.50
C TYR A 74 5.57 -6.08 0.01
N CYS A 75 5.99 -5.12 0.79
CA CYS A 75 7.14 -4.29 0.41
C CYS A 75 8.41 -5.15 0.41
N LYS A 76 8.48 -6.12 1.28
CA LYS A 76 9.67 -7.00 1.32
C LYS A 76 9.53 -8.07 0.23
N GLN A 77 8.33 -8.34 -0.18
CA GLN A 77 8.10 -9.35 -1.24
C GLN A 77 8.03 -8.65 -2.60
N PHE A 78 7.98 -7.36 -2.61
CA PHE A 78 7.89 -6.62 -3.90
C PHE A 78 8.85 -5.41 -3.94
N ILE A 79 9.33 -4.96 -2.81
CA ILE A 79 10.25 -3.78 -2.83
C ILE A 79 11.58 -4.11 -2.14
N ILE A 80 11.58 -4.99 -1.18
CA ILE A 80 12.85 -5.33 -0.49
C ILE A 80 13.03 -6.85 -0.43
N GLU A 81 13.65 -7.34 0.61
CA GLU A 81 13.85 -8.81 0.74
C GLU A 81 13.60 -9.27 2.17
N GLN A 1 -18.89 -1.70 17.56
CA GLN A 1 -19.24 -3.14 17.36
C GLN A 1 -18.38 -3.75 16.25
N PRO A 2 -17.27 -4.30 16.64
CA PRO A 2 -16.34 -4.92 15.67
C PRO A 2 -16.89 -6.27 15.19
N GLU A 3 -17.64 -6.27 14.12
CA GLU A 3 -18.21 -7.54 13.61
C GLU A 3 -17.09 -8.45 13.06
N ASP A 4 -16.70 -8.24 11.84
CA ASP A 4 -15.61 -9.08 11.25
C ASP A 4 -15.24 -8.58 9.86
N PHE A 5 -14.44 -7.55 9.77
CA PHE A 5 -14.05 -7.02 8.43
C PHE A 5 -12.54 -6.77 8.38
N HIS A 6 -11.84 -7.06 9.44
CA HIS A 6 -10.37 -6.84 9.45
C HIS A 6 -10.02 -5.50 8.79
N GLY A 7 -8.87 -5.39 8.19
CA GLY A 7 -8.48 -4.12 7.53
C GLY A 7 -7.99 -4.40 6.11
N ILE A 8 -6.70 -4.49 5.93
CA ILE A 8 -6.16 -4.76 4.57
C ILE A 8 -6.27 -6.26 4.25
N ASP A 9 -6.81 -6.61 3.11
CA ASP A 9 -6.92 -8.04 2.76
C ASP A 9 -5.70 -8.47 1.96
N ILE A 10 -5.34 -7.71 0.95
CA ILE A 10 -4.16 -8.09 0.13
C ILE A 10 -3.61 -6.88 -0.64
N VAL A 11 -2.33 -6.76 -0.72
CA VAL A 11 -1.72 -5.64 -1.49
C VAL A 11 -1.60 -6.07 -2.96
N ILE A 12 -2.59 -5.77 -3.75
CA ILE A 12 -2.57 -6.19 -5.19
C ILE A 12 -1.28 -5.72 -5.87
N ASN A 13 -0.84 -4.54 -5.58
CA ASN A 13 0.39 -4.02 -6.24
C ASN A 13 0.74 -2.64 -5.69
N HIS A 14 1.64 -1.95 -6.31
CA HIS A 14 2.01 -0.60 -5.81
C HIS A 14 2.80 0.18 -6.87
N ARG A 15 3.20 1.37 -6.53
CA ARG A 15 3.98 2.21 -7.49
C ARG A 15 4.13 3.62 -6.93
N LEU A 16 5.08 4.38 -7.43
CA LEU A 16 5.27 5.77 -6.92
C LEU A 16 3.92 6.46 -6.75
N LYS A 17 3.76 7.19 -5.67
CA LYS A 17 2.48 7.92 -5.45
C LYS A 17 2.23 8.91 -6.58
N THR A 18 1.74 8.44 -7.70
CA THR A 18 1.48 9.37 -8.84
C THR A 18 0.20 10.17 -8.59
N SER A 19 -0.89 9.51 -8.33
CA SER A 19 -2.17 10.25 -8.08
C SER A 19 -2.34 11.38 -9.12
N LEU A 20 -2.24 11.06 -10.38
CA LEU A 20 -2.40 12.11 -11.43
C LEU A 20 -1.48 13.30 -11.13
N GLU A 21 -0.47 13.10 -10.34
CA GLU A 21 0.46 14.22 -10.02
C GLU A 21 1.83 13.97 -10.65
N GLU A 22 1.89 13.14 -11.66
CA GLU A 22 3.19 12.84 -12.32
C GLU A 22 3.83 14.13 -12.83
N GLY A 23 4.90 14.56 -12.21
CA GLY A 23 5.57 15.81 -12.66
C GLY A 23 6.60 16.24 -11.62
N LYS A 24 7.62 15.45 -11.40
CA LYS A 24 8.65 15.82 -10.40
C LYS A 24 9.79 14.80 -10.39
N VAL A 25 10.68 14.88 -9.45
CA VAL A 25 11.81 13.91 -9.40
C VAL A 25 12.06 13.44 -7.97
N LEU A 26 12.13 12.15 -7.76
CA LEU A 26 12.37 11.63 -6.38
C LEU A 26 13.15 10.32 -6.44
N GLU A 27 12.47 9.20 -6.42
CA GLU A 27 13.18 7.89 -6.48
C GLU A 27 12.45 6.94 -7.43
N LYS A 28 13.17 6.12 -8.14
CA LYS A 28 12.51 5.17 -9.09
C LYS A 28 12.47 3.76 -8.50
N THR A 29 13.59 3.25 -8.10
CA THR A 29 13.62 1.87 -7.53
C THR A 29 13.32 1.91 -6.03
N VAL A 30 13.05 0.78 -5.44
CA VAL A 30 12.75 0.75 -3.98
C VAL A 30 13.47 -0.44 -3.32
N PRO A 31 14.52 -0.12 -2.64
CA PRO A 31 15.33 -1.15 -1.95
C PRO A 31 14.83 -1.39 -0.53
N ASP A 32 14.64 -0.35 0.22
CA ASP A 32 14.16 -0.51 1.63
C ASP A 32 12.71 -0.07 1.77
N LEU A 33 12.12 -0.30 2.91
CA LEU A 33 10.70 0.11 3.12
C LEU A 33 10.62 1.62 3.33
N ASN A 34 11.74 2.25 3.63
CA ASN A 34 11.72 3.73 3.84
C ASN A 34 11.47 4.44 2.51
N ASN A 35 12.10 3.98 1.46
CA ASN A 35 11.89 4.64 0.13
C ASN A 35 10.41 4.56 -0.24
N CYS A 36 9.84 3.39 -0.21
CA CYS A 36 8.40 3.26 -0.55
C CYS A 36 7.53 3.84 0.56
N LYS A 37 8.08 3.99 1.73
CA LYS A 37 7.30 4.56 2.86
C LYS A 37 7.36 6.10 2.81
N GLU A 38 8.26 6.63 2.03
CA GLU A 38 8.38 8.10 1.94
C GLU A 38 7.73 8.63 0.65
N ASN A 39 7.54 7.78 -0.33
CA ASN A 39 6.92 8.26 -1.60
C ASN A 39 6.46 7.08 -2.45
N TYR A 40 5.44 6.38 -2.02
CA TYR A 40 4.95 5.22 -2.80
C TYR A 40 3.53 4.83 -2.36
N GLU A 41 2.69 4.48 -3.29
CA GLU A 41 1.31 4.06 -2.93
C GLU A 41 1.18 2.55 -3.11
N PHE A 42 0.07 1.98 -2.74
CA PHE A 42 -0.08 0.50 -2.89
C PHE A 42 -1.53 0.14 -3.19
N LEU A 43 -1.75 -0.73 -4.14
CA LEU A 43 -3.16 -1.14 -4.42
C LEU A 43 -3.62 -2.03 -3.28
N ILE A 44 -4.48 -1.53 -2.44
CA ILE A 44 -4.92 -2.33 -1.28
C ILE A 44 -6.21 -3.10 -1.57
N LYS A 45 -6.13 -4.40 -1.70
CA LYS A 45 -7.37 -5.19 -1.93
C LYS A 45 -8.13 -5.29 -0.61
N TRP A 46 -9.11 -4.47 -0.41
CA TRP A 46 -9.87 -4.54 0.89
C TRP A 46 -10.95 -5.62 0.82
N THR A 47 -12.07 -5.39 1.43
CA THR A 47 -13.16 -6.41 1.39
C THR A 47 -14.50 -5.76 1.77
N ASP A 48 -15.55 -6.08 1.05
CA ASP A 48 -16.87 -5.48 1.37
C ASP A 48 -17.99 -6.31 0.72
N GLU A 49 -19.17 -5.75 0.62
CA GLU A 49 -20.30 -6.50 0.00
C GLU A 49 -20.40 -6.16 -1.48
N SER A 50 -20.86 -4.99 -1.80
CA SER A 50 -21.00 -4.59 -3.23
C SER A 50 -20.66 -3.11 -3.41
N HIS A 51 -19.94 -2.54 -2.49
CA HIS A 51 -19.58 -1.10 -2.61
C HIS A 51 -18.20 -0.95 -3.23
N LEU A 52 -17.20 -1.53 -2.64
CA LEU A 52 -15.83 -1.42 -3.20
C LEU A 52 -14.96 -2.62 -2.77
N HIS A 53 -13.77 -2.71 -3.28
CA HIS A 53 -12.89 -3.86 -2.88
C HIS A 53 -11.42 -3.45 -2.98
N ASN A 54 -10.92 -3.23 -4.16
CA ASN A 54 -9.50 -2.83 -4.32
C ASN A 54 -9.39 -1.33 -4.59
N THR A 55 -8.38 -0.71 -4.06
CA THR A 55 -8.19 0.75 -4.27
C THR A 55 -6.73 1.10 -4.03
N TRP A 56 -6.28 2.21 -4.55
CA TRP A 56 -4.86 2.58 -4.34
C TRP A 56 -4.72 3.53 -3.16
N GLU A 57 -4.35 3.00 -2.02
CA GLU A 57 -4.18 3.87 -0.83
C GLU A 57 -2.70 4.13 -0.56
N THR A 58 -2.39 4.78 0.52
CA THR A 58 -0.98 5.06 0.85
C THR A 58 -0.77 4.88 2.35
N TYR A 59 0.42 4.61 2.78
CA TYR A 59 0.63 4.41 4.24
C TYR A 59 -0.06 5.52 5.03
N GLU A 60 -0.13 6.70 4.47
CA GLU A 60 -0.80 7.82 5.19
C GLU A 60 -2.30 7.54 5.31
N SER A 61 -2.78 6.52 4.65
CA SER A 61 -4.23 6.19 4.73
C SER A 61 -4.45 4.71 5.06
N ILE A 62 -3.47 3.89 4.82
CA ILE A 62 -3.61 2.43 5.11
C ILE A 62 -2.64 2.02 6.22
N GLY A 63 -1.97 2.98 6.81
CA GLY A 63 -1.01 2.64 7.89
C GLY A 63 -1.71 2.65 9.25
N GLN A 64 -2.76 1.88 9.40
CA GLN A 64 -3.47 1.86 10.72
C GLN A 64 -4.66 0.89 10.69
N VAL A 65 -4.54 -0.19 9.98
CA VAL A 65 -5.66 -1.18 9.92
C VAL A 65 -5.14 -2.55 9.49
N ARG A 66 -4.05 -2.97 10.06
CA ARG A 66 -3.45 -4.29 9.67
C ARG A 66 -2.83 -4.16 8.27
N GLY A 67 -2.91 -3.01 7.68
CA GLY A 67 -2.33 -2.81 6.32
C GLY A 67 -0.81 -2.91 6.43
N LEU A 68 -0.21 -2.06 7.20
CA LEU A 68 1.27 -2.10 7.34
C LEU A 68 1.74 -3.54 7.48
N LYS A 69 0.97 -4.39 8.10
CA LYS A 69 1.41 -5.81 8.25
C LYS A 69 1.45 -6.47 6.88
N ARG A 70 0.33 -6.53 6.19
CA ARG A 70 0.35 -7.17 4.84
C ARG A 70 1.10 -6.24 3.88
N LEU A 71 1.09 -4.97 4.16
CA LEU A 71 1.82 -4.00 3.30
C LEU A 71 3.31 -4.17 3.56
N ASP A 72 3.66 -4.51 4.77
CA ASP A 72 5.11 -4.72 5.10
C ASP A 72 5.60 -5.96 4.36
N ASN A 73 4.87 -7.02 4.45
CA ASN A 73 5.28 -8.27 3.73
C ASN A 73 5.17 -8.06 2.23
N TYR A 74 4.42 -7.06 1.81
CA TYR A 74 4.31 -6.80 0.35
C TYR A 74 5.52 -6.01 -0.10
N CYS A 75 5.95 -5.07 0.71
CA CYS A 75 7.14 -4.26 0.35
C CYS A 75 8.38 -5.16 0.37
N LYS A 76 8.39 -6.15 1.21
CA LYS A 76 9.56 -7.06 1.27
C LYS A 76 9.45 -8.12 0.18
N GLN A 77 8.25 -8.42 -0.24
CA GLN A 77 8.08 -9.44 -1.31
C GLN A 77 8.07 -8.75 -2.67
N PHE A 78 8.14 -7.44 -2.69
CA PHE A 78 8.12 -6.71 -3.99
C PHE A 78 9.05 -5.50 -3.97
N ILE A 79 9.42 -5.00 -2.81
CA ILE A 79 10.31 -3.81 -2.80
C ILE A 79 11.60 -4.10 -2.01
N ILE A 80 11.59 -5.10 -1.17
CA ILE A 80 12.82 -5.41 -0.38
C ILE A 80 13.00 -6.93 -0.29
N GLU A 81 13.81 -7.38 0.64
CA GLU A 81 14.02 -8.85 0.77
C GLU A 81 13.07 -9.44 1.81
N GLN A 1 -15.98 7.02 13.51
CA GLN A 1 -15.30 5.75 13.15
C GLN A 1 -15.76 5.27 11.77
N PRO A 2 -15.12 5.79 10.76
CA PRO A 2 -15.47 5.42 9.37
C PRO A 2 -14.97 4.02 9.04
N GLU A 3 -13.79 3.68 9.49
CA GLU A 3 -13.24 2.33 9.21
C GLU A 3 -14.32 1.26 9.41
N ASP A 4 -14.63 0.49 8.40
CA ASP A 4 -15.67 -0.55 8.54
C ASP A 4 -15.18 -1.87 7.93
N PHE A 5 -14.12 -2.42 8.46
CA PHE A 5 -13.59 -3.70 7.91
C PHE A 5 -12.40 -4.19 8.74
N HIS A 6 -12.15 -5.47 8.75
CA HIS A 6 -11.00 -5.99 9.54
C HIS A 6 -9.75 -5.15 9.28
N GLY A 7 -9.56 -4.70 8.07
CA GLY A 7 -8.36 -3.87 7.75
C GLY A 7 -7.90 -4.16 6.33
N ILE A 8 -6.65 -4.47 6.16
CA ILE A 8 -6.13 -4.75 4.79
C ILE A 8 -6.23 -6.25 4.49
N ASP A 9 -6.85 -6.61 3.40
CA ASP A 9 -6.96 -8.06 3.06
C ASP A 9 -5.75 -8.49 2.25
N ILE A 10 -5.41 -7.74 1.23
CA ILE A 10 -4.24 -8.14 0.40
C ILE A 10 -3.70 -6.94 -0.40
N VAL A 11 -2.41 -6.86 -0.53
CA VAL A 11 -1.81 -5.74 -1.32
C VAL A 11 -1.70 -6.18 -2.79
N ILE A 12 -2.69 -5.86 -3.57
CA ILE A 12 -2.68 -6.29 -5.00
C ILE A 12 -1.42 -5.80 -5.72
N ASN A 13 -0.98 -4.61 -5.44
CA ASN A 13 0.24 -4.09 -6.12
C ASN A 13 0.59 -2.69 -5.57
N HIS A 14 1.48 -2.01 -6.21
CA HIS A 14 1.85 -0.65 -5.73
C HIS A 14 2.67 0.09 -6.79
N ARG A 15 3.05 1.31 -6.51
CA ARG A 15 3.86 2.09 -7.49
C ARG A 15 4.00 3.53 -7.02
N LEU A 16 4.80 4.32 -7.70
CA LEU A 16 4.97 5.74 -7.28
C LEU A 16 3.60 6.43 -7.20
N LYS A 17 3.29 7.01 -6.07
CA LYS A 17 1.98 7.70 -5.94
C LYS A 17 1.99 9.01 -6.73
N THR A 18 1.07 9.16 -7.65
CA THR A 18 1.02 10.42 -8.45
C THR A 18 -0.41 10.91 -8.57
N SER A 19 -1.34 10.03 -8.80
CA SER A 19 -2.77 10.44 -8.92
C SER A 19 -2.91 11.60 -9.91
N LEU A 20 -2.27 11.50 -11.05
CA LEU A 20 -2.35 12.59 -12.06
C LEU A 20 -1.68 13.86 -11.54
N GLU A 21 -2.16 14.39 -10.46
CA GLU A 21 -1.55 15.63 -9.89
C GLU A 21 -0.02 15.54 -9.95
N GLU A 22 0.52 14.39 -9.69
CA GLU A 22 2.01 14.24 -9.73
C GLU A 22 2.68 15.30 -8.87
N GLY A 23 3.02 14.97 -7.66
CA GLY A 23 3.68 15.97 -6.77
C GLY A 23 5.05 16.33 -7.34
N LYS A 24 5.81 15.36 -7.77
CA LYS A 24 7.15 15.66 -8.34
C LYS A 24 7.78 14.38 -8.90
N VAL A 25 8.90 14.50 -9.55
CA VAL A 25 9.55 13.29 -10.13
C VAL A 25 10.48 12.64 -9.10
N LEU A 26 10.97 11.47 -9.39
CA LEU A 26 11.87 10.78 -8.42
C LEU A 26 12.92 9.96 -9.18
N GLU A 27 13.81 9.31 -8.47
CA GLU A 27 14.86 8.50 -9.15
C GLU A 27 15.09 7.18 -8.39
N LYS A 28 15.93 6.34 -8.90
CA LYS A 28 16.21 5.05 -8.22
C LYS A 28 14.93 4.22 -8.10
N THR A 29 14.99 3.11 -7.41
CA THR A 29 13.78 2.25 -7.26
C THR A 29 13.41 2.12 -5.77
N VAL A 30 12.88 1.00 -5.38
CA VAL A 30 12.51 0.81 -3.95
C VAL A 30 13.25 -0.39 -3.38
N PRO A 31 14.33 -0.10 -2.72
CA PRO A 31 15.16 -1.15 -2.11
C PRO A 31 14.65 -1.48 -0.71
N ASP A 32 14.48 -0.47 0.11
CA ASP A 32 13.98 -0.70 1.48
C ASP A 32 12.52 -0.24 1.60
N LEU A 33 12.02 -0.14 2.80
CA LEU A 33 10.61 0.30 2.99
C LEU A 33 10.55 1.83 3.13
N ASN A 34 11.64 2.45 3.46
CA ASN A 34 11.64 3.94 3.62
C ASN A 34 11.43 4.61 2.26
N ASN A 35 11.99 4.06 1.21
CA ASN A 35 11.80 4.67 -0.13
C ASN A 35 10.32 4.70 -0.49
N CYS A 36 9.66 3.58 -0.39
CA CYS A 36 8.22 3.55 -0.72
C CYS A 36 7.44 4.34 0.33
N LYS A 37 7.65 4.02 1.58
CA LYS A 37 6.92 4.74 2.67
C LYS A 37 7.07 6.26 2.51
N GLU A 38 8.05 6.71 1.78
CA GLU A 38 8.23 8.19 1.61
C GLU A 38 7.62 8.67 0.30
N ASN A 39 7.43 7.80 -0.66
CA ASN A 39 6.82 8.25 -1.95
C ASN A 39 6.32 7.05 -2.75
N TYR A 40 5.28 6.39 -2.29
CA TYR A 40 4.76 5.22 -3.04
C TYR A 40 3.34 4.87 -2.60
N GLU A 41 2.49 4.52 -3.52
CA GLU A 41 1.10 4.12 -3.16
C GLU A 41 1.01 2.60 -3.18
N PHE A 42 -0.13 2.05 -2.84
CA PHE A 42 -0.24 0.56 -2.85
C PHE A 42 -1.68 0.13 -3.13
N LEU A 43 -1.90 -0.76 -4.07
CA LEU A 43 -3.28 -1.22 -4.31
C LEU A 43 -3.69 -2.10 -3.15
N ILE A 44 -4.58 -1.63 -2.33
CA ILE A 44 -4.99 -2.42 -1.15
C ILE A 44 -6.28 -3.20 -1.40
N LYS A 45 -6.20 -4.50 -1.52
CA LYS A 45 -7.44 -5.29 -1.70
C LYS A 45 -8.17 -5.37 -0.35
N TRP A 46 -9.17 -4.56 -0.15
CA TRP A 46 -9.89 -4.60 1.16
C TRP A 46 -10.95 -5.70 1.13
N THR A 47 -11.48 -6.00 -0.02
CA THR A 47 -12.52 -7.07 -0.10
C THR A 47 -13.76 -6.68 0.71
N ASP A 48 -14.69 -6.01 0.10
CA ASP A 48 -15.93 -5.61 0.83
C ASP A 48 -17.16 -6.28 0.23
N GLU A 49 -18.30 -6.11 0.81
CA GLU A 49 -19.54 -6.75 0.27
C GLU A 49 -20.31 -5.75 -0.58
N SER A 50 -20.37 -4.51 -0.16
CA SER A 50 -21.12 -3.50 -0.95
C SER A 50 -20.38 -2.16 -0.91
N HIS A 51 -19.09 -2.18 -1.09
CA HIS A 51 -18.31 -0.90 -1.06
C HIS A 51 -17.12 -0.99 -2.02
N LEU A 52 -17.37 -0.99 -3.29
CA LEU A 52 -16.25 -1.08 -4.27
C LEU A 52 -15.33 -2.26 -3.94
N HIS A 53 -14.27 -2.43 -4.70
CA HIS A 53 -13.34 -3.56 -4.42
C HIS A 53 -11.90 -3.14 -4.75
N ASN A 54 -10.99 -3.35 -3.83
CA ASN A 54 -9.57 -2.96 -4.08
C ASN A 54 -9.47 -1.46 -4.33
N THR A 55 -8.44 -0.84 -3.84
CA THR A 55 -8.26 0.62 -4.04
C THR A 55 -6.77 0.97 -3.87
N TRP A 56 -6.37 2.11 -4.35
CA TRP A 56 -4.94 2.49 -4.20
C TRP A 56 -4.77 3.45 -3.02
N GLU A 57 -4.31 2.96 -1.91
CA GLU A 57 -4.14 3.83 -0.71
C GLU A 57 -2.66 4.15 -0.48
N THR A 58 -2.35 4.77 0.63
CA THR A 58 -0.93 5.11 0.94
C THR A 58 -0.69 4.88 2.42
N TYR A 59 0.52 4.61 2.79
CA TYR A 59 0.81 4.36 4.23
C TYR A 59 0.09 5.40 5.11
N GLU A 60 0.15 6.64 4.73
CA GLU A 60 -0.52 7.69 5.54
C GLU A 60 -2.03 7.47 5.57
N SER A 61 -2.52 6.55 4.79
CA SER A 61 -3.98 6.28 4.77
C SER A 61 -4.25 4.81 5.11
N ILE A 62 -3.28 3.96 4.96
CA ILE A 62 -3.48 2.52 5.29
C ILE A 62 -2.52 2.12 6.41
N GLY A 63 -1.84 3.07 7.00
CA GLY A 63 -0.89 2.74 8.10
C GLY A 63 -1.62 2.81 9.44
N GLN A 64 -2.65 2.03 9.61
CA GLN A 64 -3.40 2.06 10.90
C GLN A 64 -4.59 1.09 10.85
N VAL A 65 -4.45 0.01 10.15
CA VAL A 65 -5.58 -0.97 10.06
C VAL A 65 -5.04 -2.35 9.65
N ARG A 66 -3.92 -2.75 10.22
CA ARG A 66 -3.33 -4.07 9.85
C ARG A 66 -2.75 -4.01 8.44
N GLY A 67 -2.85 -2.87 7.79
CA GLY A 67 -2.30 -2.74 6.43
C GLY A 67 -0.78 -2.81 6.49
N LEU A 68 -0.17 -1.92 7.20
CA LEU A 68 1.31 -1.93 7.29
C LEU A 68 1.81 -3.36 7.51
N LYS A 69 1.04 -4.18 8.18
CA LYS A 69 1.50 -5.58 8.40
C LYS A 69 1.52 -6.33 7.07
N ARG A 70 0.38 -6.44 6.43
CA ARG A 70 0.36 -7.15 5.12
C ARG A 70 1.05 -6.27 4.07
N LEU A 71 1.08 -4.99 4.31
CA LEU A 71 1.76 -4.06 3.37
C LEU A 71 3.26 -4.21 3.58
N ASP A 72 3.67 -4.38 4.81
CA ASP A 72 5.12 -4.56 5.08
C ASP A 72 5.59 -5.84 4.40
N ASN A 73 4.86 -6.90 4.60
CA ASN A 73 5.23 -8.19 3.95
C ASN A 73 5.14 -8.04 2.43
N TYR A 74 4.35 -7.11 1.96
CA TYR A 74 4.25 -6.90 0.50
C TYR A 74 5.44 -6.07 0.06
N CYS A 75 5.79 -5.07 0.82
CA CYS A 75 6.95 -4.24 0.45
C CYS A 75 8.23 -5.08 0.51
N LYS A 76 8.26 -6.03 1.40
CA LYS A 76 9.47 -6.91 1.51
C LYS A 76 9.39 -7.98 0.43
N GLN A 77 8.21 -8.31 -0.01
CA GLN A 77 8.06 -9.35 -1.07
C GLN A 77 7.98 -8.66 -2.44
N PHE A 78 7.89 -7.36 -2.46
CA PHE A 78 7.80 -6.65 -3.77
C PHE A 78 8.71 -5.41 -3.80
N ILE A 79 9.19 -4.94 -2.68
CA ILE A 79 10.05 -3.73 -2.70
C ILE A 79 11.37 -3.98 -1.95
N ILE A 80 11.47 -5.04 -1.21
CA ILE A 80 12.74 -5.32 -0.47
C ILE A 80 13.00 -6.83 -0.42
N GLU A 81 13.36 -7.35 0.73
CA GLU A 81 13.63 -8.82 0.81
C GLU A 81 12.81 -9.43 1.96
N GLN A 1 -19.65 -8.06 16.52
CA GLN A 1 -19.34 -7.25 15.31
C GLN A 1 -18.04 -6.46 15.51
N PRO A 2 -16.95 -7.14 15.29
CA PRO A 2 -15.62 -6.51 15.44
C PRO A 2 -15.35 -5.54 14.28
N GLU A 3 -15.67 -4.29 14.46
CA GLU A 3 -15.44 -3.30 13.35
C GLU A 3 -16.24 -3.71 12.11
N ASP A 4 -15.90 -3.18 10.97
CA ASP A 4 -16.64 -3.54 9.73
C ASP A 4 -15.79 -4.48 8.87
N PHE A 5 -14.64 -4.85 9.35
CA PHE A 5 -13.77 -5.77 8.56
C PHE A 5 -12.39 -5.92 9.24
N HIS A 6 -11.59 -6.83 8.78
CA HIS A 6 -10.24 -7.02 9.40
C HIS A 6 -9.32 -5.84 9.05
N GLY A 7 -9.51 -5.26 7.90
CA GLY A 7 -8.65 -4.11 7.49
C GLY A 7 -8.09 -4.37 6.09
N ILE A 8 -6.80 -4.40 5.94
CA ILE A 8 -6.22 -4.66 4.60
C ILE A 8 -6.26 -6.16 4.28
N ASP A 9 -6.85 -6.54 3.18
CA ASP A 9 -6.89 -7.98 2.85
C ASP A 9 -5.64 -8.36 2.06
N ILE A 10 -5.33 -7.61 1.04
CA ILE A 10 -4.13 -7.93 0.23
C ILE A 10 -3.64 -6.72 -0.57
N VAL A 11 -2.36 -6.58 -0.73
CA VAL A 11 -1.82 -5.45 -1.53
C VAL A 11 -1.68 -5.91 -2.98
N ILE A 12 -2.68 -5.67 -3.78
CA ILE A 12 -2.64 -6.12 -5.21
C ILE A 12 -1.39 -5.60 -5.92
N ASN A 13 -0.93 -4.44 -5.56
CA ASN A 13 0.28 -3.89 -6.23
C ASN A 13 0.65 -2.54 -5.61
N HIS A 14 1.55 -1.83 -6.23
CA HIS A 14 1.94 -0.50 -5.67
C HIS A 14 2.77 0.28 -6.69
N ARG A 15 3.04 1.52 -6.42
CA ARG A 15 3.84 2.34 -7.37
C ARG A 15 3.90 3.80 -6.90
N LEU A 16 4.77 4.59 -7.45
CA LEU A 16 4.86 6.02 -7.04
C LEU A 16 3.46 6.61 -6.89
N LYS A 17 3.25 7.40 -5.87
CA LYS A 17 1.91 8.01 -5.65
C LYS A 17 1.60 8.99 -6.78
N THR A 18 1.49 8.51 -7.99
CA THR A 18 1.20 9.43 -9.14
C THR A 18 -0.03 10.28 -8.83
N SER A 19 -1.18 9.66 -8.69
CA SER A 19 -2.41 10.45 -8.38
C SER A 19 -2.54 11.62 -9.35
N LEU A 20 -2.60 11.34 -10.63
CA LEU A 20 -2.74 12.43 -11.64
C LEU A 20 -1.52 13.37 -11.58
N GLU A 21 -1.42 14.14 -10.53
CA GLU A 21 -0.26 15.07 -10.40
C GLU A 21 1.04 14.39 -10.86
N GLU A 22 1.21 13.15 -10.52
CA GLU A 22 2.44 12.42 -10.94
C GLU A 22 3.69 13.24 -10.57
N GLY A 23 4.31 12.94 -9.45
CA GLY A 23 5.52 13.69 -9.05
C GLY A 23 6.74 13.12 -9.77
N LYS A 24 7.19 13.77 -10.80
CA LYS A 24 8.38 13.26 -11.55
C LYS A 24 9.68 13.64 -10.84
N VAL A 25 10.78 13.58 -11.54
CA VAL A 25 12.09 13.92 -10.93
C VAL A 25 12.48 12.90 -9.85
N LEU A 26 11.69 11.87 -9.70
CA LEU A 26 12.02 10.83 -8.67
C LEU A 26 12.29 9.49 -9.35
N GLU A 27 13.22 9.46 -10.28
CA GLU A 27 13.53 8.18 -10.97
C GLU A 27 14.39 7.27 -10.08
N LYS A 28 13.77 6.57 -9.17
CA LYS A 28 14.56 5.66 -8.27
C LYS A 28 13.80 4.35 -8.06
N THR A 29 14.33 3.47 -7.25
CA THR A 29 13.64 2.17 -6.99
C THR A 29 13.24 2.06 -5.52
N VAL A 30 12.93 0.88 -5.06
CA VAL A 30 12.54 0.72 -3.64
C VAL A 30 13.24 -0.49 -3.02
N PRO A 31 14.26 -0.21 -2.26
CA PRO A 31 15.04 -1.27 -1.59
C PRO A 31 14.44 -1.58 -0.22
N ASP A 32 14.22 -0.58 0.57
CA ASP A 32 13.64 -0.80 1.93
C ASP A 32 12.22 -0.22 2.00
N LEU A 33 11.50 -0.56 3.03
CA LEU A 33 10.12 -0.04 3.18
C LEU A 33 10.14 1.47 3.38
N ASN A 34 11.28 2.02 3.68
CA ASN A 34 11.37 3.50 3.91
C ASN A 34 11.20 4.26 2.59
N ASN A 35 11.84 3.80 1.55
CA ASN A 35 11.72 4.50 0.23
C ASN A 35 10.26 4.53 -0.22
N CYS A 36 9.58 3.43 -0.09
CA CYS A 36 8.16 3.38 -0.53
C CYS A 36 7.29 4.22 0.41
N LYS A 37 7.20 3.85 1.65
CA LYS A 37 6.36 4.63 2.61
C LYS A 37 6.61 6.13 2.47
N GLU A 38 7.76 6.52 1.98
CA GLU A 38 8.04 7.98 1.84
C GLU A 38 7.56 8.51 0.49
N ASN A 39 7.47 7.66 -0.51
CA ASN A 39 7.00 8.15 -1.84
C ASN A 39 6.48 6.99 -2.68
N TYR A 40 5.43 6.34 -2.26
CA TYR A 40 4.90 5.19 -3.05
C TYR A 40 3.45 4.88 -2.65
N GLU A 41 2.64 4.51 -3.60
CA GLU A 41 1.23 4.16 -3.28
C GLU A 41 1.10 2.64 -3.26
N PHE A 42 -0.03 2.12 -2.88
CA PHE A 42 -0.18 0.64 -2.85
C PHE A 42 -1.63 0.23 -3.14
N LEU A 43 -1.84 -0.62 -4.11
CA LEU A 43 -3.23 -1.06 -4.38
C LEU A 43 -3.68 -1.94 -3.22
N ILE A 44 -4.62 -1.48 -2.46
CA ILE A 44 -5.04 -2.27 -1.29
C ILE A 44 -6.32 -3.07 -1.56
N LYS A 45 -6.20 -4.36 -1.67
CA LYS A 45 -7.42 -5.20 -1.88
C LYS A 45 -8.18 -5.28 -0.55
N TRP A 46 -9.13 -4.41 -0.34
CA TRP A 46 -9.89 -4.43 0.95
C TRP A 46 -10.92 -5.56 0.94
N THR A 47 -11.78 -5.59 1.92
CA THR A 47 -12.80 -6.67 1.97
C THR A 47 -14.20 -6.07 2.10
N ASP A 48 -14.74 -5.56 1.03
CA ASP A 48 -16.10 -4.95 1.09
C ASP A 48 -16.87 -5.26 -0.20
N GLU A 49 -18.05 -5.81 -0.09
CA GLU A 49 -18.84 -6.14 -1.30
C GLU A 49 -19.54 -4.88 -1.83
N SER A 50 -20.73 -5.03 -2.36
CA SER A 50 -21.47 -3.84 -2.88
C SER A 50 -20.75 -3.30 -4.12
N HIS A 51 -19.55 -2.83 -3.96
CA HIS A 51 -18.80 -2.28 -5.13
C HIS A 51 -17.55 -3.12 -5.41
N LEU A 52 -16.48 -2.49 -5.79
CA LEU A 52 -15.22 -3.25 -6.08
C LEU A 52 -14.56 -3.69 -4.76
N HIS A 53 -13.46 -4.39 -4.84
CA HIS A 53 -12.77 -4.84 -3.60
C HIS A 53 -11.28 -4.49 -3.66
N ASN A 54 -10.96 -3.38 -4.26
CA ASN A 54 -9.52 -2.97 -4.34
C ASN A 54 -9.41 -1.50 -4.73
N THR A 55 -8.48 -0.80 -4.14
CA THR A 55 -8.30 0.64 -4.45
C THR A 55 -6.85 1.02 -4.21
N TRP A 56 -6.45 2.21 -4.59
CA TRP A 56 -5.03 2.60 -4.37
C TRP A 56 -4.90 3.57 -3.21
N GLU A 57 -4.40 3.11 -2.10
CA GLU A 57 -4.21 3.99 -0.92
C GLU A 57 -2.73 4.24 -0.69
N THR A 58 -2.39 4.85 0.42
CA THR A 58 -0.97 5.12 0.72
C THR A 58 -0.71 4.87 2.20
N TYR A 59 0.48 4.50 2.56
CA TYR A 59 0.77 4.24 3.99
C TYR A 59 0.18 5.35 4.85
N GLU A 60 0.19 6.56 4.38
CA GLU A 60 -0.37 7.69 5.18
C GLU A 60 -1.87 7.52 5.35
N SER A 61 -2.46 6.56 4.68
CA SER A 61 -3.93 6.34 4.80
C SER A 61 -4.23 4.88 5.12
N ILE A 62 -3.27 4.01 4.96
CA ILE A 62 -3.52 2.56 5.24
C ILE A 62 -2.51 2.06 6.28
N GLY A 63 -1.76 2.95 6.87
CA GLY A 63 -0.77 2.52 7.90
C GLY A 63 -1.41 2.54 9.28
N GLN A 64 -2.55 1.92 9.44
CA GLN A 64 -3.20 1.90 10.78
C GLN A 64 -4.42 0.96 10.80
N VAL A 65 -4.42 -0.03 9.94
CA VAL A 65 -5.56 -0.99 9.92
C VAL A 65 -5.07 -2.36 9.48
N ARG A 66 -4.00 -2.84 10.06
CA ARG A 66 -3.44 -4.16 9.65
C ARG A 66 -2.83 -4.05 8.25
N GLY A 67 -2.84 -2.86 7.70
CA GLY A 67 -2.25 -2.66 6.35
C GLY A 67 -0.75 -2.84 6.43
N LEU A 68 -0.09 -2.02 7.19
CA LEU A 68 1.39 -2.14 7.30
C LEU A 68 1.78 -3.61 7.45
N LYS A 69 0.94 -4.42 8.04
CA LYS A 69 1.28 -5.86 8.19
C LYS A 69 1.29 -6.53 6.82
N ARG A 70 0.18 -6.53 6.13
CA ARG A 70 0.14 -7.16 4.78
C ARG A 70 0.93 -6.27 3.82
N LEU A 71 1.03 -5.00 4.14
CA LEU A 71 1.78 -4.06 3.29
C LEU A 71 3.28 -4.28 3.53
N ASP A 72 3.65 -4.55 4.75
CA ASP A 72 5.09 -4.80 5.03
C ASP A 72 5.51 -6.10 4.35
N ASN A 73 4.69 -7.11 4.45
CA ASN A 73 5.01 -8.39 3.79
C ASN A 73 4.92 -8.22 2.27
N TYR A 74 4.17 -7.23 1.82
CA TYR A 74 4.07 -7.00 0.37
C TYR A 74 5.29 -6.20 -0.09
N CYS A 75 5.67 -5.22 0.67
CA CYS A 75 6.85 -4.41 0.31
C CYS A 75 8.09 -5.30 0.36
N LYS A 76 8.10 -6.26 1.25
CA LYS A 76 9.27 -7.17 1.34
C LYS A 76 9.17 -8.26 0.26
N GLN A 77 7.98 -8.54 -0.20
CA GLN A 77 7.81 -9.57 -1.26
C GLN A 77 7.73 -8.87 -2.62
N PHE A 78 7.75 -7.56 -2.63
CA PHE A 78 7.66 -6.83 -3.94
C PHE A 78 8.63 -5.64 -3.96
N ILE A 79 9.10 -5.16 -2.83
CA ILE A 79 10.02 -3.99 -2.85
C ILE A 79 11.35 -4.32 -2.14
N ILE A 80 11.32 -5.21 -1.19
CA ILE A 80 12.59 -5.56 -0.48
C ILE A 80 12.77 -7.09 -0.45
N GLU A 81 13.73 -7.57 0.27
CA GLU A 81 13.95 -9.04 0.34
C GLU A 81 14.25 -9.48 1.78
N GLN A 1 -14.62 -12.11 19.62
CA GLN A 1 -14.08 -11.92 18.23
C GLN A 1 -13.40 -10.55 18.10
N PRO A 2 -12.23 -10.46 18.66
CA PRO A 2 -11.45 -9.19 18.61
C PRO A 2 -10.90 -8.96 17.19
N GLU A 3 -10.26 -9.94 16.64
CA GLU A 3 -9.69 -9.78 15.27
C GLU A 3 -10.73 -10.16 14.22
N ASP A 4 -10.30 -10.54 13.04
CA ASP A 4 -11.26 -10.92 11.97
C ASP A 4 -12.09 -9.70 11.56
N PHE A 5 -11.46 -8.69 11.03
CA PHE A 5 -12.21 -7.48 10.60
C PHE A 5 -11.86 -7.12 9.16
N HIS A 6 -12.19 -5.93 8.73
CA HIS A 6 -11.87 -5.53 7.33
C HIS A 6 -10.36 -5.28 7.18
N GLY A 7 -9.87 -4.21 7.76
CA GLY A 7 -8.41 -3.90 7.67
C GLY A 7 -7.91 -4.19 6.25
N ILE A 8 -6.63 -4.40 6.10
CA ILE A 8 -6.08 -4.69 4.75
C ILE A 8 -6.18 -6.19 4.44
N ASP A 9 -6.85 -6.55 3.37
CA ASP A 9 -6.95 -8.01 3.04
C ASP A 9 -5.73 -8.43 2.24
N ILE A 10 -5.38 -7.67 1.24
CA ILE A 10 -4.20 -8.05 0.42
C ILE A 10 -3.65 -6.85 -0.36
N VAL A 11 -2.37 -6.77 -0.51
CA VAL A 11 -1.77 -5.65 -1.30
C VAL A 11 -1.65 -6.11 -2.76
N ILE A 12 -2.62 -5.78 -3.57
CA ILE A 12 -2.59 -6.22 -5.00
C ILE A 12 -1.35 -5.70 -5.73
N ASN A 13 -0.91 -4.52 -5.41
CA ASN A 13 0.30 -3.98 -6.10
C ASN A 13 0.66 -2.62 -5.52
N HIS A 14 1.55 -1.91 -6.16
CA HIS A 14 1.95 -0.57 -5.65
C HIS A 14 2.74 0.20 -6.70
N ARG A 15 3.13 1.40 -6.40
CA ARG A 15 3.91 2.22 -7.37
C ARG A 15 4.05 3.65 -6.87
N LEU A 16 4.81 4.47 -7.56
CA LEU A 16 4.97 5.88 -7.12
C LEU A 16 3.60 6.52 -6.88
N LYS A 17 3.50 7.39 -5.91
CA LYS A 17 2.19 8.04 -5.63
C LYS A 17 1.82 9.01 -6.75
N THR A 18 1.39 8.49 -7.87
CA THR A 18 1.01 9.38 -9.01
C THR A 18 0.20 8.59 -10.04
N SER A 19 0.50 7.33 -10.21
CA SER A 19 -0.24 6.50 -11.19
C SER A 19 0.10 6.94 -12.61
N LEU A 20 -0.15 8.19 -12.94
CA LEU A 20 0.16 8.67 -14.31
C LEU A 20 1.67 8.92 -14.45
N GLU A 21 2.43 8.63 -13.43
CA GLU A 21 3.89 8.85 -13.52
C GLU A 21 4.20 10.28 -13.96
N GLU A 22 3.37 11.22 -13.58
CA GLU A 22 3.60 12.64 -13.98
C GLU A 22 4.33 13.39 -12.87
N GLY A 23 5.35 14.13 -13.20
CA GLY A 23 6.11 14.89 -12.16
C GLY A 23 7.54 14.36 -12.08
N LYS A 24 8.09 13.96 -13.19
CA LYS A 24 9.48 13.44 -13.18
C LYS A 24 9.59 12.22 -12.25
N VAL A 25 10.55 11.36 -12.50
CA VAL A 25 10.69 10.15 -11.64
C VAL A 25 11.48 10.50 -10.37
N LEU A 26 11.02 10.05 -9.24
CA LEU A 26 11.74 10.35 -7.97
C LEU A 26 12.47 9.10 -7.46
N GLU A 27 11.76 8.01 -7.32
CA GLU A 27 12.42 6.75 -6.85
C GLU A 27 12.32 5.67 -7.92
N LYS A 28 13.27 5.61 -8.82
CA LYS A 28 13.22 4.59 -9.89
C LYS A 28 13.04 3.19 -9.29
N THR A 29 13.59 2.97 -8.12
CA THR A 29 13.45 1.63 -7.49
C THR A 29 13.17 1.77 -5.99
N VAL A 30 12.98 0.67 -5.31
CA VAL A 30 12.71 0.73 -3.85
C VAL A 30 13.51 -0.36 -3.13
N PRO A 31 14.54 0.06 -2.45
CA PRO A 31 15.41 -0.88 -1.72
C PRO A 31 14.87 -1.13 -0.31
N ASP A 32 14.58 -0.09 0.41
CA ASP A 32 14.06 -0.25 1.80
C ASP A 32 12.62 0.24 1.90
N LEU A 33 11.95 -0.07 2.98
CA LEU A 33 10.54 0.38 3.16
C LEU A 33 10.50 1.90 3.33
N ASN A 34 11.61 2.50 3.70
CA ASN A 34 11.64 3.97 3.88
C ASN A 34 11.43 4.68 2.55
N ASN A 35 12.12 4.24 1.53
CA ASN A 35 11.98 4.89 0.20
C ASN A 35 10.53 4.82 -0.28
N CYS A 36 9.87 3.74 -0.02
CA CYS A 36 8.45 3.61 -0.45
C CYS A 36 7.55 4.44 0.47
N LYS A 37 7.46 4.07 1.71
CA LYS A 37 6.59 4.82 2.67
C LYS A 37 6.79 6.33 2.50
N GLU A 38 7.91 6.76 1.98
CA GLU A 38 8.11 8.23 1.81
C GLU A 38 7.63 8.70 0.43
N ASN A 39 7.65 7.83 -0.55
CA ASN A 39 7.19 8.24 -1.91
C ASN A 39 6.63 7.04 -2.68
N TYR A 40 5.60 6.42 -2.17
CA TYR A 40 5.03 5.25 -2.88
C TYR A 40 3.61 4.92 -2.39
N GLU A 41 2.74 4.58 -3.30
CA GLU A 41 1.34 4.21 -2.89
C GLU A 41 1.19 2.70 -2.99
N PHE A 42 0.06 2.15 -2.65
CA PHE A 42 -0.10 0.67 -2.74
C PHE A 42 -1.56 0.28 -3.02
N LEU A 43 -1.78 -0.63 -3.94
CA LEU A 43 -3.18 -1.07 -4.21
C LEU A 43 -3.61 -1.95 -3.05
N ILE A 44 -4.56 -1.51 -2.29
CA ILE A 44 -4.98 -2.32 -1.13
C ILE A 44 -6.26 -3.12 -1.38
N LYS A 45 -6.16 -4.40 -1.51
CA LYS A 45 -7.39 -5.22 -1.70
C LYS A 45 -8.12 -5.31 -0.36
N TRP A 46 -9.12 -4.49 -0.14
CA TRP A 46 -9.84 -4.52 1.17
C TRP A 46 -10.90 -5.62 1.14
N THR A 47 -11.26 -6.14 2.29
CA THR A 47 -12.30 -7.21 2.32
C THR A 47 -13.56 -6.75 1.58
N ASP A 48 -14.63 -7.50 1.68
CA ASP A 48 -15.87 -7.10 0.98
C ASP A 48 -17.08 -7.31 1.90
N GLU A 49 -17.31 -6.40 2.81
CA GLU A 49 -18.47 -6.54 3.73
C GLU A 49 -19.61 -5.64 3.29
N SER A 50 -19.33 -4.38 3.05
CA SER A 50 -20.40 -3.45 2.61
C SER A 50 -20.16 -3.00 1.17
N HIS A 51 -20.14 -3.92 0.24
CA HIS A 51 -19.91 -3.54 -1.18
C HIS A 51 -18.62 -2.73 -1.31
N LEU A 52 -17.49 -3.38 -1.24
CA LEU A 52 -16.20 -2.65 -1.37
C LEU A 52 -15.33 -3.29 -2.46
N HIS A 53 -14.07 -2.98 -2.48
CA HIS A 53 -13.18 -3.57 -3.53
C HIS A 53 -11.74 -3.08 -3.34
N ASN A 54 -10.89 -3.37 -4.29
CA ASN A 54 -9.47 -2.92 -4.18
C ASN A 54 -9.36 -1.42 -4.44
N THR A 55 -8.37 -0.78 -3.88
CA THR A 55 -8.19 0.68 -4.08
C THR A 55 -6.73 1.04 -3.86
N TRP A 56 -6.30 2.17 -4.35
CA TRP A 56 -4.88 2.56 -4.17
C TRP A 56 -4.74 3.56 -3.02
N GLU A 57 -4.36 3.07 -1.87
CA GLU A 57 -4.20 3.96 -0.69
C GLU A 57 -2.72 4.24 -0.43
N THR A 58 -2.41 4.87 0.66
CA THR A 58 -0.99 5.15 0.99
C THR A 58 -0.77 4.96 2.48
N TYR A 59 0.43 4.71 2.89
CA TYR A 59 0.69 4.49 4.34
C TYR A 59 -0.06 5.53 5.17
N GLU A 60 -0.07 6.76 4.71
CA GLU A 60 -0.78 7.83 5.47
C GLU A 60 -2.29 7.54 5.53
N SER A 61 -2.73 6.56 4.80
CA SER A 61 -4.19 6.23 4.82
C SER A 61 -4.40 4.75 5.16
N ILE A 62 -3.37 3.95 5.03
CA ILE A 62 -3.51 2.50 5.34
C ILE A 62 -2.50 2.13 6.44
N GLY A 63 -1.85 3.10 7.02
CA GLY A 63 -0.86 2.79 8.09
C GLY A 63 -1.56 2.78 9.45
N GLN A 64 -2.59 2.01 9.60
CA GLN A 64 -3.31 1.96 10.91
C GLN A 64 -4.52 1.02 10.83
N VAL A 65 -4.40 -0.06 10.11
CA VAL A 65 -5.54 -1.01 9.99
C VAL A 65 -5.02 -2.38 9.55
N ARG A 66 -3.93 -2.83 10.14
CA ARG A 66 -3.36 -4.15 9.75
C ARG A 66 -2.74 -4.03 8.34
N GLY A 67 -2.80 -2.86 7.76
CA GLY A 67 -2.22 -2.67 6.41
C GLY A 67 -0.71 -2.79 6.48
N LEU A 68 -0.08 -1.90 7.19
CA LEU A 68 1.41 -1.96 7.29
C LEU A 68 1.87 -3.41 7.47
N LYS A 69 1.09 -4.22 8.13
CA LYS A 69 1.50 -5.64 8.31
C LYS A 69 1.53 -6.35 6.96
N ARG A 70 0.42 -6.42 6.29
CA ARG A 70 0.42 -7.08 4.95
C ARG A 70 1.14 -6.18 3.95
N LEU A 71 1.14 -4.90 4.21
CA LEU A 71 1.86 -3.95 3.33
C LEU A 71 3.35 -4.10 3.56
N ASP A 72 3.73 -4.40 4.78
CA ASP A 72 5.17 -4.59 5.07
C ASP A 72 5.68 -5.85 4.35
N ASN A 73 5.00 -6.95 4.55
CA ASN A 73 5.42 -8.20 3.86
C ASN A 73 5.27 -8.03 2.34
N TYR A 74 4.45 -7.09 1.92
CA TYR A 74 4.27 -6.88 0.47
C TYR A 74 5.46 -6.06 -0.05
N CYS A 75 5.93 -5.15 0.75
CA CYS A 75 7.09 -4.33 0.34
C CYS A 75 8.35 -5.19 0.34
N LYS A 76 8.42 -6.14 1.21
CA LYS A 76 9.62 -7.01 1.26
C LYS A 76 9.50 -8.10 0.18
N GLN A 77 8.29 -8.41 -0.22
CA GLN A 77 8.10 -9.43 -1.27
C GLN A 77 8.03 -8.76 -2.64
N PHE A 78 7.96 -7.46 -2.66
CA PHE A 78 7.87 -6.74 -3.97
C PHE A 78 8.80 -5.51 -4.00
N ILE A 79 9.26 -5.04 -2.86
CA ILE A 79 10.15 -3.86 -2.87
C ILE A 79 11.48 -4.17 -2.16
N ILE A 80 11.48 -5.12 -1.26
CA ILE A 80 12.75 -5.45 -0.55
C ILE A 80 12.92 -6.97 -0.47
N GLU A 81 13.43 -7.46 0.64
CA GLU A 81 13.62 -8.92 0.78
C GLU A 81 13.79 -9.30 2.25
N GLN A 1 -15.99 -4.05 22.87
CA GLN A 1 -16.88 -3.51 21.80
C GLN A 1 -17.27 -4.63 20.83
N PRO A 2 -18.35 -4.40 20.13
CA PRO A 2 -18.85 -5.40 19.15
C PRO A 2 -17.95 -5.44 17.92
N GLU A 3 -17.49 -6.60 17.54
CA GLU A 3 -16.61 -6.69 16.34
C GLU A 3 -17.16 -5.81 15.21
N ASP A 4 -16.34 -4.95 14.66
CA ASP A 4 -16.81 -4.07 13.56
C ASP A 4 -15.66 -3.21 13.04
N PHE A 5 -14.97 -3.69 12.03
CA PHE A 5 -13.82 -2.90 11.49
C PHE A 5 -13.24 -3.59 10.25
N HIS A 6 -12.87 -2.83 9.26
CA HIS A 6 -12.28 -3.44 8.03
C HIS A 6 -10.80 -3.08 7.93
N GLY A 7 -9.95 -4.03 7.65
CA GLY A 7 -8.50 -3.74 7.55
C GLY A 7 -8.00 -4.07 6.15
N ILE A 8 -6.73 -4.37 6.02
CA ILE A 8 -6.17 -4.69 4.67
C ILE A 8 -6.28 -6.20 4.39
N ASP A 9 -6.80 -6.56 3.25
CA ASP A 9 -6.92 -8.00 2.93
C ASP A 9 -5.71 -8.45 2.12
N ILE A 10 -5.36 -7.70 1.11
CA ILE A 10 -4.19 -8.08 0.27
C ILE A 10 -3.66 -6.87 -0.50
N VAL A 11 -2.36 -6.75 -0.61
CA VAL A 11 -1.77 -5.63 -1.38
C VAL A 11 -1.66 -6.08 -2.85
N ILE A 12 -2.66 -5.77 -3.63
CA ILE A 12 -2.63 -6.21 -5.06
C ILE A 12 -1.35 -5.75 -5.75
N ASN A 13 -0.89 -4.57 -5.45
CA ASN A 13 0.35 -4.06 -6.08
C ASN A 13 0.70 -2.68 -5.53
N HIS A 14 1.63 -2.00 -6.13
CA HIS A 14 2.00 -0.65 -5.62
C HIS A 14 2.81 0.12 -6.67
N ARG A 15 3.16 1.33 -6.38
CA ARG A 15 3.97 2.13 -7.35
C ARG A 15 4.30 3.51 -6.75
N LEU A 16 5.00 4.33 -7.49
CA LEU A 16 5.37 5.68 -6.97
C LEU A 16 4.11 6.46 -6.56
N LYS A 17 4.18 7.17 -5.47
CA LYS A 17 3.00 7.97 -5.03
C LYS A 17 3.02 9.33 -5.71
N THR A 18 2.48 9.42 -6.90
CA THR A 18 2.48 10.72 -7.63
C THR A 18 1.06 11.09 -8.06
N SER A 19 0.19 10.12 -8.21
CA SER A 19 -1.19 10.41 -8.66
C SER A 19 -1.18 10.86 -10.12
N LEU A 20 -0.51 11.94 -10.41
CA LEU A 20 -0.45 12.42 -11.82
C LEU A 20 0.47 11.51 -12.64
N GLU A 21 1.25 10.69 -11.98
CA GLU A 21 2.17 9.77 -12.70
C GLU A 21 3.13 10.56 -13.59
N GLU A 22 4.41 10.43 -13.37
CA GLU A 22 5.41 11.16 -14.20
C GLU A 22 6.83 10.71 -13.86
N GLY A 23 7.77 10.99 -14.71
CA GLY A 23 9.17 10.58 -14.43
C GLY A 23 9.92 11.72 -13.75
N LYS A 24 9.92 11.75 -12.44
CA LYS A 24 10.63 12.84 -11.72
C LYS A 24 11.87 12.28 -11.01
N VAL A 25 12.33 12.95 -9.98
CA VAL A 25 13.53 12.46 -9.24
C VAL A 25 13.26 11.06 -8.66
N LEU A 26 13.62 10.83 -7.42
CA LEU A 26 13.37 9.49 -6.82
C LEU A 26 13.74 8.39 -7.80
N GLU A 27 13.33 7.18 -7.55
CA GLU A 27 13.66 6.06 -8.47
C GLU A 27 12.48 5.09 -8.58
N LYS A 28 12.72 3.91 -9.07
CA LYS A 28 11.61 2.92 -9.19
C LYS A 28 12.10 1.51 -8.80
N THR A 29 12.94 1.43 -7.80
CA THR A 29 13.46 0.10 -7.38
C THR A 29 13.09 -0.17 -5.92
N VAL A 30 12.77 0.86 -5.17
CA VAL A 30 12.39 0.68 -3.73
C VAL A 30 13.18 -0.46 -3.10
N PRO A 31 14.25 -0.10 -2.45
CA PRO A 31 15.12 -1.10 -1.79
C PRO A 31 14.65 -1.37 -0.36
N ASP A 32 14.04 -0.40 0.26
CA ASP A 32 13.57 -0.59 1.66
C ASP A 32 12.14 -0.10 1.83
N LEU A 33 11.63 -0.12 3.03
CA LEU A 33 10.24 0.35 3.27
C LEU A 33 10.23 1.87 3.43
N ASN A 34 11.34 2.45 3.78
CA ASN A 34 11.38 3.94 3.95
C ASN A 34 11.21 4.62 2.59
N ASN A 35 11.83 4.11 1.58
CA ASN A 35 11.70 4.73 0.23
C ASN A 35 10.23 4.72 -0.21
N CYS A 36 9.55 3.64 0.04
CA CYS A 36 8.12 3.56 -0.36
C CYS A 36 7.29 4.53 0.48
N LYS A 37 7.09 4.23 1.73
CA LYS A 37 6.29 5.12 2.62
C LYS A 37 6.60 6.59 2.36
N GLU A 38 7.80 6.91 1.96
CA GLU A 38 8.12 8.34 1.71
C GLU A 38 7.58 8.80 0.34
N ASN A 39 7.44 7.89 -0.59
CA ASN A 39 6.90 8.30 -1.93
C ASN A 39 6.40 7.07 -2.70
N TYR A 40 5.36 6.44 -2.23
CA TYR A 40 4.85 5.24 -2.95
C TYR A 40 3.42 4.90 -2.51
N GLU A 41 2.60 4.50 -3.44
CA GLU A 41 1.20 4.12 -3.09
C GLU A 41 1.09 2.59 -3.15
N PHE A 42 0.00 2.04 -2.72
CA PHE A 42 -0.14 0.55 -2.75
C PHE A 42 -1.57 0.15 -3.07
N LEU A 43 -1.77 -0.70 -4.03
CA LEU A 43 -3.16 -1.14 -4.32
C LEU A 43 -3.62 -2.02 -3.17
N ILE A 44 -4.49 -1.53 -2.36
CA ILE A 44 -4.94 -2.32 -1.19
C ILE A 44 -6.23 -3.08 -1.47
N LYS A 45 -6.16 -4.38 -1.57
CA LYS A 45 -7.40 -5.17 -1.79
C LYS A 45 -8.17 -5.24 -0.46
N TRP A 46 -9.11 -4.35 -0.25
CA TRP A 46 -9.87 -4.38 1.02
C TRP A 46 -10.95 -5.46 0.98
N THR A 47 -11.92 -5.30 0.12
CA THR A 47 -13.00 -6.32 0.03
C THR A 47 -13.37 -6.57 -1.43
N ASP A 48 -14.60 -6.91 -1.70
CA ASP A 48 -15.02 -7.16 -3.12
C ASP A 48 -16.53 -7.29 -3.21
N GLU A 49 -17.16 -7.84 -2.21
CA GLU A 49 -18.64 -7.99 -2.26
C GLU A 49 -19.28 -7.38 -0.99
N SER A 50 -20.28 -6.56 -1.17
CA SER A 50 -20.95 -5.94 0.01
C SER A 50 -19.97 -5.03 0.76
N HIS A 51 -18.95 -4.55 0.10
CA HIS A 51 -17.98 -3.66 0.79
C HIS A 51 -17.03 -3.02 -0.22
N LEU A 52 -16.33 -2.00 0.17
CA LEU A 52 -15.38 -1.33 -0.77
C LEU A 52 -14.55 -2.38 -1.51
N HIS A 53 -13.87 -1.99 -2.54
CA HIS A 53 -13.04 -2.97 -3.31
C HIS A 53 -11.58 -2.53 -3.33
N ASN A 54 -10.78 -3.14 -4.17
CA ASN A 54 -9.34 -2.76 -4.25
C ASN A 54 -9.20 -1.26 -4.51
N THR A 55 -8.15 -0.66 -4.01
CA THR A 55 -7.95 0.79 -4.22
C THR A 55 -6.47 1.11 -4.01
N TRP A 56 -6.03 2.25 -4.45
CA TRP A 56 -4.60 2.60 -4.27
C TRP A 56 -4.43 3.55 -3.09
N GLU A 57 -4.17 3.02 -1.93
CA GLU A 57 -4.00 3.88 -0.73
C GLU A 57 -2.52 4.11 -0.45
N THR A 58 -2.21 4.74 0.64
CA THR A 58 -0.80 5.00 0.99
C THR A 58 -0.61 4.80 2.49
N TYR A 59 0.58 4.52 2.94
CA TYR A 59 0.78 4.32 4.39
C TYR A 59 0.05 5.40 5.19
N GLU A 60 0.02 6.60 4.68
CA GLU A 60 -0.68 7.70 5.40
C GLU A 60 -2.18 7.43 5.46
N SER A 61 -2.65 6.43 4.77
CA SER A 61 -4.10 6.12 4.78
C SER A 61 -4.34 4.64 5.11
N ILE A 62 -3.32 3.84 5.03
CA ILE A 62 -3.49 2.38 5.33
C ILE A 62 -2.52 1.97 6.45
N GLY A 63 -1.86 2.92 7.06
CA GLY A 63 -0.92 2.57 8.15
C GLY A 63 -1.63 2.66 9.50
N GLN A 64 -2.67 1.89 9.68
CA GLN A 64 -3.41 1.92 10.97
C GLN A 64 -4.61 0.96 10.94
N VAL A 65 -4.48 -0.15 10.27
CA VAL A 65 -5.61 -1.12 10.19
C VAL A 65 -5.07 -2.50 9.80
N ARG A 66 -3.94 -2.89 10.35
CA ARG A 66 -3.35 -4.21 10.00
C ARG A 66 -2.77 -4.15 8.58
N GLY A 67 -2.89 -3.01 7.94
CA GLY A 67 -2.33 -2.88 6.56
C GLY A 67 -0.81 -2.95 6.63
N LEU A 68 -0.21 -2.07 7.37
CA LEU A 68 1.27 -2.08 7.47
C LEU A 68 1.78 -3.52 7.62
N LYS A 69 1.06 -4.35 8.33
CA LYS A 69 1.52 -5.76 8.49
C LYS A 69 1.49 -6.47 7.14
N ARG A 70 0.34 -6.54 6.51
CA ARG A 70 0.26 -7.19 5.18
C ARG A 70 0.99 -6.34 4.15
N LEU A 71 1.04 -5.06 4.39
CA LEU A 71 1.75 -4.15 3.46
C LEU A 71 3.26 -4.32 3.67
N ASP A 72 3.64 -4.55 4.90
CA ASP A 72 5.09 -4.76 5.18
C ASP A 72 5.52 -6.06 4.52
N ASN A 73 4.69 -7.06 4.60
CA ASN A 73 5.04 -8.36 3.96
C ASN A 73 4.95 -8.21 2.44
N TYR A 74 4.23 -7.22 1.97
CA TYR A 74 4.13 -7.01 0.51
C TYR A 74 5.35 -6.22 0.05
N CYS A 75 5.69 -5.19 0.79
CA CYS A 75 6.87 -4.37 0.43
C CYS A 75 8.13 -5.24 0.54
N LYS A 76 8.12 -6.19 1.44
CA LYS A 76 9.31 -7.07 1.58
C LYS A 76 9.27 -8.16 0.50
N GLN A 77 8.10 -8.52 0.08
CA GLN A 77 7.99 -9.56 -0.99
C GLN A 77 7.93 -8.89 -2.36
N PHE A 78 7.92 -7.58 -2.39
CA PHE A 78 7.85 -6.87 -3.70
C PHE A 78 8.78 -5.65 -3.72
N ILE A 79 9.19 -5.14 -2.60
CA ILE A 79 10.08 -3.95 -2.62
C ILE A 79 11.39 -4.24 -1.87
N ILE A 80 11.41 -5.20 -1.00
CA ILE A 80 12.67 -5.51 -0.27
C ILE A 80 12.87 -7.02 -0.17
N GLU A 81 13.72 -7.46 0.70
CA GLU A 81 13.96 -8.93 0.84
C GLU A 81 14.67 -9.24 2.16
N GLN A 1 -8.12 -14.64 17.45
CA GLN A 1 -8.27 -13.17 17.64
C GLN A 1 -9.54 -12.67 16.95
N PRO A 2 -10.45 -12.16 17.75
CA PRO A 2 -11.73 -11.65 17.21
C PRO A 2 -11.51 -10.32 16.49
N GLU A 3 -11.95 -10.21 15.26
CA GLU A 3 -11.76 -8.94 14.50
C GLU A 3 -13.04 -8.10 14.55
N ASP A 4 -12.95 -6.85 14.20
CA ASP A 4 -14.16 -5.97 14.23
C ASP A 4 -13.86 -4.65 13.52
N PHE A 5 -13.32 -4.70 12.33
CA PHE A 5 -13.01 -3.45 11.59
C PHE A 5 -12.42 -3.77 10.22
N HIS A 6 -12.85 -3.07 9.20
CA HIS A 6 -12.32 -3.34 7.83
C HIS A 6 -10.82 -3.05 7.80
N GLY A 7 -10.03 -4.04 7.46
CA GLY A 7 -8.56 -3.82 7.41
C GLY A 7 -8.03 -4.12 6.01
N ILE A 8 -6.76 -4.39 5.88
CA ILE A 8 -6.17 -4.68 4.54
C ILE A 8 -6.25 -6.18 4.25
N ASP A 9 -6.86 -6.57 3.17
CA ASP A 9 -6.94 -8.02 2.84
C ASP A 9 -5.70 -8.44 2.05
N ILE A 10 -5.35 -7.69 1.05
CA ILE A 10 -4.16 -8.06 0.24
C ILE A 10 -3.63 -6.87 -0.54
N VAL A 11 -2.34 -6.77 -0.70
CA VAL A 11 -1.76 -5.65 -1.49
C VAL A 11 -1.62 -6.10 -2.95
N ILE A 12 -2.61 -5.82 -3.76
CA ILE A 12 -2.57 -6.26 -5.18
C ILE A 12 -1.31 -5.75 -5.90
N ASN A 13 -0.86 -4.57 -5.57
CA ASN A 13 0.36 -4.04 -6.25
C ASN A 13 0.72 -2.67 -5.68
N HIS A 14 1.62 -1.96 -6.30
CA HIS A 14 2.00 -0.63 -5.78
C HIS A 14 2.84 0.15 -6.82
N ARG A 15 3.22 1.35 -6.50
CA ARG A 15 4.04 2.16 -7.44
C ARG A 15 4.21 3.58 -6.90
N LEU A 16 5.04 4.37 -7.51
CA LEU A 16 5.25 5.77 -7.03
C LEU A 16 3.90 6.48 -6.87
N LYS A 17 3.62 6.99 -5.70
CA LYS A 17 2.33 7.70 -5.49
C LYS A 17 2.38 9.08 -6.12
N THR A 18 1.59 10.01 -5.62
CA THR A 18 1.58 11.40 -6.18
C THR A 18 0.84 11.44 -7.54
N SER A 19 1.12 10.51 -8.41
CA SER A 19 0.44 10.52 -9.75
C SER A 19 1.00 11.65 -10.62
N LEU A 20 2.28 11.63 -10.86
CA LEU A 20 2.88 12.71 -11.70
C LEU A 20 2.41 14.08 -11.23
N GLU A 21 2.02 14.19 -9.99
CA GLU A 21 1.54 15.50 -9.48
C GLU A 21 2.72 16.30 -8.89
N GLU A 22 3.91 16.05 -9.37
CA GLU A 22 5.09 16.79 -8.86
C GLU A 22 5.88 17.39 -10.02
N GLY A 23 7.04 17.93 -9.75
CA GLY A 23 7.85 18.53 -10.84
C GLY A 23 8.67 17.44 -11.53
N LYS A 24 9.45 16.72 -10.77
CA LYS A 24 10.29 15.64 -11.37
C LYS A 24 9.80 14.26 -10.88
N VAL A 25 10.56 13.23 -11.17
CA VAL A 25 10.14 11.86 -10.72
C VAL A 25 10.88 11.47 -9.44
N LEU A 26 10.36 10.52 -8.72
CA LEU A 26 11.04 10.08 -7.46
C LEU A 26 10.96 8.55 -7.32
N GLU A 27 11.27 7.84 -8.37
CA GLU A 27 11.21 6.35 -8.30
C GLU A 27 12.46 5.80 -7.63
N LYS A 28 13.56 5.75 -8.33
CA LYS A 28 14.82 5.22 -7.72
C LYS A 28 14.57 3.81 -7.16
N THR A 29 13.77 3.03 -7.82
CA THR A 29 13.50 1.65 -7.33
C THR A 29 13.16 1.68 -5.85
N VAL A 30 12.99 0.53 -5.24
CA VAL A 30 12.66 0.49 -3.79
C VAL A 30 13.49 -0.59 -3.09
N PRO A 31 14.49 -0.15 -2.38
CA PRO A 31 15.39 -1.07 -1.66
C PRO A 31 14.87 -1.35 -0.25
N ASP A 32 14.49 -0.34 0.46
CA ASP A 32 13.97 -0.53 1.84
C ASP A 32 12.52 -0.07 1.95
N LEU A 33 11.92 -0.23 3.10
CA LEU A 33 10.51 0.20 3.29
C LEU A 33 10.44 1.73 3.44
N ASN A 34 11.55 2.35 3.70
CA ASN A 34 11.55 3.84 3.87
C ASN A 34 11.33 4.52 2.52
N ASN A 35 11.98 4.04 1.49
CA ASN A 35 11.81 4.66 0.15
C ASN A 35 10.34 4.65 -0.26
N CYS A 36 9.68 3.55 -0.13
CA CYS A 36 8.25 3.47 -0.51
C CYS A 36 7.40 4.34 0.43
N LYS A 37 7.35 4.00 1.69
CA LYS A 37 6.53 4.78 2.65
C LYS A 37 6.76 6.29 2.46
N GLU A 38 7.88 6.69 1.92
CA GLU A 38 8.12 8.15 1.74
C GLU A 38 7.59 8.64 0.39
N ASN A 39 7.46 7.76 -0.58
CA ASN A 39 6.93 8.20 -1.91
C ASN A 39 6.46 6.99 -2.72
N TYR A 40 5.41 6.35 -2.30
CA TYR A 40 4.90 5.18 -3.06
C TYR A 40 3.46 4.84 -2.67
N GLU A 41 2.66 4.47 -3.62
CA GLU A 41 1.25 4.10 -3.32
C GLU A 41 1.14 2.58 -3.31
N PHE A 42 0.01 2.03 -2.96
CA PHE A 42 -0.12 0.55 -2.94
C PHE A 42 -1.56 0.13 -3.23
N LEU A 43 -1.75 -0.73 -4.19
CA LEU A 43 -3.15 -1.19 -4.47
C LEU A 43 -3.59 -2.07 -3.32
N ILE A 44 -4.51 -1.59 -2.53
CA ILE A 44 -4.93 -2.39 -1.35
C ILE A 44 -6.22 -3.17 -1.62
N LYS A 45 -6.13 -4.46 -1.72
CA LYS A 45 -7.37 -5.27 -1.92
C LYS A 45 -8.11 -5.35 -0.58
N TRP A 46 -9.11 -4.54 -0.39
CA TRP A 46 -9.84 -4.57 0.91
C TRP A 46 -10.88 -5.70 0.89
N THR A 47 -11.38 -6.09 2.03
CA THR A 47 -12.38 -7.19 2.06
C THR A 47 -13.80 -6.63 2.31
N ASP A 48 -14.14 -5.55 1.67
CA ASP A 48 -15.49 -4.96 1.87
C ASP A 48 -16.55 -6.00 1.47
N GLU A 49 -17.80 -5.71 1.72
CA GLU A 49 -18.88 -6.67 1.35
C GLU A 49 -19.43 -6.34 -0.04
N SER A 50 -18.58 -6.19 -1.01
CA SER A 50 -19.06 -5.87 -2.39
C SER A 50 -18.28 -6.68 -3.42
N HIS A 51 -18.56 -7.95 -3.53
CA HIS A 51 -17.84 -8.81 -4.51
C HIS A 51 -16.37 -8.42 -4.61
N LEU A 52 -15.59 -8.77 -3.62
CA LEU A 52 -14.14 -8.41 -3.65
C LEU A 52 -13.99 -6.88 -3.66
N HIS A 53 -12.79 -6.40 -3.53
CA HIS A 53 -12.58 -4.93 -3.53
C HIS A 53 -11.10 -4.60 -3.72
N ASN A 54 -10.80 -3.40 -4.12
CA ASN A 54 -9.37 -3.01 -4.33
C ASN A 54 -9.28 -1.52 -4.64
N THR A 55 -8.27 -0.88 -4.15
CA THR A 55 -8.10 0.58 -4.42
C THR A 55 -6.63 0.95 -4.23
N TRP A 56 -6.25 2.13 -4.62
CA TRP A 56 -4.84 2.52 -4.45
C TRP A 56 -4.69 3.49 -3.29
N GLU A 57 -4.31 2.99 -2.15
CA GLU A 57 -4.14 3.86 -0.96
C GLU A 57 -2.66 4.13 -0.71
N THR A 58 -2.35 4.76 0.40
CA THR A 58 -0.93 5.06 0.71
C THR A 58 -0.71 4.84 2.21
N TYR A 59 0.48 4.55 2.61
CA TYR A 59 0.74 4.33 4.06
C TYR A 59 0.05 5.39 4.90
N GLU A 60 0.06 6.62 4.44
CA GLU A 60 -0.59 7.71 5.21
C GLU A 60 -2.10 7.46 5.32
N SER A 61 -2.61 6.49 4.62
CA SER A 61 -4.07 6.20 4.70
C SER A 61 -4.31 4.74 5.05
N ILE A 62 -3.31 3.91 4.88
CA ILE A 62 -3.48 2.46 5.21
C ILE A 62 -2.47 2.05 6.29
N GLY A 63 -1.80 3.00 6.87
CA GLY A 63 -0.81 2.67 7.93
C GLY A 63 -1.46 2.74 9.32
N GLN A 64 -2.58 2.09 9.49
CA GLN A 64 -3.25 2.13 10.82
C GLN A 64 -4.46 1.17 10.84
N VAL A 65 -4.42 0.13 10.06
CA VAL A 65 -5.54 -0.84 10.05
C VAL A 65 -5.01 -2.23 9.71
N ARG A 66 -3.89 -2.59 10.26
CA ARG A 66 -3.29 -3.93 9.96
C ARG A 66 -2.71 -3.93 8.53
N GLY A 67 -2.86 -2.84 7.83
CA GLY A 67 -2.33 -2.76 6.46
C GLY A 67 -0.81 -2.86 6.53
N LEU A 68 -0.18 -2.02 7.29
CA LEU A 68 1.30 -2.07 7.41
C LEU A 68 1.76 -3.52 7.56
N LYS A 69 1.00 -4.33 8.24
CA LYS A 69 1.41 -5.75 8.41
C LYS A 69 1.40 -6.46 7.05
N ARG A 70 0.27 -6.51 6.41
CA ARG A 70 0.23 -7.17 5.07
C ARG A 70 0.99 -6.32 4.06
N LEU A 71 1.02 -5.04 4.30
CA LEU A 71 1.75 -4.11 3.39
C LEU A 71 3.25 -4.28 3.63
N ASP A 72 3.63 -4.46 4.86
CA ASP A 72 5.09 -4.66 5.15
C ASP A 72 5.54 -5.95 4.50
N ASN A 73 4.75 -6.98 4.60
CA ASN A 73 5.11 -8.26 3.96
C ASN A 73 5.06 -8.11 2.44
N TYR A 74 4.29 -7.17 1.96
CA TYR A 74 4.21 -6.96 0.49
C TYR A 74 5.43 -6.15 0.06
N CYS A 75 5.80 -5.18 0.85
CA CYS A 75 6.98 -4.35 0.52
C CYS A 75 8.24 -5.23 0.59
N LYS A 76 8.24 -6.18 1.48
CA LYS A 76 9.43 -7.07 1.61
C LYS A 76 9.36 -8.17 0.55
N GLN A 77 8.18 -8.44 0.05
CA GLN A 77 8.04 -9.48 -1.01
C GLN A 77 7.99 -8.80 -2.38
N PHE A 78 7.88 -7.51 -2.40
CA PHE A 78 7.81 -6.79 -3.71
C PHE A 78 8.72 -5.55 -3.71
N ILE A 79 9.20 -5.12 -2.57
CA ILE A 79 10.09 -3.91 -2.56
C ILE A 79 11.38 -4.19 -1.81
N ILE A 80 11.44 -5.23 -1.03
CA ILE A 80 12.70 -5.51 -0.27
C ILE A 80 12.91 -7.02 -0.16
N GLU A 81 13.87 -7.43 0.64
CA GLU A 81 14.13 -8.89 0.78
C GLU A 81 13.27 -9.47 1.91
N GLN A 1 -3.87 -12.26 15.79
CA GLN A 1 -4.89 -11.18 15.82
C GLN A 1 -6.25 -11.72 15.38
N PRO A 2 -7.11 -11.92 16.33
CA PRO A 2 -8.47 -12.44 16.05
C PRO A 2 -9.34 -11.36 15.41
N GLU A 3 -10.49 -11.73 14.91
CA GLU A 3 -11.38 -10.73 14.27
C GLU A 3 -10.70 -10.10 13.06
N ASP A 4 -11.36 -10.08 11.94
CA ASP A 4 -10.75 -9.46 10.72
C ASP A 4 -11.32 -8.07 10.49
N PHE A 5 -12.51 -7.81 10.97
CA PHE A 5 -13.14 -6.46 10.80
C PHE A 5 -12.79 -5.89 9.42
N HIS A 6 -12.89 -4.60 9.26
CA HIS A 6 -12.57 -3.98 7.95
C HIS A 6 -11.12 -3.49 7.94
N GLY A 7 -10.22 -4.27 7.41
CA GLY A 7 -8.79 -3.85 7.37
C GLY A 7 -8.21 -4.16 5.99
N ILE A 8 -6.92 -4.42 5.91
CA ILE A 8 -6.31 -4.71 4.59
C ILE A 8 -6.40 -6.21 4.29
N ASP A 9 -6.86 -6.57 3.11
CA ASP A 9 -6.96 -8.01 2.78
C ASP A 9 -5.71 -8.42 2.01
N ILE A 10 -5.35 -7.69 1.00
CA ILE A 10 -4.14 -8.06 0.20
C ILE A 10 -3.60 -6.86 -0.57
N VAL A 11 -2.30 -6.77 -0.70
CA VAL A 11 -1.69 -5.67 -1.48
C VAL A 11 -1.56 -6.11 -2.94
N ILE A 12 -2.55 -5.86 -3.74
CA ILE A 12 -2.53 -6.28 -5.17
C ILE A 12 -1.27 -5.79 -5.88
N ASN A 13 -0.82 -4.61 -5.55
CA ASN A 13 0.40 -4.08 -6.22
C ASN A 13 0.77 -2.71 -5.63
N HIS A 14 1.66 -2.00 -6.25
CA HIS A 14 2.05 -0.67 -5.71
C HIS A 14 2.84 0.13 -6.75
N ARG A 15 3.19 1.35 -6.42
CA ARG A 15 3.98 2.19 -7.37
C ARG A 15 4.01 3.64 -6.86
N LEU A 16 4.92 4.43 -7.36
CA LEU A 16 5.00 5.85 -6.90
C LEU A 16 3.61 6.45 -6.79
N LYS A 17 3.29 7.06 -5.69
CA LYS A 17 1.94 7.66 -5.52
C LYS A 17 1.78 8.86 -6.48
N THR A 18 0.83 9.71 -6.23
CA THR A 18 0.63 10.89 -7.12
C THR A 18 0.14 10.44 -8.51
N SER A 19 0.88 9.58 -9.16
CA SER A 19 0.45 9.11 -10.52
C SER A 19 0.58 10.26 -11.52
N LEU A 20 1.78 10.63 -11.87
CA LEU A 20 1.97 11.73 -12.84
C LEU A 20 0.98 12.88 -12.55
N GLU A 21 0.41 13.46 -13.56
CA GLU A 21 -0.55 14.58 -13.32
C GLU A 21 0.14 15.72 -12.58
N GLU A 22 1.45 15.71 -12.56
CA GLU A 22 2.20 16.79 -11.85
C GLU A 22 3.55 17.03 -12.53
N GLY A 23 4.45 17.69 -11.86
CA GLY A 23 5.78 17.95 -12.47
C GLY A 23 6.88 17.66 -11.43
N LYS A 24 7.18 16.41 -11.21
CA LYS A 24 8.23 16.07 -10.22
C LYS A 24 9.09 14.91 -10.73
N VAL A 25 10.00 14.44 -9.92
CA VAL A 25 10.88 13.30 -10.37
C VAL A 25 11.01 12.27 -9.25
N LEU A 26 11.87 12.51 -8.30
CA LEU A 26 12.05 11.54 -7.18
C LEU A 26 12.58 10.20 -7.72
N GLU A 27 12.96 9.31 -6.84
CA GLU A 27 13.49 7.99 -7.31
C GLU A 27 12.35 7.14 -7.90
N LYS A 28 12.70 6.12 -8.63
CA LYS A 28 11.65 5.25 -9.24
C LYS A 28 11.84 3.80 -8.79
N THR A 29 12.74 3.57 -7.86
CA THR A 29 12.99 2.18 -7.39
C THR A 29 12.63 2.04 -5.90
N VAL A 30 12.80 0.88 -5.35
CA VAL A 30 12.48 0.69 -3.90
C VAL A 30 13.30 -0.47 -3.34
N PRO A 31 14.38 -0.11 -2.69
CA PRO A 31 15.28 -1.11 -2.10
C PRO A 31 14.83 -1.46 -0.67
N ASP A 32 14.38 -0.50 0.07
CA ASP A 32 13.93 -0.77 1.47
C ASP A 32 12.51 -0.25 1.68
N LEU A 33 12.05 -0.31 2.91
CA LEU A 33 10.66 0.19 3.19
C LEU A 33 10.66 1.71 3.32
N ASN A 34 11.81 2.30 3.54
CA ASN A 34 11.86 3.79 3.67
C ASN A 34 11.51 4.46 2.35
N ASN A 35 12.20 4.11 1.29
CA ASN A 35 11.91 4.73 -0.04
C ASN A 35 10.40 4.66 -0.32
N CYS A 36 9.82 3.51 -0.14
CA CYS A 36 8.36 3.37 -0.39
C CYS A 36 7.54 4.22 0.60
N LYS A 37 7.51 3.82 1.83
CA LYS A 37 6.72 4.58 2.84
C LYS A 37 6.94 6.09 2.69
N GLU A 38 8.06 6.50 2.16
CA GLU A 38 8.31 7.96 2.02
C GLU A 38 7.69 8.50 0.73
N ASN A 39 7.50 7.68 -0.26
CA ASN A 39 6.89 8.18 -1.53
C ASN A 39 6.43 7.00 -2.41
N TYR A 40 5.40 6.31 -1.99
CA TYR A 40 4.92 5.15 -2.81
C TYR A 40 3.48 4.79 -2.45
N GLU A 41 2.71 4.37 -3.42
CA GLU A 41 1.30 3.97 -3.14
C GLU A 41 1.19 2.44 -3.22
N PHE A 42 0.11 1.88 -2.75
CA PHE A 42 -0.04 0.41 -2.82
C PHE A 42 -1.48 0.02 -3.13
N LEU A 43 -1.71 -0.82 -4.09
CA LEU A 43 -3.11 -1.23 -4.38
C LEU A 43 -3.57 -2.11 -3.23
N ILE A 44 -4.42 -1.59 -2.41
CA ILE A 44 -4.89 -2.38 -1.24
C ILE A 44 -6.19 -3.13 -1.54
N LYS A 45 -6.11 -4.43 -1.68
CA LYS A 45 -7.36 -5.20 -1.92
C LYS A 45 -8.16 -5.24 -0.60
N TRP A 46 -9.07 -4.32 -0.42
CA TRP A 46 -9.84 -4.32 0.86
C TRP A 46 -10.92 -5.40 0.82
N THR A 47 -11.44 -5.76 1.97
CA THR A 47 -12.49 -6.81 2.01
C THR A 47 -13.88 -6.16 1.87
N ASP A 48 -14.92 -6.92 2.07
CA ASP A 48 -16.31 -6.36 1.94
C ASP A 48 -16.38 -5.37 0.78
N GLU A 49 -15.84 -5.73 -0.35
CA GLU A 49 -15.88 -4.81 -1.53
C GLU A 49 -17.28 -4.80 -2.15
N SER A 50 -18.25 -4.26 -1.46
CA SER A 50 -19.63 -4.23 -2.01
C SER A 50 -19.80 -3.03 -2.95
N HIS A 51 -18.80 -2.19 -3.04
CA HIS A 51 -18.91 -1.00 -3.94
C HIS A 51 -17.60 -0.82 -4.72
N LEU A 52 -16.53 -0.53 -4.03
CA LEU A 52 -15.23 -0.34 -4.73
C LEU A 52 -14.32 -1.56 -4.52
N HIS A 53 -14.00 -2.25 -5.57
CA HIS A 53 -13.12 -3.45 -5.44
C HIS A 53 -11.65 -3.05 -5.49
N ASN A 54 -10.93 -3.22 -4.41
CA ASN A 54 -9.49 -2.84 -4.39
C ASN A 54 -9.33 -1.35 -4.68
N THR A 55 -8.37 -0.72 -4.05
CA THR A 55 -8.15 0.73 -4.29
C THR A 55 -6.69 1.05 -4.02
N TRP A 56 -6.20 2.14 -4.55
CA TRP A 56 -4.77 2.49 -4.32
C TRP A 56 -4.64 3.47 -3.16
N GLU A 57 -4.20 2.99 -2.03
CA GLU A 57 -4.05 3.89 -0.85
C GLU A 57 -2.58 4.16 -0.57
N THR A 58 -2.29 4.81 0.52
CA THR A 58 -0.88 5.10 0.88
C THR A 58 -0.69 4.92 2.38
N TYR A 59 0.48 4.59 2.83
CA TYR A 59 0.69 4.40 4.28
C TYR A 59 0.01 5.52 5.06
N GLU A 60 -0.03 6.70 4.50
CA GLU A 60 -0.68 7.84 5.21
C GLU A 60 -2.19 7.59 5.36
N SER A 61 -2.69 6.58 4.71
CA SER A 61 -4.15 6.29 4.82
C SER A 61 -4.38 4.80 5.14
N ILE A 62 -3.37 4.00 5.07
CA ILE A 62 -3.53 2.55 5.37
C ILE A 62 -2.53 2.12 6.46
N GLY A 63 -1.92 3.07 7.12
CA GLY A 63 -0.94 2.72 8.19
C GLY A 63 -1.63 2.72 9.55
N GLN A 64 -2.70 1.99 9.69
CA GLN A 64 -3.40 1.94 11.01
C GLN A 64 -4.61 1.00 10.96
N VAL A 65 -4.50 -0.09 10.25
CA VAL A 65 -5.64 -1.05 10.15
C VAL A 65 -5.12 -2.43 9.76
N ARG A 66 -3.99 -2.83 10.29
CA ARG A 66 -3.39 -4.14 9.92
C ARG A 66 -2.84 -4.06 8.49
N GLY A 67 -2.97 -2.93 7.85
CA GLY A 67 -2.44 -2.78 6.47
C GLY A 67 -0.93 -2.90 6.53
N LEU A 68 -0.28 -2.05 7.27
CA LEU A 68 1.20 -2.12 7.36
C LEU A 68 1.64 -3.57 7.53
N LYS A 69 0.83 -4.38 8.16
CA LYS A 69 1.22 -5.81 8.33
C LYS A 69 1.27 -6.49 6.96
N ARG A 70 0.17 -6.55 6.28
CA ARG A 70 0.19 -7.19 4.92
C ARG A 70 0.96 -6.28 3.97
N LEU A 71 0.94 -5.00 4.22
CA LEU A 71 1.69 -4.05 3.37
C LEU A 71 3.18 -4.25 3.64
N ASP A 72 3.52 -4.56 4.85
CA ASP A 72 4.96 -4.78 5.18
C ASP A 72 5.43 -6.04 4.45
N ASN A 73 4.70 -7.12 4.59
CA ASN A 73 5.11 -8.36 3.89
C ASN A 73 5.03 -8.15 2.38
N TYR A 74 4.32 -7.13 1.94
CA TYR A 74 4.23 -6.88 0.49
C TYR A 74 5.47 -6.11 0.06
N CYS A 75 5.85 -5.12 0.81
CA CYS A 75 7.06 -4.34 0.47
C CYS A 75 8.28 -5.25 0.50
N LYS A 76 8.26 -6.22 1.37
CA LYS A 76 9.41 -7.16 1.44
C LYS A 76 9.27 -8.23 0.37
N GLN A 77 8.07 -8.49 -0.07
CA GLN A 77 7.86 -9.51 -1.13
C GLN A 77 7.80 -8.82 -2.50
N PHE A 78 7.79 -7.51 -2.51
CA PHE A 78 7.71 -6.78 -3.80
C PHE A 78 8.67 -5.59 -3.84
N ILE A 79 9.18 -5.15 -2.71
CA ILE A 79 10.10 -3.98 -2.75
C ILE A 79 11.44 -4.32 -2.08
N ILE A 80 11.46 -5.29 -1.20
CA ILE A 80 12.74 -5.64 -0.54
C ILE A 80 12.87 -7.17 -0.42
N GLU A 81 13.62 -7.65 0.53
CA GLU A 81 13.78 -9.12 0.69
C GLU A 81 13.58 -9.52 2.15
N GLN A 1 -8.26 -4.88 21.13
CA GLN A 1 -8.84 -6.16 21.63
C GLN A 1 -9.96 -6.64 20.71
N PRO A 2 -10.92 -5.77 20.50
CA PRO A 2 -12.06 -6.11 19.61
C PRO A 2 -11.64 -6.10 18.15
N GLU A 3 -12.58 -6.16 17.24
CA GLU A 3 -12.23 -6.15 15.79
C GLU A 3 -13.51 -6.34 14.96
N ASP A 4 -13.87 -5.36 14.18
CA ASP A 4 -15.10 -5.49 13.34
C ASP A 4 -14.74 -5.42 11.86
N PHE A 5 -13.58 -5.86 11.50
CA PHE A 5 -13.17 -5.83 10.06
C PHE A 5 -11.77 -6.42 9.89
N HIS A 6 -11.40 -6.74 8.68
CA HIS A 6 -10.04 -7.33 8.45
C HIS A 6 -9.05 -6.25 8.00
N GLY A 7 -9.49 -5.02 7.94
CA GLY A 7 -8.57 -3.93 7.51
C GLY A 7 -8.03 -4.22 6.11
N ILE A 8 -6.76 -4.50 5.99
CA ILE A 8 -6.17 -4.79 4.65
C ILE A 8 -6.27 -6.29 4.35
N ASP A 9 -6.74 -6.65 3.20
CA ASP A 9 -6.83 -8.10 2.86
C ASP A 9 -5.60 -8.49 2.05
N ILE A 10 -5.27 -7.73 1.04
CA ILE A 10 -4.09 -8.08 0.21
C ILE A 10 -3.60 -6.86 -0.59
N VAL A 11 -2.31 -6.74 -0.76
CA VAL A 11 -1.76 -5.61 -1.56
C VAL A 11 -1.63 -6.06 -3.02
N ILE A 12 -2.63 -5.80 -3.82
CA ILE A 12 -2.60 -6.22 -5.25
C ILE A 12 -1.34 -5.72 -5.96
N ASN A 13 -0.89 -4.53 -5.64
CA ASN A 13 0.33 -3.99 -6.31
C ASN A 13 0.68 -2.63 -5.72
N HIS A 14 1.57 -1.91 -6.34
CA HIS A 14 1.95 -0.57 -5.81
C HIS A 14 2.76 0.22 -6.83
N ARG A 15 3.03 1.47 -6.57
CA ARG A 15 3.82 2.30 -7.51
C ARG A 15 3.88 3.75 -7.03
N LEU A 16 4.72 4.55 -7.63
CA LEU A 16 4.83 5.98 -7.20
C LEU A 16 3.43 6.59 -7.01
N LYS A 17 3.15 7.07 -5.83
CA LYS A 17 1.81 7.68 -5.58
C LYS A 17 1.69 9.01 -6.34
N THR A 18 1.45 8.95 -7.62
CA THR A 18 1.33 10.21 -8.42
C THR A 18 0.28 11.13 -7.81
N SER A 19 -0.74 10.59 -7.21
CA SER A 19 -1.80 11.45 -6.62
C SER A 19 -2.39 12.39 -7.67
N LEU A 20 -2.26 12.05 -8.92
CA LEU A 20 -2.80 12.91 -10.01
C LEU A 20 -2.01 14.21 -10.12
N GLU A 21 -1.96 14.99 -9.06
CA GLU A 21 -1.20 16.27 -9.11
C GLU A 21 0.11 16.08 -9.88
N GLU A 22 0.92 15.15 -9.47
CA GLU A 22 2.21 14.91 -10.18
C GLU A 22 2.95 16.24 -10.38
N GLY A 23 3.91 16.52 -9.55
CA GLY A 23 4.67 17.79 -9.69
C GLY A 23 6.15 17.52 -9.44
N LYS A 24 6.55 16.28 -9.50
CA LYS A 24 7.98 15.93 -9.26
C LYS A 24 8.22 14.45 -9.54
N VAL A 25 8.68 14.12 -10.72
CA VAL A 25 8.93 12.69 -11.05
C VAL A 25 10.23 12.22 -10.41
N LEU A 26 10.18 11.14 -9.66
CA LEU A 26 11.41 10.63 -9.00
C LEU A 26 11.74 9.22 -9.52
N GLU A 27 12.29 9.13 -10.70
CA GLU A 27 12.63 7.79 -11.26
C GLU A 27 13.63 7.08 -10.34
N LYS A 28 13.15 6.16 -9.54
CA LYS A 28 14.06 5.43 -8.61
C LYS A 28 13.45 4.09 -8.22
N THR A 29 14.26 3.16 -7.77
CA THR A 29 13.72 1.83 -7.38
C THR A 29 13.40 1.81 -5.88
N VAL A 30 13.07 0.67 -5.35
CA VAL A 30 12.75 0.58 -3.89
C VAL A 30 13.49 -0.60 -3.26
N PRO A 31 14.49 -0.28 -2.49
CA PRO A 31 15.30 -1.31 -1.81
C PRO A 31 14.68 -1.65 -0.45
N ASP A 32 14.46 -0.67 0.37
CA ASP A 32 13.87 -0.92 1.71
C ASP A 32 12.44 -0.36 1.78
N LEU A 33 11.84 -0.40 2.93
CA LEU A 33 10.45 0.11 3.07
C LEU A 33 10.46 1.64 3.20
N ASN A 34 11.59 2.21 3.47
CA ASN A 34 11.68 3.69 3.61
C ASN A 34 11.46 4.37 2.26
N ASN A 35 12.19 3.96 1.26
CA ASN A 35 12.01 4.57 -0.09
C ASN A 35 10.53 4.59 -0.47
N CYS A 36 9.87 3.48 -0.29
CA CYS A 36 8.42 3.44 -0.62
C CYS A 36 7.64 4.23 0.42
N LYS A 37 7.88 3.97 1.67
CA LYS A 37 7.16 4.69 2.75
C LYS A 37 7.32 6.21 2.58
N GLU A 38 8.27 6.64 1.80
CA GLU A 38 8.46 8.11 1.62
C GLU A 38 7.83 8.58 0.31
N ASN A 39 7.67 7.72 -0.65
CA ASN A 39 7.05 8.15 -1.94
C ASN A 39 6.51 6.94 -2.73
N TYR A 40 5.51 6.28 -2.20
CA TYR A 40 4.95 5.10 -2.92
C TYR A 40 3.56 4.74 -2.40
N GLU A 41 2.64 4.46 -3.30
CA GLU A 41 1.27 4.06 -2.86
C GLU A 41 1.13 2.55 -3.04
N PHE A 42 0.01 1.98 -2.69
CA PHE A 42 -0.15 0.51 -2.86
C PHE A 42 -1.59 0.14 -3.15
N LEU A 43 -1.82 -0.73 -4.10
CA LEU A 43 -3.22 -1.15 -4.37
C LEU A 43 -3.67 -2.06 -3.24
N ILE A 44 -4.51 -1.56 -2.38
CA ILE A 44 -4.94 -2.38 -1.23
C ILE A 44 -6.22 -3.17 -1.52
N LYS A 45 -6.11 -4.47 -1.65
CA LYS A 45 -7.34 -5.28 -1.87
C LYS A 45 -8.09 -5.39 -0.54
N TRP A 46 -9.09 -4.58 -0.33
CA TRP A 46 -9.82 -4.64 0.97
C TRP A 46 -10.85 -5.78 0.96
N THR A 47 -11.29 -6.18 2.12
CA THR A 47 -12.30 -7.29 2.18
C THR A 47 -13.63 -6.83 1.59
N ASP A 48 -14.47 -7.75 1.22
CA ASP A 48 -15.79 -7.38 0.64
C ASP A 48 -16.86 -7.37 1.73
N GLU A 49 -16.47 -7.16 2.96
CA GLU A 49 -17.47 -7.14 4.07
C GLU A 49 -17.99 -5.72 4.29
N SER A 50 -17.19 -4.74 4.00
CA SER A 50 -17.65 -3.32 4.19
C SER A 50 -16.89 -2.39 3.26
N HIS A 51 -16.82 -2.71 1.99
CA HIS A 51 -16.09 -1.83 1.04
C HIS A 51 -16.28 -2.33 -0.40
N LEU A 52 -15.60 -1.73 -1.34
CA LEU A 52 -15.75 -2.18 -2.75
C LEU A 52 -14.93 -3.46 -2.99
N HIS A 53 -13.63 -3.35 -2.97
CA HIS A 53 -12.78 -4.55 -3.19
C HIS A 53 -11.30 -4.15 -3.20
N ASN A 54 -10.88 -3.43 -4.22
CA ASN A 54 -9.46 -3.01 -4.29
C ASN A 54 -9.37 -1.50 -4.54
N THR A 55 -8.37 -0.87 -4.01
CA THR A 55 -8.20 0.59 -4.21
C THR A 55 -6.73 0.97 -4.01
N TRP A 56 -6.34 2.12 -4.45
CA TRP A 56 -4.92 2.52 -4.27
C TRP A 56 -4.77 3.47 -3.08
N GLU A 57 -4.45 2.93 -1.94
CA GLU A 57 -4.30 3.79 -0.73
C GLU A 57 -2.81 4.07 -0.47
N THR A 58 -2.52 4.71 0.63
CA THR A 58 -1.10 5.01 0.95
C THR A 58 -0.88 4.83 2.45
N TYR A 59 0.32 4.56 2.86
CA TYR A 59 0.57 4.36 4.32
C TYR A 59 -0.15 5.44 5.13
N GLU A 60 -0.15 6.66 4.64
CA GLU A 60 -0.83 7.76 5.39
C GLU A 60 -2.34 7.50 5.48
N SER A 61 -2.82 6.51 4.78
CA SER A 61 -4.29 6.21 4.84
C SER A 61 -4.52 4.74 5.22
N ILE A 62 -3.53 3.91 5.05
CA ILE A 62 -3.70 2.46 5.40
C ILE A 62 -2.73 2.11 6.54
N GLY A 63 -2.14 3.09 7.15
CA GLY A 63 -1.20 2.82 8.28
C GLY A 63 -1.94 2.85 9.62
N GLN A 64 -2.98 2.08 9.76
CA GLN A 64 -3.73 2.08 11.05
C GLN A 64 -4.88 1.07 11.01
N VAL A 65 -4.68 -0.04 10.34
CA VAL A 65 -5.76 -1.06 10.25
C VAL A 65 -5.16 -2.43 9.94
N ARG A 66 -4.01 -2.73 10.48
CA ARG A 66 -3.36 -4.04 10.19
C ARG A 66 -2.82 -4.05 8.75
N GLY A 67 -3.01 -2.97 8.04
CA GLY A 67 -2.51 -2.91 6.65
C GLY A 67 -1.00 -2.84 6.66
N LEU A 68 -0.44 -1.96 7.42
CA LEU A 68 1.04 -1.87 7.47
C LEU A 68 1.65 -3.26 7.66
N LYS A 69 1.01 -4.12 8.40
CA LYS A 69 1.57 -5.48 8.59
C LYS A 69 1.52 -6.24 7.27
N ARG A 70 0.36 -6.40 6.69
CA ARG A 70 0.28 -7.11 5.39
C ARG A 70 0.96 -6.27 4.32
N LEU A 71 0.89 -4.98 4.45
CA LEU A 71 1.55 -4.07 3.47
C LEU A 71 3.06 -4.18 3.66
N ASP A 72 3.49 -4.25 4.89
CA ASP A 72 4.96 -4.39 5.15
C ASP A 72 5.45 -5.66 4.49
N ASN A 73 4.72 -6.74 4.64
CA ASN A 73 5.14 -8.01 4.01
C ASN A 73 5.06 -7.87 2.48
N TYR A 74 4.25 -6.95 2.00
CA TYR A 74 4.15 -6.76 0.54
C TYR A 74 5.38 -5.97 0.07
N CYS A 75 5.84 -5.07 0.88
CA CYS A 75 7.04 -4.28 0.51
C CYS A 75 8.27 -5.19 0.54
N LYS A 76 8.28 -6.14 1.44
CA LYS A 76 9.44 -7.07 1.52
C LYS A 76 9.27 -8.16 0.46
N GLN A 77 8.08 -8.37 0.00
CA GLN A 77 7.85 -9.40 -1.04
C GLN A 77 7.81 -8.72 -2.41
N PHE A 78 7.82 -7.41 -2.45
CA PHE A 78 7.77 -6.71 -3.75
C PHE A 78 8.69 -5.49 -3.78
N ILE A 79 9.22 -5.06 -2.66
CA ILE A 79 10.11 -3.86 -2.70
C ILE A 79 11.43 -4.10 -1.95
N ILE A 80 11.60 -5.23 -1.33
CA ILE A 80 12.88 -5.47 -0.60
C ILE A 80 13.28 -6.94 -0.66
N GLU A 81 12.32 -7.83 -0.67
CA GLU A 81 12.65 -9.28 -0.74
C GLU A 81 13.37 -9.72 0.54
N GLN A 1 -11.44 -9.45 24.63
CA GLN A 1 -11.73 -9.52 23.17
C GLN A 1 -12.90 -8.61 22.81
N PRO A 2 -12.59 -7.38 22.49
CA PRO A 2 -13.63 -6.40 22.13
C PRO A 2 -14.18 -6.70 20.73
N GLU A 3 -13.51 -6.24 19.71
CA GLU A 3 -14.00 -6.49 18.33
C GLU A 3 -12.80 -6.79 17.41
N ASP A 4 -13.05 -7.43 16.30
CA ASP A 4 -11.93 -7.74 15.36
C ASP A 4 -12.25 -7.22 13.96
N PHE A 5 -12.57 -5.96 13.85
CA PHE A 5 -12.90 -5.40 12.50
C PHE A 5 -11.88 -5.87 11.47
N HIS A 6 -12.26 -5.90 10.22
CA HIS A 6 -11.31 -6.37 9.17
C HIS A 6 -10.51 -5.18 8.62
N GLY A 7 -9.40 -5.43 8.00
CA GLY A 7 -8.57 -4.32 7.45
C GLY A 7 -8.06 -4.69 6.06
N ILE A 8 -6.79 -4.48 5.82
CA ILE A 8 -6.22 -4.80 4.48
C ILE A 8 -6.31 -6.31 4.20
N ASP A 9 -6.73 -6.69 3.04
CA ASP A 9 -6.82 -8.15 2.72
C ASP A 9 -5.58 -8.55 1.92
N ILE A 10 -5.26 -7.80 0.90
CA ILE A 10 -4.07 -8.15 0.07
C ILE A 10 -3.53 -6.93 -0.67
N VAL A 11 -2.24 -6.86 -0.85
CA VAL A 11 -1.64 -5.73 -1.60
C VAL A 11 -1.51 -6.14 -3.08
N ILE A 12 -2.48 -5.81 -3.88
CA ILE A 12 -2.45 -6.20 -5.31
C ILE A 12 -1.17 -5.71 -5.99
N ASN A 13 -0.73 -4.52 -5.66
CA ASN A 13 0.50 -3.97 -6.29
C ASN A 13 0.83 -2.61 -5.70
N HIS A 14 1.74 -1.88 -6.30
CA HIS A 14 2.08 -0.54 -5.74
C HIS A 14 2.86 0.28 -6.76
N ARG A 15 3.25 1.47 -6.39
CA ARG A 15 4.03 2.34 -7.31
C ARG A 15 4.14 3.75 -6.73
N LEU A 16 5.02 4.56 -7.27
CA LEU A 16 5.17 5.95 -6.75
C LEU A 16 3.79 6.56 -6.47
N LYS A 17 3.70 7.38 -5.45
CA LYS A 17 2.39 8.01 -5.12
C LYS A 17 2.38 9.49 -5.53
N THR A 18 2.92 9.80 -6.68
CA THR A 18 2.95 11.22 -7.12
C THR A 18 1.57 11.66 -7.60
N SER A 19 0.85 10.77 -8.25
CA SER A 19 -0.51 11.13 -8.75
C SER A 19 -0.41 12.20 -9.84
N LEU A 20 -0.05 13.40 -9.47
CA LEU A 20 0.06 14.49 -10.50
C LEU A 20 1.22 14.19 -11.45
N GLU A 21 2.03 13.20 -11.14
CA GLU A 21 3.17 12.86 -12.04
C GLU A 21 4.15 14.03 -12.11
N GLU A 22 4.38 14.70 -11.01
CA GLU A 22 5.33 15.84 -11.01
C GLU A 22 6.74 15.37 -11.35
N GLY A 23 7.73 16.17 -11.06
CA GLY A 23 9.13 15.76 -11.38
C GLY A 23 9.94 15.66 -10.09
N LYS A 24 10.45 16.78 -9.62
CA LYS A 24 11.25 16.75 -8.36
C LYS A 24 12.32 15.65 -8.44
N VAL A 25 13.04 15.44 -7.37
CA VAL A 25 14.09 14.37 -7.39
C VAL A 25 14.11 13.61 -6.07
N LEU A 26 14.43 12.35 -6.10
CA LEU A 26 14.47 11.54 -4.85
C LEU A 26 14.89 10.10 -5.16
N GLU A 27 15.92 9.94 -5.95
CA GLU A 27 16.37 8.57 -6.30
C GLU A 27 15.22 7.77 -6.91
N LYS A 28 15.41 6.51 -7.19
CA LYS A 28 14.32 5.70 -7.78
C LYS A 28 14.39 4.26 -7.26
N THR A 29 13.60 3.38 -7.80
CA THR A 29 13.61 1.97 -7.33
C THR A 29 13.28 1.91 -5.84
N VAL A 30 12.99 0.74 -5.32
CA VAL A 30 12.66 0.63 -3.87
C VAL A 30 13.36 -0.60 -3.28
N PRO A 31 14.43 -0.34 -2.59
CA PRO A 31 15.20 -1.43 -1.95
C PRO A 31 14.68 -1.73 -0.56
N ASP A 32 14.39 -0.72 0.22
CA ASP A 32 13.87 -0.95 1.60
C ASP A 32 12.45 -0.40 1.74
N LEU A 33 11.90 -0.45 2.92
CA LEU A 33 10.52 0.08 3.13
C LEU A 33 10.53 1.61 3.16
N ASN A 34 11.58 2.20 3.67
CA ASN A 34 11.65 3.68 3.73
C ASN A 34 11.37 4.28 2.35
N ASN A 35 12.20 3.95 1.39
CA ASN A 35 11.99 4.50 0.01
C ASN A 35 10.50 4.50 -0.35
N CYS A 36 9.86 3.37 -0.22
CA CYS A 36 8.40 3.31 -0.55
C CYS A 36 7.61 4.08 0.50
N LYS A 37 7.81 3.76 1.75
CA LYS A 37 7.07 4.47 2.83
C LYS A 37 7.25 5.99 2.72
N GLU A 38 8.23 6.44 2.01
CA GLU A 38 8.45 7.91 1.90
C GLU A 38 7.85 8.46 0.60
N ASN A 39 7.66 7.63 -0.39
CA ASN A 39 7.07 8.13 -1.67
C ASN A 39 6.56 6.98 -2.54
N TYR A 40 5.52 6.32 -2.10
CA TYR A 40 4.99 5.18 -2.91
C TYR A 40 3.56 4.83 -2.49
N GLU A 41 2.72 4.52 -3.43
CA GLU A 41 1.31 4.14 -3.10
C GLU A 41 1.20 2.62 -3.11
N PHE A 42 0.04 2.08 -2.85
CA PHE A 42 -0.09 0.59 -2.86
C PHE A 42 -1.52 0.17 -3.19
N LEU A 43 -1.69 -0.67 -4.17
CA LEU A 43 -3.07 -1.12 -4.48
C LEU A 43 -3.51 -2.03 -3.35
N ILE A 44 -4.48 -1.61 -2.60
CA ILE A 44 -4.90 -2.44 -1.45
C ILE A 44 -6.16 -3.25 -1.74
N LYS A 45 -6.03 -4.53 -1.89
CA LYS A 45 -7.25 -5.37 -2.10
C LYS A 45 -7.98 -5.50 -0.75
N TRP A 46 -8.99 -4.71 -0.53
CA TRP A 46 -9.72 -4.79 0.76
C TRP A 46 -10.73 -5.94 0.73
N THR A 47 -11.82 -5.80 1.43
CA THR A 47 -12.84 -6.88 1.43
C THR A 47 -13.61 -6.89 0.11
N ASP A 48 -14.29 -7.96 -0.19
CA ASP A 48 -15.06 -8.03 -1.47
C ASP A 48 -16.56 -8.02 -1.18
N GLU A 49 -16.99 -8.76 -0.20
CA GLU A 49 -18.44 -8.80 0.13
C GLU A 49 -19.26 -9.19 -1.10
N SER A 50 -19.56 -8.25 -1.95
CA SER A 50 -20.37 -8.58 -3.17
C SER A 50 -19.51 -8.42 -4.43
N HIS A 51 -18.55 -7.53 -4.40
CA HIS A 51 -17.68 -7.34 -5.59
C HIS A 51 -16.28 -6.89 -5.17
N LEU A 52 -15.33 -6.92 -6.07
CA LEU A 52 -13.95 -6.50 -5.72
C LEU A 52 -13.96 -5.10 -5.10
N HIS A 53 -13.05 -4.83 -4.20
CA HIS A 53 -13.00 -3.48 -3.56
C HIS A 53 -11.57 -2.95 -3.59
N ASN A 54 -10.74 -3.49 -4.43
CA ASN A 54 -9.34 -3.02 -4.51
C ASN A 54 -9.28 -1.51 -4.75
N THR A 55 -8.31 -0.87 -4.18
CA THR A 55 -8.18 0.60 -4.36
C THR A 55 -6.72 0.99 -4.13
N TRP A 56 -6.34 2.16 -4.55
CA TRP A 56 -4.92 2.57 -4.35
C TRP A 56 -4.80 3.52 -3.16
N GLU A 57 -4.36 3.01 -2.04
CA GLU A 57 -4.22 3.87 -0.83
C GLU A 57 -2.74 4.18 -0.58
N THR A 58 -2.45 4.79 0.54
CA THR A 58 -1.05 5.13 0.87
C THR A 58 -0.82 4.88 2.36
N TYR A 59 0.39 4.57 2.74
CA TYR A 59 0.64 4.30 4.18
C TYR A 59 -0.05 5.35 5.06
N GLU A 60 -0.05 6.58 4.63
CA GLU A 60 -0.71 7.65 5.45
C GLU A 60 -2.22 7.38 5.56
N SER A 61 -2.73 6.43 4.82
CA SER A 61 -4.19 6.13 4.90
C SER A 61 -4.42 4.65 5.19
N ILE A 62 -3.44 3.82 4.91
CA ILE A 62 -3.62 2.35 5.17
C ILE A 62 -2.64 1.92 6.26
N GLY A 63 -1.98 2.85 6.89
CA GLY A 63 -1.01 2.48 7.97
C GLY A 63 -1.71 2.54 9.33
N GLN A 64 -2.86 1.93 9.44
CA GLN A 64 -3.58 1.96 10.74
C GLN A 64 -4.75 0.95 10.73
N VAL A 65 -4.64 -0.08 9.94
CA VAL A 65 -5.73 -1.09 9.89
C VAL A 65 -5.17 -2.47 9.54
N ARG A 66 -4.05 -2.81 10.11
CA ARG A 66 -3.41 -4.14 9.80
C ARG A 66 -2.81 -4.11 8.39
N GLY A 67 -2.99 -3.02 7.68
CA GLY A 67 -2.42 -2.93 6.32
C GLY A 67 -0.91 -2.98 6.42
N LEU A 68 -0.32 -2.14 7.21
CA LEU A 68 1.17 -2.15 7.35
C LEU A 68 1.66 -3.59 7.50
N LYS A 69 0.90 -4.43 8.14
CA LYS A 69 1.35 -5.85 8.29
C LYS A 69 1.39 -6.52 6.93
N ARG A 70 0.27 -6.60 6.25
CA ARG A 70 0.27 -7.24 4.91
C ARG A 70 1.04 -6.34 3.94
N LEU A 71 1.02 -5.05 4.18
CA LEU A 71 1.75 -4.10 3.32
C LEU A 71 3.24 -4.27 3.57
N ASP A 72 3.60 -4.53 4.80
CA ASP A 72 5.03 -4.73 5.13
C ASP A 72 5.52 -5.97 4.40
N ASN A 73 4.77 -7.04 4.47
CA ASN A 73 5.19 -8.29 3.77
C ASN A 73 5.14 -8.06 2.26
N TYR A 74 4.40 -7.07 1.81
CA TYR A 74 4.35 -6.79 0.35
C TYR A 74 5.60 -6.03 -0.05
N CYS A 75 5.99 -5.08 0.77
CA CYS A 75 7.22 -4.30 0.45
C CYS A 75 8.44 -5.21 0.49
N LYS A 76 8.42 -6.19 1.35
CA LYS A 76 9.57 -7.13 1.44
C LYS A 76 9.47 -8.18 0.33
N GLN A 77 8.28 -8.42 -0.15
CA GLN A 77 8.10 -9.43 -1.24
C GLN A 77 8.08 -8.72 -2.59
N PHE A 78 8.03 -7.41 -2.58
CA PHE A 78 8.00 -6.66 -3.86
C PHE A 78 8.95 -5.45 -3.83
N ILE A 79 9.42 -5.05 -2.68
CA ILE A 79 10.33 -3.86 -2.65
C ILE A 79 11.62 -4.17 -1.87
N ILE A 80 11.64 -5.23 -1.11
CA ILE A 80 12.89 -5.55 -0.34
C ILE A 80 13.09 -7.07 -0.28
N GLU A 81 14.01 -7.52 0.53
CA GLU A 81 14.23 -8.99 0.63
C GLU A 81 13.68 -9.53 1.95
N GLN A 1 -20.22 -7.68 18.08
CA GLN A 1 -19.57 -7.16 16.85
C GLN A 1 -20.60 -6.44 15.97
N PRO A 2 -20.92 -5.24 16.36
CA PRO A 2 -21.91 -4.43 15.60
C PRO A 2 -21.30 -3.90 14.29
N GLU A 3 -20.03 -4.12 14.08
CA GLU A 3 -19.38 -3.63 12.83
C GLU A 3 -18.61 -4.76 12.15
N ASP A 4 -18.60 -4.78 10.84
CA ASP A 4 -17.86 -5.85 10.12
C ASP A 4 -16.34 -5.63 10.23
N PHE A 5 -15.78 -4.93 9.28
CA PHE A 5 -14.30 -4.67 9.34
C PHE A 5 -13.87 -3.79 8.17
N HIS A 6 -12.58 -3.55 8.05
CA HIS A 6 -12.09 -2.69 6.94
C HIS A 6 -10.55 -2.65 6.96
N GLY A 7 -9.93 -3.77 7.25
CA GLY A 7 -8.44 -3.79 7.29
C GLY A 7 -7.88 -4.12 5.90
N ILE A 8 -6.60 -4.36 5.82
CA ILE A 8 -6.01 -4.69 4.49
C ILE A 8 -6.10 -6.20 4.23
N ASP A 9 -6.70 -6.60 3.13
CA ASP A 9 -6.80 -8.05 2.83
C ASP A 9 -5.59 -8.48 2.01
N ILE A 10 -5.25 -7.72 1.01
CA ILE A 10 -4.07 -8.10 0.17
C ILE A 10 -3.54 -6.88 -0.60
N VAL A 11 -2.26 -6.77 -0.70
CA VAL A 11 -1.66 -5.64 -1.48
C VAL A 11 -1.53 -6.08 -2.94
N ILE A 12 -2.50 -5.76 -3.75
CA ILE A 12 -2.47 -6.18 -5.18
C ILE A 12 -1.19 -5.67 -5.87
N ASN A 13 -0.79 -4.47 -5.59
CA ASN A 13 0.43 -3.91 -6.24
C ASN A 13 0.78 -2.55 -5.62
N HIS A 14 1.66 -1.82 -6.23
CA HIS A 14 2.02 -0.48 -5.67
C HIS A 14 2.88 0.32 -6.65
N ARG A 15 3.23 1.53 -6.30
CA ARG A 15 4.08 2.37 -7.18
C ARG A 15 4.05 3.82 -6.70
N LEU A 16 4.87 4.66 -7.27
CA LEU A 16 4.89 6.10 -6.84
C LEU A 16 3.45 6.60 -6.63
N LYS A 17 3.25 7.44 -5.65
CA LYS A 17 1.87 7.97 -5.40
C LYS A 17 1.48 8.96 -6.51
N THR A 18 0.43 9.69 -6.31
CA THR A 18 0.00 10.67 -7.35
C THR A 18 0.03 10.02 -8.74
N SER A 19 1.12 10.17 -9.45
CA SER A 19 1.20 9.54 -10.80
C SER A 19 2.49 10.00 -11.52
N LEU A 20 3.57 10.11 -10.80
CA LEU A 20 4.85 10.55 -11.43
C LEU A 20 4.77 12.04 -11.81
N GLU A 21 3.69 12.69 -11.50
CA GLU A 21 3.57 14.13 -11.84
C GLU A 21 4.15 14.99 -10.71
N GLU A 22 5.14 14.48 -10.03
CA GLU A 22 5.74 15.26 -8.90
C GLU A 22 7.12 15.78 -9.30
N GLY A 23 7.30 16.13 -10.55
CA GLY A 23 8.62 16.64 -11.00
C GLY A 23 9.56 15.47 -11.25
N LYS A 24 9.14 14.27 -10.94
CA LYS A 24 10.03 13.09 -11.17
C LYS A 24 11.42 13.36 -10.58
N VAL A 25 11.67 12.91 -9.39
CA VAL A 25 13.01 13.15 -8.77
C VAL A 25 13.30 12.06 -7.72
N LEU A 26 12.43 11.91 -6.78
CA LEU A 26 12.66 10.86 -5.72
C LEU A 26 12.81 9.49 -6.38
N GLU A 27 12.34 9.34 -7.58
CA GLU A 27 12.46 8.02 -8.26
C GLU A 27 13.86 7.44 -8.07
N LYS A 28 13.96 6.16 -7.84
CA LYS A 28 15.29 5.53 -7.64
C LYS A 28 15.12 4.10 -7.13
N THR A 29 14.12 3.41 -7.61
CA THR A 29 13.90 2.01 -7.15
C THR A 29 13.54 1.99 -5.66
N VAL A 30 12.96 0.93 -5.19
CA VAL A 30 12.58 0.85 -3.76
C VAL A 30 13.39 -0.26 -3.07
N PRO A 31 14.39 0.15 -2.34
CA PRO A 31 15.25 -0.81 -1.63
C PRO A 31 14.67 -1.16 -0.26
N ASP A 32 14.31 -0.17 0.50
CA ASP A 32 13.76 -0.43 1.85
C ASP A 32 12.32 0.09 1.94
N LEU A 33 11.62 -0.25 2.99
CA LEU A 33 10.22 0.23 3.14
C LEU A 33 10.19 1.75 3.26
N ASN A 34 11.32 2.34 3.58
CA ASN A 34 11.36 3.84 3.71
C ASN A 34 11.04 4.50 2.37
N ASN A 35 11.86 4.28 1.39
CA ASN A 35 11.62 4.90 0.05
C ASN A 35 10.14 4.76 -0.34
N CYS A 36 9.54 3.66 0.00
CA CYS A 36 8.10 3.46 -0.35
C CYS A 36 7.20 4.27 0.59
N LYS A 37 7.14 3.89 1.84
CA LYS A 37 6.26 4.63 2.81
C LYS A 37 6.44 6.15 2.68
N GLU A 38 7.53 6.60 2.11
CA GLU A 38 7.73 8.07 1.99
C GLU A 38 7.21 8.59 0.64
N ASN A 39 7.26 7.78 -0.39
CA ASN A 39 6.76 8.26 -1.72
C ASN A 39 6.30 7.08 -2.57
N TYR A 40 5.28 6.39 -2.14
CA TYR A 40 4.78 5.24 -2.93
C TYR A 40 3.34 4.89 -2.55
N GLU A 41 2.52 4.59 -3.51
CA GLU A 41 1.11 4.21 -3.22
C GLU A 41 1.02 2.68 -3.24
N PHE A 42 -0.08 2.13 -2.81
CA PHE A 42 -0.18 0.64 -2.83
C PHE A 42 -1.62 0.21 -3.14
N LEU A 43 -1.80 -0.63 -4.12
CA LEU A 43 -3.18 -1.10 -4.41
C LEU A 43 -3.62 -2.00 -3.26
N ILE A 44 -4.53 -1.55 -2.47
CA ILE A 44 -4.95 -2.36 -1.30
C ILE A 44 -6.22 -3.17 -1.58
N LYS A 45 -6.10 -4.47 -1.71
CA LYS A 45 -7.31 -5.29 -1.92
C LYS A 45 -8.08 -5.38 -0.59
N TRP A 46 -9.05 -4.54 -0.39
CA TRP A 46 -9.80 -4.58 0.89
C TRP A 46 -10.84 -5.71 0.86
N THR A 47 -11.99 -5.48 1.42
CA THR A 47 -13.05 -6.54 1.42
C THR A 47 -14.38 -5.95 1.88
N ASP A 48 -15.13 -6.68 2.68
CA ASP A 48 -16.43 -6.17 3.17
C ASP A 48 -17.35 -5.86 1.99
N GLU A 49 -18.52 -5.33 2.27
CA GLU A 49 -19.46 -5.00 1.17
C GLU A 49 -19.34 -3.52 0.77
N SER A 50 -18.43 -3.22 -0.12
CA SER A 50 -18.26 -1.80 -0.54
C SER A 50 -18.45 -1.68 -2.05
N HIS A 51 -18.22 -0.51 -2.60
CA HIS A 51 -18.39 -0.33 -4.07
C HIS A 51 -17.21 -0.94 -4.82
N LEU A 52 -16.02 -0.76 -4.31
CA LEU A 52 -14.82 -1.33 -4.99
C LEU A 52 -14.05 -2.24 -4.03
N HIS A 53 -13.58 -3.35 -4.51
CA HIS A 53 -12.81 -4.29 -3.62
C HIS A 53 -11.37 -3.79 -3.44
N ASN A 54 -10.72 -3.46 -4.53
CA ASN A 54 -9.31 -2.97 -4.43
C ASN A 54 -9.24 -1.47 -4.69
N THR A 55 -8.25 -0.83 -4.12
CA THR A 55 -8.10 0.64 -4.31
C THR A 55 -6.63 1.01 -4.14
N TRP A 56 -6.26 2.19 -4.52
CA TRP A 56 -4.83 2.59 -4.38
C TRP A 56 -4.66 3.56 -3.20
N GLU A 57 -4.37 3.02 -2.04
CA GLU A 57 -4.19 3.90 -0.84
C GLU A 57 -2.70 4.13 -0.58
N THR A 58 -2.38 4.73 0.52
CA THR A 58 -0.95 4.99 0.84
C THR A 58 -0.72 4.75 2.33
N TYR A 59 0.48 4.43 2.71
CA TYR A 59 0.75 4.20 4.16
C TYR A 59 0.12 5.31 5.01
N GLU A 60 0.15 6.51 4.52
CA GLU A 60 -0.44 7.64 5.31
C GLU A 60 -1.95 7.45 5.45
N SER A 61 -2.50 6.49 4.75
CA SER A 61 -3.97 6.24 4.84
C SER A 61 -4.24 4.79 5.22
N ILE A 62 -3.30 3.91 4.97
CA ILE A 62 -3.49 2.48 5.32
C ILE A 62 -2.46 2.06 6.37
N GLY A 63 -1.75 3.00 6.92
CA GLY A 63 -0.73 2.66 7.94
C GLY A 63 -1.36 2.67 9.35
N GLN A 64 -2.39 1.88 9.54
CA GLN A 64 -3.05 1.84 10.88
C GLN A 64 -4.28 0.93 10.85
N VAL A 65 -4.23 -0.10 10.06
CA VAL A 65 -5.38 -1.04 9.98
C VAL A 65 -4.90 -2.43 9.57
N ARG A 66 -3.80 -2.87 10.13
CA ARG A 66 -3.24 -4.21 9.76
C ARG A 66 -2.62 -4.13 8.36
N GLY A 67 -2.70 -2.99 7.72
CA GLY A 67 -2.12 -2.84 6.37
C GLY A 67 -0.61 -2.95 6.46
N LEU A 68 0.02 -2.12 7.23
CA LEU A 68 1.50 -2.18 7.36
C LEU A 68 1.96 -3.64 7.49
N LYS A 69 1.19 -4.46 8.16
CA LYS A 69 1.60 -5.89 8.30
C LYS A 69 1.60 -6.56 6.94
N ARG A 70 0.47 -6.60 6.27
CA ARG A 70 0.42 -7.23 4.93
C ARG A 70 1.18 -6.35 3.94
N LEU A 71 1.23 -5.08 4.20
CA LEU A 71 1.96 -4.15 3.31
C LEU A 71 3.46 -4.32 3.54
N ASP A 72 3.83 -4.61 4.77
CA ASP A 72 5.27 -4.82 5.07
C ASP A 72 5.74 -6.08 4.35
N ASN A 73 5.00 -7.15 4.48
CA ASN A 73 5.39 -8.41 3.79
C ASN A 73 5.29 -8.20 2.27
N TYR A 74 4.47 -7.28 1.84
CA TYR A 74 4.35 -7.02 0.39
C TYR A 74 5.51 -6.15 -0.07
N CYS A 75 5.96 -5.27 0.79
CA CYS A 75 7.10 -4.40 0.42
C CYS A 75 8.38 -5.23 0.36
N LYS A 76 8.48 -6.21 1.21
CA LYS A 76 9.69 -7.07 1.20
C LYS A 76 9.56 -8.13 0.09
N GLN A 77 8.36 -8.44 -0.29
CA GLN A 77 8.16 -9.44 -1.37
C GLN A 77 8.07 -8.72 -2.72
N PHE A 78 8.00 -7.43 -2.71
CA PHE A 78 7.90 -6.68 -3.99
C PHE A 78 8.82 -5.45 -4.00
N ILE A 79 9.27 -4.99 -2.86
CA ILE A 79 10.17 -3.80 -2.85
C ILE A 79 11.50 -4.12 -2.17
N ILE A 80 11.51 -5.03 -1.24
CA ILE A 80 12.79 -5.37 -0.55
C ILE A 80 13.02 -6.88 -0.58
N GLU A 81 13.59 -7.43 0.46
CA GLU A 81 13.85 -8.90 0.48
C GLU A 81 14.30 -9.34 1.87
N GLN A 1 -10.48 -5.03 24.02
CA GLN A 1 -11.22 -5.80 22.97
C GLN A 1 -10.28 -6.12 21.80
N PRO A 2 -10.37 -7.34 21.33
CA PRO A 2 -9.52 -7.77 20.19
C PRO A 2 -10.00 -7.13 18.89
N GLU A 3 -9.36 -7.43 17.79
CA GLU A 3 -9.79 -6.83 16.49
C GLU A 3 -11.11 -7.45 16.03
N ASP A 4 -12.03 -6.65 15.61
CA ASP A 4 -13.35 -7.19 15.14
C ASP A 4 -13.67 -6.67 13.74
N PHE A 5 -12.74 -6.82 12.83
CA PHE A 5 -12.98 -6.33 11.44
C PHE A 5 -11.82 -6.74 10.53
N HIS A 6 -11.98 -6.60 9.24
CA HIS A 6 -10.89 -6.98 8.31
C HIS A 6 -10.31 -5.73 7.62
N GLY A 7 -9.31 -5.14 8.21
CA GLY A 7 -8.71 -3.91 7.61
C GLY A 7 -8.20 -4.24 6.19
N ILE A 8 -6.92 -4.43 6.04
CA ILE A 8 -6.36 -4.74 4.69
C ILE A 8 -6.46 -6.24 4.40
N ASP A 9 -6.88 -6.60 3.22
CA ASP A 9 -6.96 -8.05 2.88
C ASP A 9 -5.72 -8.46 2.09
N ILE A 10 -5.37 -7.69 1.08
CA ILE A 10 -4.17 -8.04 0.27
C ILE A 10 -3.66 -6.82 -0.50
N VAL A 11 -2.39 -6.79 -0.78
CA VAL A 11 -1.81 -5.66 -1.54
C VAL A 11 -1.68 -6.08 -3.02
N ILE A 12 -2.67 -5.78 -3.81
CA ILE A 12 -2.64 -6.18 -5.25
C ILE A 12 -1.37 -5.70 -5.96
N ASN A 13 -0.90 -4.53 -5.62
CA ASN A 13 0.32 -4.02 -6.29
C ASN A 13 0.70 -2.65 -5.71
N HIS A 14 1.59 -1.95 -6.33
CA HIS A 14 1.99 -0.62 -5.78
C HIS A 14 2.80 0.17 -6.83
N ARG A 15 3.13 1.40 -6.52
CA ARG A 15 3.93 2.21 -7.49
C ARG A 15 4.09 3.65 -6.96
N LEU A 16 4.92 4.43 -7.60
CA LEU A 16 5.13 5.83 -7.13
C LEU A 16 3.79 6.47 -6.73
N LYS A 17 3.74 7.07 -5.58
CA LYS A 17 2.47 7.71 -5.13
C LYS A 17 2.09 8.85 -6.06
N THR A 18 1.05 9.58 -5.76
CA THR A 18 0.63 10.72 -6.63
C THR A 18 0.00 10.19 -7.93
N SER A 19 0.67 9.30 -8.61
CA SER A 19 0.12 8.76 -9.89
C SER A 19 0.17 9.83 -10.98
N LEU A 20 1.25 9.89 -11.72
CA LEU A 20 1.36 10.91 -12.78
C LEU A 20 0.88 12.27 -12.24
N GLU A 21 0.14 13.01 -13.01
CA GLU A 21 -0.35 14.32 -12.52
C GLU A 21 0.78 15.09 -11.83
N GLU A 22 1.92 15.16 -12.46
CA GLU A 22 3.06 15.89 -11.84
C GLU A 22 4.27 15.90 -12.78
N GLY A 23 5.45 16.05 -12.25
CA GLY A 23 6.67 16.07 -13.13
C GLY A 23 7.92 16.07 -12.26
N LYS A 24 8.36 14.92 -11.83
CA LYS A 24 9.59 14.85 -10.97
C LYS A 24 10.30 13.51 -11.17
N VAL A 25 11.22 13.18 -10.30
CA VAL A 25 11.94 11.89 -10.44
C VAL A 25 12.17 11.26 -9.07
N LEU A 26 12.90 11.93 -8.22
CA LEU A 26 13.16 11.38 -6.86
C LEU A 26 13.82 9.99 -6.97
N GLU A 27 13.07 8.94 -6.75
CA GLU A 27 13.68 7.57 -6.85
C GLU A 27 13.03 6.79 -8.00
N LYS A 28 13.67 5.76 -8.45
CA LYS A 28 13.09 4.96 -9.57
C LYS A 28 12.68 3.57 -9.07
N THR A 29 13.41 3.02 -8.14
CA THR A 29 13.06 1.67 -7.61
C THR A 29 12.84 1.74 -6.10
N VAL A 30 12.71 0.60 -5.46
CA VAL A 30 12.50 0.58 -3.98
C VAL A 30 13.40 -0.47 -3.33
N PRO A 31 14.39 0.01 -2.62
CA PRO A 31 15.33 -0.88 -1.94
C PRO A 31 14.83 -1.23 -0.53
N ASP A 32 14.45 -0.24 0.21
CA ASP A 32 13.96 -0.50 1.60
C ASP A 32 12.51 -0.02 1.74
N LEU A 33 11.97 -0.09 2.93
CA LEU A 33 10.56 0.36 3.14
C LEU A 33 10.51 1.89 3.29
N ASN A 34 11.58 2.50 3.74
CA ASN A 34 11.57 3.97 3.91
C ASN A 34 11.41 4.66 2.55
N ASN A 35 11.98 4.09 1.52
CA ASN A 35 11.86 4.71 0.17
C ASN A 35 10.39 4.72 -0.27
N CYS A 36 9.71 3.64 -0.05
CA CYS A 36 8.27 3.57 -0.45
C CYS A 36 7.43 4.51 0.43
N LYS A 37 7.37 4.23 1.70
CA LYS A 37 6.57 5.07 2.62
C LYS A 37 6.85 6.56 2.38
N GLU A 38 8.00 6.89 1.86
CA GLU A 38 8.32 8.33 1.61
C GLU A 38 7.79 8.77 0.24
N ASN A 39 7.65 7.85 -0.69
CA ASN A 39 7.14 8.23 -2.04
C ASN A 39 6.58 7.02 -2.78
N TYR A 40 5.53 6.42 -2.29
CA TYR A 40 4.96 5.24 -2.99
C TYR A 40 3.52 4.97 -2.55
N GLU A 41 2.75 4.37 -3.42
CA GLU A 41 1.34 4.03 -3.08
C GLU A 41 1.18 2.51 -3.18
N PHE A 42 0.07 1.97 -2.77
CA PHE A 42 -0.11 0.49 -2.86
C PHE A 42 -1.55 0.12 -3.16
N LEU A 43 -1.79 -0.73 -4.12
CA LEU A 43 -3.18 -1.14 -4.40
C LEU A 43 -3.64 -2.04 -3.26
N ILE A 44 -4.50 -1.56 -2.43
CA ILE A 44 -4.93 -2.39 -1.28
C ILE A 44 -6.23 -3.15 -1.56
N LYS A 45 -6.13 -4.44 -1.70
CA LYS A 45 -7.37 -5.25 -1.92
C LYS A 45 -8.14 -5.34 -0.59
N TRP A 46 -9.13 -4.51 -0.41
CA TRP A 46 -9.90 -4.55 0.87
C TRP A 46 -10.98 -5.64 0.79
N THR A 47 -11.72 -5.82 1.84
CA THR A 47 -12.79 -6.87 1.81
C THR A 47 -13.66 -6.69 0.57
N ASP A 48 -14.39 -7.70 0.18
CA ASP A 48 -15.25 -7.58 -1.02
C ASP A 48 -16.72 -7.48 -0.61
N GLU A 49 -17.01 -7.63 0.65
CA GLU A 49 -18.43 -7.54 1.11
C GLU A 49 -18.78 -6.10 1.48
N SER A 50 -17.84 -5.20 1.40
CA SER A 50 -18.13 -3.78 1.76
C SER A 50 -17.22 -2.83 0.96
N HIS A 51 -17.75 -1.71 0.55
CA HIS A 51 -16.92 -0.73 -0.22
C HIS A 51 -16.45 -1.36 -1.54
N LEU A 52 -15.37 -0.86 -2.09
CA LEU A 52 -14.86 -1.41 -3.38
C LEU A 52 -14.07 -2.70 -3.13
N HIS A 53 -13.58 -3.32 -4.16
CA HIS A 53 -12.80 -4.58 -4.00
C HIS A 53 -11.31 -4.27 -3.94
N ASN A 54 -10.91 -3.12 -4.42
CA ASN A 54 -9.47 -2.76 -4.42
C ASN A 54 -9.31 -1.25 -4.65
N THR A 55 -8.34 -0.66 -4.02
CA THR A 55 -8.12 0.80 -4.19
C THR A 55 -6.65 1.12 -3.94
N TRP A 56 -6.17 2.21 -4.45
CA TRP A 56 -4.74 2.55 -4.24
C TRP A 56 -4.58 3.49 -3.05
N GLU A 57 -4.19 2.97 -1.92
CA GLU A 57 -4.02 3.83 -0.71
C GLU A 57 -2.54 4.07 -0.44
N THR A 58 -2.24 4.69 0.68
CA THR A 58 -0.82 4.98 1.03
C THR A 58 -0.63 4.74 2.53
N TYR A 59 0.55 4.43 2.96
CA TYR A 59 0.75 4.18 4.41
C TYR A 59 0.05 5.27 5.22
N GLU A 60 0.07 6.48 4.75
CA GLU A 60 -0.60 7.60 5.49
C GLU A 60 -2.12 7.38 5.51
N SER A 61 -2.60 6.41 4.78
CA SER A 61 -4.07 6.15 4.77
C SER A 61 -4.35 4.69 5.13
N ILE A 62 -3.35 3.85 5.07
CA ILE A 62 -3.55 2.42 5.41
C ILE A 62 -2.59 2.03 6.55
N GLY A 63 -1.96 3.00 7.15
CA GLY A 63 -1.01 2.70 8.26
C GLY A 63 -1.75 2.74 9.60
N GLN A 64 -2.77 1.94 9.74
CA GLN A 64 -3.53 1.93 11.03
C GLN A 64 -4.74 1.00 10.94
N VAL A 65 -4.62 -0.06 10.17
CA VAL A 65 -5.77 -1.01 10.04
C VAL A 65 -5.23 -2.39 9.65
N ARG A 66 -4.11 -2.78 10.19
CA ARG A 66 -3.53 -4.11 9.85
C ARG A 66 -2.96 -4.05 8.42
N GLY A 67 -3.07 -2.92 7.78
CA GLY A 67 -2.54 -2.79 6.39
C GLY A 67 -1.02 -2.87 6.44
N LEU A 68 -0.39 -1.98 7.14
CA LEU A 68 1.09 -2.01 7.22
C LEU A 68 1.57 -3.44 7.43
N LYS A 69 0.81 -4.25 8.12
CA LYS A 69 1.26 -5.65 8.35
C LYS A 69 1.27 -6.40 7.01
N ARG A 70 0.15 -6.52 6.37
CA ARG A 70 0.12 -7.22 5.06
C ARG A 70 0.86 -6.36 4.05
N LEU A 71 0.82 -5.07 4.22
CA LEU A 71 1.53 -4.16 3.30
C LEU A 71 3.02 -4.31 3.52
N ASP A 72 3.42 -4.46 4.75
CA ASP A 72 4.88 -4.63 5.04
C ASP A 72 5.36 -5.91 4.36
N ASN A 73 4.64 -6.98 4.53
CA ASN A 73 5.04 -8.25 3.88
C ASN A 73 4.94 -8.10 2.36
N TYR A 74 4.19 -7.13 1.90
CA TYR A 74 4.08 -6.91 0.43
C TYR A 74 5.29 -6.13 -0.04
N CYS A 75 5.72 -5.18 0.76
CA CYS A 75 6.91 -4.38 0.38
C CYS A 75 8.15 -5.26 0.41
N LYS A 76 8.16 -6.22 1.29
CA LYS A 76 9.35 -7.13 1.38
C LYS A 76 9.23 -8.20 0.29
N GLN A 77 8.03 -8.48 -0.13
CA GLN A 77 7.83 -9.49 -1.20
C GLN A 77 7.75 -8.80 -2.57
N PHE A 78 7.78 -7.49 -2.57
CA PHE A 78 7.69 -6.77 -3.88
C PHE A 78 8.60 -5.53 -3.89
N ILE A 79 9.06 -5.06 -2.76
CA ILE A 79 9.93 -3.86 -2.77
C ILE A 79 11.29 -4.14 -2.13
N ILE A 80 11.37 -5.13 -1.28
CA ILE A 80 12.68 -5.43 -0.63
C ILE A 80 12.92 -6.94 -0.59
N GLU A 81 13.98 -7.35 0.05
CA GLU A 81 14.29 -8.81 0.12
C GLU A 81 13.61 -9.44 1.35
N GLN A 1 -20.28 -13.63 15.10
CA GLN A 1 -20.77 -13.02 16.37
C GLN A 1 -19.76 -12.00 16.90
N PRO A 2 -18.58 -12.47 17.17
CA PRO A 2 -17.50 -11.60 17.68
C PRO A 2 -16.97 -10.68 16.57
N GLU A 3 -17.10 -9.39 16.76
CA GLU A 3 -16.60 -8.44 15.72
C GLU A 3 -15.09 -8.61 15.53
N ASP A 4 -14.66 -8.86 14.32
CA ASP A 4 -13.20 -9.05 14.07
C ASP A 4 -12.88 -8.85 12.59
N PHE A 5 -13.66 -8.07 11.90
CA PHE A 5 -13.40 -7.85 10.45
C PHE A 5 -11.89 -7.66 10.21
N HIS A 6 -11.47 -7.75 8.98
CA HIS A 6 -10.01 -7.57 8.69
C HIS A 6 -9.78 -6.27 7.90
N GLY A 7 -8.77 -5.53 8.26
CA GLY A 7 -8.50 -4.25 7.54
C GLY A 7 -8.00 -4.55 6.13
N ILE A 8 -6.70 -4.56 5.93
CA ILE A 8 -6.16 -4.84 4.58
C ILE A 8 -6.24 -6.34 4.27
N ASP A 9 -6.73 -6.70 3.12
CA ASP A 9 -6.81 -8.15 2.78
C ASP A 9 -5.58 -8.54 1.98
N ILE A 10 -5.22 -7.77 0.99
CA ILE A 10 -4.03 -8.11 0.16
C ILE A 10 -3.52 -6.89 -0.60
N VAL A 11 -2.23 -6.80 -0.79
CA VAL A 11 -1.66 -5.66 -1.57
C VAL A 11 -1.51 -6.09 -3.03
N ILE A 12 -2.49 -5.78 -3.85
CA ILE A 12 -2.45 -6.18 -5.28
C ILE A 12 -1.18 -5.66 -5.97
N ASN A 13 -0.77 -4.47 -5.65
CA ASN A 13 0.46 -3.91 -6.31
C ASN A 13 0.78 -2.54 -5.71
N HIS A 14 1.67 -1.81 -6.33
CA HIS A 14 2.02 -0.47 -5.78
C HIS A 14 2.81 0.36 -6.79
N ARG A 15 3.28 1.51 -6.38
CA ARG A 15 4.07 2.38 -7.29
C ARG A 15 4.21 3.78 -6.68
N LEU A 16 4.93 4.65 -7.33
CA LEU A 16 5.11 6.03 -6.78
C LEU A 16 3.74 6.66 -6.46
N LYS A 17 3.61 7.26 -5.30
CA LYS A 17 2.31 7.89 -4.94
C LYS A 17 2.10 9.18 -5.73
N THR A 18 1.36 10.11 -5.19
CA THR A 18 1.10 11.38 -5.92
C THR A 18 0.21 11.14 -7.13
N SER A 19 0.70 10.40 -8.09
CA SER A 19 -0.13 10.10 -9.30
C SER A 19 -0.31 11.36 -10.16
N LEU A 20 -0.85 12.40 -9.60
CA LEU A 20 -1.06 13.65 -10.40
C LEU A 20 0.25 14.42 -10.53
N GLU A 21 1.34 13.87 -10.08
CA GLU A 21 2.65 14.58 -10.19
C GLU A 21 2.53 15.99 -9.60
N GLU A 22 3.03 16.20 -8.42
CA GLU A 22 2.95 17.55 -7.80
C GLU A 22 4.34 18.17 -7.66
N GLY A 23 5.19 17.98 -8.63
CA GLY A 23 6.56 18.56 -8.56
C GLY A 23 7.49 17.83 -9.53
N LYS A 24 8.57 17.28 -9.03
CA LYS A 24 9.52 16.55 -9.92
C LYS A 24 8.95 15.18 -10.31
N VAL A 25 9.76 14.34 -10.89
CA VAL A 25 9.27 12.99 -11.28
C VAL A 25 9.83 11.93 -10.33
N LEU A 26 10.85 12.28 -9.59
CA LEU A 26 11.45 11.29 -8.63
C LEU A 26 11.87 10.02 -9.38
N GLU A 27 11.00 9.05 -9.45
CA GLU A 27 11.35 7.79 -10.16
C GLU A 27 12.57 7.14 -9.50
N LYS A 28 12.41 6.63 -8.30
CA LYS A 28 13.56 5.99 -7.60
C LYS A 28 13.23 4.54 -7.25
N THR A 29 14.04 3.61 -7.66
CA THR A 29 13.77 2.18 -7.34
C THR A 29 13.43 2.04 -5.85
N VAL A 30 12.88 0.93 -5.45
CA VAL A 30 12.52 0.76 -4.01
C VAL A 30 13.28 -0.42 -3.41
N PRO A 31 14.33 -0.09 -2.71
CA PRO A 31 15.18 -1.11 -2.06
C PRO A 31 14.69 -1.40 -0.64
N ASP A 32 14.38 -0.39 0.11
CA ASP A 32 13.91 -0.59 1.51
C ASP A 32 12.44 -0.17 1.66
N LEU A 33 11.93 -0.17 2.86
CA LEU A 33 10.52 0.23 3.08
C LEU A 33 10.44 1.75 3.28
N ASN A 34 11.53 2.37 3.62
CA ASN A 34 11.52 3.85 3.82
C ASN A 34 11.40 4.56 2.47
N ASN A 35 12.01 4.03 1.46
CA ASN A 35 11.93 4.67 0.12
C ASN A 35 10.46 4.74 -0.30
N CYS A 36 9.79 3.62 -0.26
CA CYS A 36 8.35 3.62 -0.63
C CYS A 36 7.55 4.37 0.42
N LYS A 37 7.69 3.98 1.66
CA LYS A 37 6.94 4.67 2.75
C LYS A 37 7.11 6.19 2.66
N GLU A 38 8.13 6.65 1.97
CA GLU A 38 8.33 8.13 1.88
C GLU A 38 7.74 8.67 0.57
N ASN A 39 7.58 7.84 -0.43
CA ASN A 39 7.01 8.34 -1.71
C ASN A 39 6.49 7.16 -2.56
N TYR A 40 5.47 6.49 -2.09
CA TYR A 40 4.91 5.34 -2.87
C TYR A 40 3.51 4.98 -2.39
N GLU A 41 2.65 4.59 -3.29
CA GLU A 41 1.27 4.18 -2.90
C GLU A 41 1.15 2.66 -3.05
N PHE A 42 0.03 2.10 -2.72
CA PHE A 42 -0.10 0.62 -2.84
C PHE A 42 -1.53 0.21 -3.17
N LEU A 43 -1.73 -0.64 -4.13
CA LEU A 43 -3.12 -1.09 -4.42
C LEU A 43 -3.55 -2.01 -3.29
N ILE A 44 -4.49 -1.59 -2.50
CA ILE A 44 -4.90 -2.42 -1.36
C ILE A 44 -6.17 -3.23 -1.65
N LYS A 45 -6.03 -4.51 -1.79
CA LYS A 45 -7.25 -5.36 -2.00
C LYS A 45 -8.01 -5.45 -0.68
N TRP A 46 -9.02 -4.65 -0.49
CA TRP A 46 -9.78 -4.70 0.80
C TRP A 46 -10.81 -5.83 0.74
N THR A 47 -11.86 -5.72 1.50
CA THR A 47 -12.90 -6.79 1.49
C THR A 47 -12.23 -8.16 1.53
N ASP A 48 -12.92 -9.19 1.11
CA ASP A 48 -12.31 -10.56 1.14
C ASP A 48 -12.22 -11.12 -0.28
N GLU A 49 -12.08 -12.41 -0.42
CA GLU A 49 -11.98 -13.01 -1.78
C GLU A 49 -13.36 -13.06 -2.44
N SER A 50 -14.36 -13.49 -1.72
CA SER A 50 -15.73 -13.56 -2.30
C SER A 50 -16.04 -12.29 -3.11
N HIS A 51 -16.06 -11.16 -2.45
CA HIS A 51 -16.36 -9.89 -3.18
C HIS A 51 -15.09 -9.36 -3.87
N LEU A 52 -15.03 -8.08 -4.12
CA LEU A 52 -13.82 -7.52 -4.78
C LEU A 52 -13.87 -5.99 -4.77
N HIS A 53 -13.02 -5.35 -4.01
CA HIS A 53 -13.02 -3.87 -3.97
C HIS A 53 -11.60 -3.35 -3.72
N ASN A 54 -10.74 -3.46 -4.70
CA ASN A 54 -9.34 -2.99 -4.54
C ASN A 54 -9.25 -1.48 -4.79
N THR A 55 -8.33 -0.83 -4.12
CA THR A 55 -8.17 0.64 -4.31
C THR A 55 -6.70 1.00 -4.07
N TRP A 56 -6.29 2.16 -4.50
CA TRP A 56 -4.87 2.54 -4.30
C TRP A 56 -4.75 3.49 -3.11
N GLU A 57 -4.39 2.97 -1.97
CA GLU A 57 -4.25 3.83 -0.76
C GLU A 57 -2.78 4.16 -0.49
N THR A 58 -2.51 4.76 0.62
CA THR A 58 -1.11 5.10 0.97
C THR A 58 -0.91 4.87 2.46
N TYR A 59 0.29 4.63 2.88
CA TYR A 59 0.51 4.37 4.34
C TYR A 59 -0.26 5.40 5.17
N GLU A 60 -0.40 6.59 4.68
CA GLU A 60 -1.14 7.64 5.44
C GLU A 60 -2.62 7.29 5.53
N SER A 61 -3.05 6.30 4.81
CA SER A 61 -4.49 5.91 4.85
C SER A 61 -4.63 4.43 5.14
N ILE A 62 -3.57 3.68 5.02
CA ILE A 62 -3.63 2.22 5.29
C ILE A 62 -2.58 1.86 6.36
N GLY A 63 -2.00 2.86 6.98
CA GLY A 63 -0.98 2.57 8.03
C GLY A 63 -1.64 2.50 9.41
N GLN A 64 -2.84 1.98 9.47
CA GLN A 64 -3.53 1.89 10.79
C GLN A 64 -4.72 0.92 10.71
N VAL A 65 -4.57 -0.16 9.99
CA VAL A 65 -5.69 -1.14 9.87
C VAL A 65 -5.14 -2.50 9.45
N ARG A 66 -4.04 -2.91 10.03
CA ARG A 66 -3.43 -4.21 9.64
C ARG A 66 -2.84 -4.11 8.23
N GLY A 67 -2.92 -2.95 7.63
CA GLY A 67 -2.36 -2.77 6.27
C GLY A 67 -0.85 -2.89 6.35
N LEU A 68 -0.22 -2.02 7.09
CA LEU A 68 1.27 -2.09 7.21
C LEU A 68 1.71 -3.53 7.38
N LYS A 69 0.91 -4.36 7.99
CA LYS A 69 1.32 -5.78 8.16
C LYS A 69 1.36 -6.46 6.79
N ARG A 70 0.26 -6.53 6.10
CA ARG A 70 0.28 -7.17 4.75
C ARG A 70 1.04 -6.25 3.80
N LEU A 71 1.05 -4.98 4.09
CA LEU A 71 1.79 -4.01 3.23
C LEU A 71 3.29 -4.19 3.49
N ASP A 72 3.64 -4.48 4.72
CA ASP A 72 5.08 -4.69 5.03
C ASP A 72 5.56 -5.96 4.33
N ASN A 73 4.83 -7.03 4.48
CA ASN A 73 5.22 -8.30 3.81
C ASN A 73 5.11 -8.12 2.30
N TYR A 74 4.35 -7.14 1.86
CA TYR A 74 4.23 -6.89 0.40
C TYR A 74 5.43 -6.07 -0.05
N CYS A 75 5.79 -5.09 0.74
CA CYS A 75 6.96 -4.25 0.38
C CYS A 75 8.22 -5.12 0.39
N LYS A 76 8.25 -6.11 1.24
CA LYS A 76 9.45 -6.99 1.28
C LYS A 76 9.34 -8.04 0.17
N GLN A 77 8.15 -8.35 -0.23
CA GLN A 77 7.97 -9.34 -1.34
C GLN A 77 7.87 -8.61 -2.67
N PHE A 78 7.84 -7.31 -2.65
CA PHE A 78 7.74 -6.55 -3.93
C PHE A 78 8.68 -5.34 -3.94
N ILE A 79 9.15 -4.90 -2.79
CA ILE A 79 10.07 -3.72 -2.79
C ILE A 79 11.38 -4.04 -2.06
N ILE A 80 11.39 -5.06 -1.24
CA ILE A 80 12.63 -5.42 -0.50
C ILE A 80 12.77 -6.94 -0.41
N GLU A 81 13.39 -7.43 0.63
CA GLU A 81 13.55 -8.91 0.77
C GLU A 81 12.83 -9.40 2.02
N GLN A 1 -24.01 -3.66 10.12
CA GLN A 1 -24.82 -3.30 11.32
C GLN A 1 -23.90 -3.05 12.53
N PRO A 2 -23.22 -4.08 12.95
CA PRO A 2 -22.30 -3.96 14.11
C PRO A 2 -21.04 -3.17 13.69
N GLU A 3 -20.14 -2.95 14.61
CA GLU A 3 -18.90 -2.20 14.26
C GLU A 3 -18.00 -3.07 13.37
N ASP A 4 -17.88 -2.71 12.12
CA ASP A 4 -17.02 -3.52 11.20
C ASP A 4 -16.00 -2.62 10.49
N PHE A 5 -15.02 -2.15 11.22
CA PHE A 5 -13.99 -1.28 10.59
C PHE A 5 -13.44 -1.97 9.34
N HIS A 6 -12.69 -1.26 8.54
CA HIS A 6 -12.13 -1.88 7.30
C HIS A 6 -10.61 -2.09 7.46
N GLY A 7 -10.14 -3.26 7.17
CA GLY A 7 -8.68 -3.53 7.30
C GLY A 7 -8.09 -3.91 5.94
N ILE A 8 -6.82 -4.15 5.86
CA ILE A 8 -6.21 -4.51 4.55
C ILE A 8 -6.33 -6.02 4.31
N ASP A 9 -6.90 -6.41 3.20
CA ASP A 9 -7.02 -7.87 2.93
C ASP A 9 -5.82 -8.33 2.11
N ILE A 10 -5.44 -7.58 1.11
CA ILE A 10 -4.28 -7.99 0.28
C ILE A 10 -3.70 -6.81 -0.51
N VAL A 11 -2.41 -6.75 -0.63
CA VAL A 11 -1.78 -5.66 -1.42
C VAL A 11 -1.64 -6.14 -2.88
N ILE A 12 -2.59 -5.80 -3.71
CA ILE A 12 -2.54 -6.26 -5.14
C ILE A 12 -1.31 -5.71 -5.87
N ASN A 13 -0.88 -4.54 -5.53
CA ASN A 13 0.30 -3.96 -6.23
C ASN A 13 0.67 -2.60 -5.63
N HIS A 14 1.55 -1.88 -6.26
CA HIS A 14 1.94 -0.55 -5.71
C HIS A 14 2.75 0.25 -6.74
N ARG A 15 2.98 1.50 -6.47
CA ARG A 15 3.78 2.35 -7.41
C ARG A 15 3.76 3.80 -6.94
N LEU A 16 4.63 4.62 -7.46
CA LEU A 16 4.66 6.05 -7.05
C LEU A 16 3.24 6.58 -6.90
N LYS A 17 2.95 7.25 -5.81
CA LYS A 17 1.58 7.79 -5.61
C LYS A 17 1.34 9.02 -6.49
N THR A 18 1.41 8.86 -7.78
CA THR A 18 1.16 10.02 -8.69
C THR A 18 0.04 9.70 -9.67
N SER A 19 -0.13 8.46 -10.01
CA SER A 19 -1.21 8.07 -10.96
C SER A 19 -0.93 8.64 -12.35
N LEU A 20 -0.85 9.94 -12.46
CA LEU A 20 -0.58 10.55 -13.80
C LEU A 20 0.92 10.46 -14.11
N GLU A 21 1.68 9.80 -13.28
CA GLU A 21 3.14 9.67 -13.53
C GLU A 21 3.72 11.05 -13.87
N GLU A 22 3.75 11.95 -12.94
CA GLU A 22 4.31 13.30 -13.22
C GLU A 22 5.18 13.78 -12.05
N GLY A 23 6.18 14.57 -12.33
CA GLY A 23 7.06 15.06 -11.24
C GLY A 23 8.40 14.33 -11.30
N LYS A 24 8.94 14.17 -12.48
CA LYS A 24 10.24 13.46 -12.60
C LYS A 24 10.08 11.99 -12.20
N VAL A 25 11.16 11.27 -12.08
CA VAL A 25 11.05 9.84 -11.69
C VAL A 25 12.08 9.50 -10.61
N LEU A 26 11.70 8.72 -9.64
CA LEU A 26 12.67 8.35 -8.55
C LEU A 26 13.49 7.13 -8.96
N GLU A 27 14.68 7.35 -9.48
CA GLU A 27 15.52 6.20 -9.89
C GLU A 27 16.04 5.44 -8.66
N LYS A 28 15.75 5.95 -7.50
CA LYS A 28 16.22 5.26 -6.25
C LYS A 28 15.49 3.92 -6.07
N THR A 29 14.49 3.67 -6.86
CA THR A 29 13.75 2.38 -6.73
C THR A 29 13.39 2.13 -5.26
N VAL A 30 12.83 0.99 -4.96
CA VAL A 30 12.46 0.71 -3.54
C VAL A 30 13.33 -0.40 -2.96
N PRO A 31 14.39 0.00 -2.31
CA PRO A 31 15.32 -0.95 -1.69
C PRO A 31 14.81 -1.35 -0.30
N ASP A 32 14.47 -0.38 0.50
CA ASP A 32 13.95 -0.67 1.86
C ASP A 32 12.53 -0.14 1.99
N LEU A 33 11.97 -0.20 3.17
CA LEU A 33 10.58 0.31 3.35
C LEU A 33 10.59 1.84 3.49
N ASN A 34 11.73 2.42 3.71
CA ASN A 34 11.80 3.90 3.85
C ASN A 34 11.48 4.60 2.52
N ASN A 35 12.07 4.14 1.45
CA ASN A 35 11.80 4.77 0.12
C ASN A 35 10.32 4.71 -0.21
N CYS A 36 9.71 3.58 -0.02
CA CYS A 36 8.27 3.45 -0.34
C CYS A 36 7.44 4.33 0.61
N LYS A 37 7.42 3.99 1.87
CA LYS A 37 6.63 4.78 2.85
C LYS A 37 6.84 6.29 2.67
N GLU A 38 7.93 6.69 2.06
CA GLU A 38 8.17 8.15 1.88
C GLU A 38 7.60 8.64 0.55
N ASN A 39 7.44 7.77 -0.41
CA ASN A 39 6.88 8.22 -1.73
C ASN A 39 6.42 7.01 -2.55
N TYR A 40 5.38 6.35 -2.12
CA TYR A 40 4.89 5.16 -2.88
C TYR A 40 3.45 4.81 -2.49
N GLU A 41 2.62 4.55 -3.46
CA GLU A 41 1.22 4.16 -3.16
C GLU A 41 1.10 2.64 -3.24
N PHE A 42 0.01 2.08 -2.81
CA PHE A 42 -0.12 0.60 -2.85
C PHE A 42 -1.57 0.19 -3.15
N LEU A 43 -1.77 -0.65 -4.12
CA LEU A 43 -3.16 -1.11 -4.40
C LEU A 43 -3.61 -1.97 -3.24
N ILE A 44 -4.56 -1.51 -2.48
CA ILE A 44 -5.00 -2.30 -1.30
C ILE A 44 -6.28 -3.08 -1.57
N LYS A 45 -6.19 -4.37 -1.69
CA LYS A 45 -7.42 -5.18 -1.90
C LYS A 45 -8.18 -5.23 -0.57
N TRP A 46 -9.15 -4.37 -0.37
CA TRP A 46 -9.90 -4.38 0.91
C TRP A 46 -10.95 -5.49 0.91
N THR A 47 -11.88 -5.45 1.82
CA THR A 47 -12.92 -6.51 1.86
C THR A 47 -14.28 -5.95 1.41
N ASP A 48 -14.82 -6.49 0.36
CA ASP A 48 -16.14 -5.99 -0.13
C ASP A 48 -16.86 -7.09 -0.93
N GLU A 49 -17.92 -7.62 -0.39
CA GLU A 49 -18.66 -8.70 -1.12
C GLU A 49 -18.92 -8.28 -2.56
N SER A 50 -18.56 -9.11 -3.50
CA SER A 50 -18.79 -8.77 -4.94
C SER A 50 -18.43 -7.30 -5.19
N HIS A 51 -18.91 -6.74 -6.26
CA HIS A 51 -18.58 -5.31 -6.56
C HIS A 51 -17.06 -5.11 -6.58
N LEU A 52 -16.62 -3.88 -6.58
CA LEU A 52 -15.16 -3.61 -6.60
C LEU A 52 -14.56 -3.80 -5.20
N HIS A 53 -13.46 -4.49 -5.09
CA HIS A 53 -12.84 -4.71 -3.75
C HIS A 53 -11.34 -4.39 -3.81
N ASN A 54 -10.98 -3.24 -4.31
CA ASN A 54 -9.53 -2.88 -4.39
C ASN A 54 -9.38 -1.40 -4.71
N THR A 55 -8.40 -0.76 -4.13
CA THR A 55 -8.18 0.69 -4.38
C THR A 55 -6.71 1.03 -4.16
N TRP A 56 -6.29 2.20 -4.55
CA TRP A 56 -4.86 2.56 -4.35
C TRP A 56 -4.73 3.56 -3.20
N GLU A 57 -4.19 3.10 -2.09
CA GLU A 57 -4.04 4.01 -0.91
C GLU A 57 -2.57 4.28 -0.63
N THR A 58 -2.29 4.91 0.48
CA THR A 58 -0.87 5.21 0.83
C THR A 58 -0.68 5.00 2.33
N TYR A 59 0.51 4.69 2.75
CA TYR A 59 0.74 4.45 4.20
C TYR A 59 0.06 5.55 5.03
N GLU A 60 0.08 6.77 4.56
CA GLU A 60 -0.57 7.87 5.32
C GLU A 60 -2.07 7.62 5.43
N SER A 61 -2.59 6.66 4.72
CA SER A 61 -4.05 6.38 4.77
C SER A 61 -4.29 4.91 5.14
N ILE A 62 -3.33 4.07 4.93
CA ILE A 62 -3.50 2.62 5.25
C ILE A 62 -2.50 2.22 6.34
N GLY A 63 -1.86 3.18 6.96
CA GLY A 63 -0.86 2.85 8.01
C GLY A 63 -1.55 2.82 9.38
N GLN A 64 -2.66 2.13 9.51
CA GLN A 64 -3.35 2.09 10.82
C GLN A 64 -4.59 1.19 10.75
N VAL A 65 -4.47 0.05 10.13
CA VAL A 65 -5.63 -0.89 10.01
C VAL A 65 -5.12 -2.28 9.63
N ARG A 66 -4.00 -2.68 10.17
CA ARG A 66 -3.43 -4.01 9.81
C ARG A 66 -2.82 -3.95 8.41
N GLY A 67 -2.94 -2.81 7.76
CA GLY A 67 -2.37 -2.67 6.40
C GLY A 67 -0.85 -2.79 6.49
N LEU A 68 -0.24 -1.96 7.27
CA LEU A 68 1.24 -2.03 7.40
C LEU A 68 1.69 -3.49 7.53
N LYS A 69 0.91 -4.31 8.18
CA LYS A 69 1.32 -5.74 8.33
C LYS A 69 1.34 -6.42 6.96
N ARG A 70 0.22 -6.46 6.29
CA ARG A 70 0.22 -7.11 4.94
C ARG A 70 0.96 -6.21 3.96
N LEU A 71 1.00 -4.93 4.24
CA LEU A 71 1.72 -3.98 3.36
C LEU A 71 3.22 -4.14 3.60
N ASP A 72 3.59 -4.38 4.83
CA ASP A 72 5.04 -4.56 5.12
C ASP A 72 5.52 -5.84 4.44
N ASN A 73 4.78 -6.91 4.60
CA ASN A 73 5.17 -8.18 3.95
C ASN A 73 5.09 -8.01 2.43
N TYR A 74 4.29 -7.09 1.96
CA TYR A 74 4.19 -6.87 0.50
C TYR A 74 5.41 -6.10 0.04
N CYS A 75 5.88 -5.18 0.85
CA CYS A 75 7.08 -4.40 0.47
C CYS A 75 8.29 -5.32 0.45
N LYS A 76 8.33 -6.28 1.33
CA LYS A 76 9.48 -7.22 1.35
C LYS A 76 9.30 -8.29 0.27
N GLN A 77 8.08 -8.54 -0.13
CA GLN A 77 7.83 -9.55 -1.18
C GLN A 77 7.75 -8.87 -2.55
N PHE A 78 7.79 -7.56 -2.57
CA PHE A 78 7.71 -6.83 -3.87
C PHE A 78 8.64 -5.61 -3.89
N ILE A 79 9.14 -5.16 -2.77
CA ILE A 79 10.04 -3.98 -2.79
C ILE A 79 11.40 -4.29 -2.14
N ILE A 80 11.44 -5.21 -1.22
CA ILE A 80 12.75 -5.54 -0.58
C ILE A 80 12.98 -7.06 -0.62
N GLU A 81 14.10 -7.51 -0.10
CA GLU A 81 14.39 -8.97 -0.10
C GLU A 81 14.94 -9.40 1.26
N GLN A 1 -16.04 0.15 22.43
CA GLN A 1 -15.83 -0.74 21.26
C GLN A 1 -14.33 -0.78 20.90
N PRO A 2 -13.72 -1.89 21.20
CA PRO A 2 -12.28 -2.07 20.91
C PRO A 2 -12.05 -2.26 19.41
N GLU A 3 -10.83 -2.37 18.99
CA GLU A 3 -10.54 -2.56 17.54
C GLU A 3 -10.47 -4.06 17.19
N ASP A 4 -11.12 -4.47 16.13
CA ASP A 4 -11.08 -5.91 15.75
C ASP A 4 -11.93 -6.14 14.50
N PHE A 5 -11.49 -5.65 13.37
CA PHE A 5 -12.26 -5.84 12.12
C PHE A 5 -11.31 -6.15 10.96
N HIS A 6 -11.84 -6.54 9.83
CA HIS A 6 -10.96 -6.85 8.66
C HIS A 6 -10.49 -5.55 7.99
N GLY A 7 -9.20 -5.32 7.99
CA GLY A 7 -8.67 -4.08 7.35
C GLY A 7 -8.12 -4.41 5.96
N ILE A 8 -6.83 -4.63 5.86
CA ILE A 8 -6.24 -4.95 4.53
C ILE A 8 -6.32 -6.44 4.25
N ASP A 9 -6.80 -6.82 3.10
CA ASP A 9 -6.88 -8.27 2.77
C ASP A 9 -5.65 -8.69 1.97
N ILE A 10 -5.29 -7.90 0.99
CA ILE A 10 -4.11 -8.26 0.16
C ILE A 10 -3.57 -7.02 -0.58
N VAL A 11 -2.28 -6.94 -0.74
CA VAL A 11 -1.70 -5.78 -1.48
C VAL A 11 -1.53 -6.20 -2.95
N ILE A 12 -2.47 -5.86 -3.78
CA ILE A 12 -2.40 -6.26 -5.22
C ILE A 12 -1.15 -5.71 -5.90
N ASN A 13 -0.73 -4.52 -5.54
CA ASN A 13 0.49 -3.95 -6.19
C ASN A 13 0.82 -2.58 -5.60
N HIS A 14 1.72 -1.85 -6.21
CA HIS A 14 2.08 -0.51 -5.67
C HIS A 14 2.87 0.30 -6.70
N ARG A 15 3.15 1.54 -6.39
CA ARG A 15 3.94 2.39 -7.35
C ARG A 15 3.97 3.84 -6.85
N LEU A 16 4.88 4.63 -7.36
CA LEU A 16 4.96 6.05 -6.93
C LEU A 16 3.55 6.66 -6.81
N LYS A 17 3.27 7.32 -5.73
CA LYS A 17 1.91 7.92 -5.57
C LYS A 17 1.74 9.12 -6.51
N THR A 18 1.90 8.90 -7.80
CA THR A 18 1.74 10.03 -8.77
C THR A 18 0.46 10.80 -8.47
N SER A 19 -0.67 10.18 -8.63
CA SER A 19 -1.97 10.89 -8.36
C SER A 19 -2.03 12.17 -9.19
N LEU A 20 -2.00 12.06 -10.49
CA LEU A 20 -2.08 13.27 -11.36
C LEU A 20 -0.88 14.18 -11.09
N GLU A 21 0.10 13.71 -10.36
CA GLU A 21 1.29 14.57 -10.08
C GLU A 21 2.52 14.02 -10.79
N GLU A 22 2.35 13.54 -11.99
CA GLU A 22 3.51 12.99 -12.75
C GLU A 22 4.55 14.08 -13.01
N GLY A 23 5.53 14.21 -12.16
CA GLY A 23 6.57 15.25 -12.36
C GLY A 23 7.74 15.01 -11.40
N LYS A 24 8.80 15.75 -11.53
CA LYS A 24 9.97 15.55 -10.62
C LYS A 24 10.49 14.10 -10.72
N VAL A 25 11.74 13.89 -10.47
CA VAL A 25 12.30 12.51 -10.55
C VAL A 25 12.89 12.10 -9.20
N LEU A 26 12.63 10.89 -8.77
CA LEU A 26 13.18 10.43 -7.46
C LEU A 26 13.85 9.07 -7.63
N GLU A 27 14.43 8.55 -6.58
CA GLU A 27 15.10 7.22 -6.68
C GLU A 27 14.17 6.21 -7.34
N LYS A 28 14.62 5.00 -7.51
CA LYS A 28 13.76 3.96 -8.15
C LYS A 28 14.18 2.56 -7.70
N THR A 29 13.42 1.56 -8.09
CA THR A 29 13.74 0.15 -7.69
C THR A 29 13.37 -0.11 -6.23
N VAL A 30 13.03 0.91 -5.48
CA VAL A 30 12.65 0.74 -4.05
C VAL A 30 13.44 -0.41 -3.40
N PRO A 31 14.50 -0.03 -2.76
CA PRO A 31 15.38 -1.02 -2.09
C PRO A 31 14.89 -1.32 -0.68
N ASP A 32 14.43 -0.32 0.02
CA ASP A 32 13.95 -0.56 1.41
C ASP A 32 12.53 -0.02 1.59
N LEU A 33 11.92 -0.26 2.72
CA LEU A 33 10.54 0.24 2.96
C LEU A 33 10.56 1.76 3.14
N ASN A 34 11.71 2.32 3.42
CA ASN A 34 11.80 3.79 3.61
C ASN A 34 11.50 4.50 2.29
N ASN A 35 12.11 4.08 1.23
CA ASN A 35 11.86 4.71 -0.09
C ASN A 35 10.37 4.63 -0.42
N CYS A 36 9.80 3.47 -0.30
CA CYS A 36 8.34 3.31 -0.60
C CYS A 36 7.50 3.93 0.51
N LYS A 37 8.07 4.16 1.65
CA LYS A 37 7.31 4.78 2.77
C LYS A 37 7.42 6.31 2.68
N GLU A 38 8.30 6.80 1.85
CA GLU A 38 8.47 8.27 1.73
C GLU A 38 7.79 8.78 0.45
N ASN A 39 7.56 7.93 -0.51
CA ASN A 39 6.92 8.38 -1.77
C ASN A 39 6.42 7.18 -2.59
N TYR A 40 5.42 6.49 -2.13
CA TYR A 40 4.91 5.32 -2.89
C TYR A 40 3.49 4.94 -2.44
N GLU A 41 2.66 4.56 -3.38
CA GLU A 41 1.28 4.14 -3.02
C GLU A 41 1.19 2.61 -3.05
N PHE A 42 0.04 2.06 -2.78
CA PHE A 42 -0.08 0.57 -2.80
C PHE A 42 -1.50 0.15 -3.14
N LEU A 43 -1.68 -0.72 -4.10
CA LEU A 43 -3.07 -1.18 -4.39
C LEU A 43 -3.50 -2.10 -3.26
N ILE A 44 -4.46 -1.69 -2.49
CA ILE A 44 -4.88 -2.52 -1.35
C ILE A 44 -6.16 -3.30 -1.63
N LYS A 45 -6.06 -4.60 -1.79
CA LYS A 45 -7.27 -5.42 -2.01
C LYS A 45 -8.04 -5.51 -0.69
N TRP A 46 -9.00 -4.65 -0.48
CA TRP A 46 -9.76 -4.68 0.81
C TRP A 46 -10.83 -5.77 0.78
N THR A 47 -11.86 -5.64 1.57
CA THR A 47 -12.93 -6.66 1.59
C THR A 47 -13.28 -7.09 0.15
N ASP A 48 -13.41 -8.37 -0.07
CA ASP A 48 -13.75 -8.84 -1.45
C ASP A 48 -15.26 -8.78 -1.68
N GLU A 49 -15.68 -8.27 -2.80
CA GLU A 49 -17.14 -8.19 -3.09
C GLU A 49 -17.40 -8.59 -4.54
N SER A 50 -18.55 -8.23 -5.07
CA SER A 50 -18.87 -8.60 -6.48
C SER A 50 -18.52 -7.42 -7.41
N HIS A 51 -17.71 -6.52 -6.96
CA HIS A 51 -17.33 -5.36 -7.80
C HIS A 51 -15.87 -4.97 -7.55
N LEU A 52 -15.10 -5.86 -6.99
CA LEU A 52 -13.68 -5.54 -6.71
C LEU A 52 -13.57 -4.32 -5.78
N HIS A 53 -13.11 -4.52 -4.58
CA HIS A 53 -12.98 -3.38 -3.63
C HIS A 53 -11.53 -2.90 -3.57
N ASN A 54 -10.69 -3.42 -4.40
CA ASN A 54 -9.26 -2.99 -4.40
C ASN A 54 -9.16 -1.49 -4.63
N THR A 55 -8.16 -0.87 -4.07
CA THR A 55 -7.98 0.59 -4.26
C THR A 55 -6.52 0.95 -4.06
N TRP A 56 -6.12 2.13 -4.41
CA TRP A 56 -4.69 2.51 -4.23
C TRP A 56 -4.54 3.44 -3.03
N GLU A 57 -4.27 2.88 -1.88
CA GLU A 57 -4.11 3.72 -0.66
C GLU A 57 -2.64 4.02 -0.40
N THR A 58 -2.35 4.67 0.70
CA THR A 58 -0.95 5.00 1.04
C THR A 58 -0.73 4.79 2.53
N TYR A 59 0.47 4.54 2.96
CA TYR A 59 0.70 4.32 4.41
C TYR A 59 -0.06 5.38 5.23
N GLU A 60 -0.10 6.59 4.74
CA GLU A 60 -0.81 7.67 5.49
C GLU A 60 -2.31 7.37 5.58
N SER A 61 -2.77 6.36 4.89
CA SER A 61 -4.22 6.02 4.94
C SER A 61 -4.42 4.53 5.26
N ILE A 62 -3.40 3.73 5.12
CA ILE A 62 -3.55 2.28 5.42
C ILE A 62 -2.59 1.90 6.55
N GLY A 63 -2.00 2.87 7.20
CA GLY A 63 -1.06 2.56 8.31
C GLY A 63 -1.81 2.52 9.64
N GLN A 64 -2.87 1.76 9.72
CA GLN A 64 -3.63 1.68 11.00
C GLN A 64 -4.81 0.71 10.89
N VAL A 65 -4.64 -0.34 10.12
CA VAL A 65 -5.75 -1.33 9.97
C VAL A 65 -5.19 -2.69 9.54
N ARG A 66 -4.07 -3.09 10.09
CA ARG A 66 -3.46 -4.39 9.70
C ARG A 66 -2.88 -4.29 8.28
N GLY A 67 -3.00 -3.14 7.67
CA GLY A 67 -2.46 -2.97 6.30
C GLY A 67 -0.94 -3.00 6.36
N LEU A 68 -0.35 -2.12 7.10
CA LEU A 68 1.13 -2.11 7.20
C LEU A 68 1.65 -3.54 7.39
N LYS A 69 0.91 -4.37 8.05
CA LYS A 69 1.38 -5.78 8.25
C LYS A 69 1.43 -6.49 6.89
N ARG A 70 0.32 -6.61 6.23
CA ARG A 70 0.33 -7.28 4.89
C ARG A 70 1.05 -6.37 3.89
N LEU A 71 0.98 -5.09 4.12
CA LEU A 71 1.67 -4.13 3.22
C LEU A 71 3.17 -4.24 3.45
N ASP A 72 3.56 -4.48 4.68
CA ASP A 72 5.01 -4.63 4.97
C ASP A 72 5.54 -5.88 4.27
N ASN A 73 4.87 -6.99 4.45
CA ASN A 73 5.32 -8.24 3.78
C ASN A 73 5.22 -8.06 2.26
N TYR A 74 4.43 -7.13 1.81
CA TYR A 74 4.31 -6.89 0.35
C TYR A 74 5.51 -6.08 -0.11
N CYS A 75 5.92 -5.13 0.68
CA CYS A 75 7.09 -4.30 0.31
C CYS A 75 8.35 -5.17 0.26
N LYS A 76 8.42 -6.15 1.11
CA LYS A 76 9.62 -7.04 1.12
C LYS A 76 9.47 -8.09 0.02
N GLN A 77 8.25 -8.39 -0.37
CA GLN A 77 8.02 -9.39 -1.44
C GLN A 77 7.94 -8.68 -2.79
N PHE A 78 7.91 -7.37 -2.77
CA PHE A 78 7.81 -6.62 -4.06
C PHE A 78 8.80 -5.45 -4.10
N ILE A 79 9.27 -4.99 -2.96
CA ILE A 79 10.21 -3.84 -2.98
C ILE A 79 11.52 -4.18 -2.28
N ILE A 80 11.49 -5.08 -1.34
CA ILE A 80 12.75 -5.45 -0.62
C ILE A 80 12.86 -6.97 -0.50
N GLU A 81 13.36 -7.47 0.60
CA GLU A 81 13.49 -8.95 0.75
C GLU A 81 13.97 -9.29 2.16
N GLN A 1 -19.55 -7.58 19.71
CA GLN A 1 -19.13 -7.53 18.29
C GLN A 1 -18.47 -6.18 17.98
N PRO A 2 -17.19 -6.12 18.23
CA PRO A 2 -16.43 -4.87 18.00
C PRO A 2 -16.20 -4.65 16.49
N GLU A 3 -16.26 -5.70 15.71
CA GLU A 3 -16.04 -5.54 14.24
C GLU A 3 -16.21 -6.88 13.53
N ASP A 4 -15.85 -6.95 12.28
CA ASP A 4 -15.99 -8.25 11.54
C ASP A 4 -15.10 -8.23 10.28
N PHE A 5 -13.84 -7.97 10.44
CA PHE A 5 -12.93 -7.94 9.26
C PHE A 5 -11.48 -7.80 9.72
N HIS A 6 -10.55 -7.82 8.80
CA HIS A 6 -9.12 -7.69 9.19
C HIS A 6 -8.52 -6.39 8.64
N GLY A 7 -9.28 -5.66 7.87
CA GLY A 7 -8.77 -4.39 7.29
C GLY A 7 -8.21 -4.66 5.89
N ILE A 8 -6.91 -4.60 5.73
CA ILE A 8 -6.32 -4.85 4.38
C ILE A 8 -6.41 -6.35 4.05
N ASP A 9 -6.94 -6.69 2.91
CA ASP A 9 -7.03 -8.13 2.54
C ASP A 9 -5.79 -8.53 1.75
N ILE A 10 -5.42 -7.76 0.76
CA ILE A 10 -4.22 -8.12 -0.04
C ILE A 10 -3.68 -6.91 -0.80
N VAL A 11 -2.39 -6.75 -0.82
CA VAL A 11 -1.77 -5.62 -1.58
C VAL A 11 -1.58 -6.07 -3.03
N ILE A 12 -2.51 -5.76 -3.88
CA ILE A 12 -2.41 -6.20 -5.31
C ILE A 12 -1.16 -5.65 -5.98
N ASN A 13 -0.78 -4.44 -5.67
CA ASN A 13 0.44 -3.87 -6.32
C ASN A 13 0.77 -2.51 -5.69
N HIS A 14 1.67 -1.77 -6.29
CA HIS A 14 2.03 -0.45 -5.72
C HIS A 14 2.84 0.37 -6.74
N ARG A 15 3.18 1.58 -6.41
CA ARG A 15 3.97 2.43 -7.35
C ARG A 15 4.09 3.86 -6.82
N LEU A 16 5.01 4.62 -7.36
CA LEU A 16 5.18 6.03 -6.87
C LEU A 16 3.82 6.70 -6.68
N LYS A 17 3.64 7.37 -5.57
CA LYS A 17 2.33 8.05 -5.33
C LYS A 17 1.95 8.91 -6.53
N THR A 18 1.21 8.38 -7.45
CA THR A 18 0.82 9.18 -8.65
C THR A 18 -0.64 9.63 -8.52
N SER A 19 -1.53 8.72 -8.27
CA SER A 19 -2.97 9.11 -8.14
C SER A 19 -3.36 10.08 -9.27
N LEU A 20 -2.96 9.78 -10.47
CA LEU A 20 -3.31 10.69 -11.61
C LEU A 20 -2.66 12.06 -11.41
N GLU A 21 -1.76 12.18 -10.46
CA GLU A 21 -1.10 13.49 -10.22
C GLU A 21 0.38 13.41 -10.65
N GLU A 22 0.69 12.55 -11.57
CA GLU A 22 2.10 12.43 -12.03
C GLU A 22 2.72 13.82 -12.23
N GLY A 23 3.50 14.27 -11.29
CA GLY A 23 4.14 15.61 -11.43
C GLY A 23 5.35 15.71 -10.50
N LYS A 24 6.13 14.68 -10.42
CA LYS A 24 7.32 14.71 -9.53
C LYS A 24 8.31 13.61 -9.92
N VAL A 25 9.21 13.90 -10.82
CA VAL A 25 10.21 12.87 -11.25
C VAL A 25 10.96 12.32 -10.03
N LEU A 26 11.06 11.03 -9.92
CA LEU A 26 11.78 10.44 -8.75
C LEU A 26 12.58 9.21 -9.19
N GLU A 27 13.76 9.39 -9.69
CA GLU A 27 14.59 8.23 -10.13
C GLU A 27 15.13 7.48 -8.91
N LYS A 28 14.43 6.49 -8.45
CA LYS A 28 14.91 5.72 -7.26
C LYS A 28 14.02 4.51 -7.01
N THR A 29 14.50 3.33 -7.26
CA THR A 29 13.68 2.12 -7.03
C THR A 29 13.25 2.05 -5.56
N VAL A 30 12.90 0.89 -5.09
CA VAL A 30 12.48 0.76 -3.67
C VAL A 30 13.25 -0.38 -3.00
N PRO A 31 14.32 0.00 -2.36
CA PRO A 31 15.18 -0.98 -1.67
C PRO A 31 14.68 -1.24 -0.25
N ASP A 32 14.25 -0.21 0.42
CA ASP A 32 13.76 -0.40 1.83
C ASP A 32 12.34 0.13 1.96
N LEU A 33 11.67 -0.20 3.03
CA LEU A 33 10.28 0.29 3.24
C LEU A 33 10.27 1.81 3.37
N ASN A 34 11.42 2.40 3.58
CA ASN A 34 11.48 3.89 3.71
C ASN A 34 11.19 4.54 2.36
N ASN A 35 11.99 4.25 1.37
CA ASN A 35 11.77 4.85 0.03
C ASN A 35 10.29 4.74 -0.35
N CYS A 36 9.66 3.67 0.03
CA CYS A 36 8.22 3.49 -0.32
C CYS A 36 7.33 4.32 0.63
N LYS A 37 7.27 3.95 1.87
CA LYS A 37 6.41 4.71 2.83
C LYS A 37 6.62 6.22 2.70
N GLU A 38 7.75 6.63 2.17
CA GLU A 38 8.00 8.09 2.03
C GLU A 38 7.49 8.62 0.69
N ASN A 39 7.51 7.81 -0.34
CA ASN A 39 7.02 8.29 -1.66
C ASN A 39 6.50 7.13 -2.52
N TYR A 40 5.48 6.45 -2.07
CA TYR A 40 4.95 5.31 -2.87
C TYR A 40 3.49 5.01 -2.49
N GLU A 41 2.73 4.54 -3.44
CA GLU A 41 1.31 4.18 -3.15
C GLU A 41 1.20 2.65 -3.14
N PHE A 42 0.03 2.13 -2.90
CA PHE A 42 -0.11 0.64 -2.89
C PHE A 42 -1.55 0.23 -3.19
N LEU A 43 -1.75 -0.60 -4.17
CA LEU A 43 -3.13 -1.05 -4.48
C LEU A 43 -3.59 -1.95 -3.34
N ILE A 44 -4.51 -1.50 -2.56
CA ILE A 44 -4.96 -2.31 -1.40
C ILE A 44 -6.23 -3.09 -1.72
N LYS A 45 -6.14 -4.38 -1.85
CA LYS A 45 -7.36 -5.18 -2.10
C LYS A 45 -8.16 -5.30 -0.79
N TRP A 46 -9.13 -4.45 -0.60
CA TRP A 46 -9.91 -4.52 0.68
C TRP A 46 -10.97 -5.63 0.58
N THR A 47 -11.65 -5.91 1.65
CA THR A 47 -12.68 -6.98 1.62
C THR A 47 -14.02 -6.42 1.17
N ASP A 48 -14.33 -6.53 -0.10
CA ASP A 48 -15.62 -6.00 -0.61
C ASP A 48 -16.22 -6.96 -1.64
N GLU A 49 -15.60 -7.08 -2.78
CA GLU A 49 -16.13 -8.01 -3.82
C GLU A 49 -17.57 -7.64 -4.20
N SER A 50 -17.91 -6.38 -4.08
CA SER A 50 -19.29 -5.96 -4.44
C SER A 50 -19.24 -4.81 -5.46
N HIS A 51 -19.19 -3.59 -4.98
CA HIS A 51 -19.12 -2.44 -5.92
C HIS A 51 -17.75 -1.77 -5.82
N LEU A 52 -16.76 -2.49 -5.38
CA LEU A 52 -15.40 -1.90 -5.25
C LEU A 52 -14.34 -3.00 -5.36
N HIS A 53 -13.45 -2.90 -6.31
CA HIS A 53 -12.40 -3.95 -6.46
C HIS A 53 -11.01 -3.37 -6.19
N ASN A 54 -10.53 -3.49 -4.99
CA ASN A 54 -9.18 -2.95 -4.67
C ASN A 54 -9.14 -1.44 -4.88
N THR A 55 -8.18 -0.79 -4.29
CA THR A 55 -8.05 0.68 -4.46
C THR A 55 -6.60 1.07 -4.21
N TRP A 56 -6.20 2.23 -4.62
CA TRP A 56 -4.78 2.63 -4.41
C TRP A 56 -4.66 3.58 -3.23
N GLU A 57 -4.22 3.05 -2.11
CA GLU A 57 -4.06 3.91 -0.90
C GLU A 57 -2.59 4.17 -0.62
N THR A 58 -2.28 4.78 0.49
CA THR A 58 -0.88 5.07 0.84
C THR A 58 -0.69 4.83 2.34
N TYR A 59 0.50 4.57 2.78
CA TYR A 59 0.70 4.33 4.23
C TYR A 59 -0.06 5.37 5.05
N GLU A 60 -0.05 6.60 4.60
CA GLU A 60 -0.75 7.67 5.35
C GLU A 60 -2.27 7.42 5.34
N SER A 61 -2.71 6.44 4.60
CA SER A 61 -4.17 6.14 4.55
C SER A 61 -4.42 4.66 4.86
N ILE A 62 -3.39 3.86 4.87
CA ILE A 62 -3.59 2.41 5.15
C ILE A 62 -2.65 1.96 6.28
N GLY A 63 -2.01 2.90 6.93
CA GLY A 63 -1.09 2.53 8.04
C GLY A 63 -1.83 2.58 9.38
N GLN A 64 -2.85 1.78 9.53
CA GLN A 64 -3.61 1.79 10.82
C GLN A 64 -4.82 0.85 10.74
N VAL A 65 -4.69 -0.23 10.01
CA VAL A 65 -5.82 -1.19 9.88
C VAL A 65 -5.30 -2.56 9.47
N ARG A 66 -4.18 -2.96 10.02
CA ARG A 66 -3.59 -4.28 9.64
C ARG A 66 -2.98 -4.20 8.24
N GLY A 67 -3.11 -3.06 7.60
CA GLY A 67 -2.54 -2.91 6.24
C GLY A 67 -1.02 -2.99 6.32
N LEU A 68 -0.41 -2.12 7.08
CA LEU A 68 1.07 -2.17 7.19
C LEU A 68 1.54 -3.61 7.36
N LYS A 69 0.77 -4.44 7.98
CA LYS A 69 1.18 -5.85 8.16
C LYS A 69 1.24 -6.54 6.80
N ARG A 70 0.13 -6.63 6.12
CA ARG A 70 0.15 -7.27 4.78
C ARG A 70 0.90 -6.37 3.81
N LEU A 71 0.89 -5.08 4.08
CA LEU A 71 1.63 -4.14 3.20
C LEU A 71 3.12 -4.31 3.45
N ASP A 72 3.48 -4.57 4.68
CA ASP A 72 4.92 -4.78 5.00
C ASP A 72 5.41 -6.04 4.30
N ASN A 73 4.69 -7.12 4.45
CA ASN A 73 5.10 -8.39 3.78
C ASN A 73 5.00 -8.20 2.26
N TYR A 74 4.23 -7.24 1.82
CA TYR A 74 4.12 -7.00 0.36
C TYR A 74 5.33 -6.21 -0.08
N CYS A 75 5.77 -5.29 0.73
CA CYS A 75 6.97 -4.49 0.39
C CYS A 75 8.19 -5.40 0.36
N LYS A 76 8.22 -6.38 1.22
CA LYS A 76 9.39 -7.31 1.23
C LYS A 76 9.24 -8.32 0.10
N GLN A 77 8.02 -8.57 -0.33
CA GLN A 77 7.81 -9.54 -1.44
C GLN A 77 7.69 -8.78 -2.76
N PHE A 78 7.89 -7.49 -2.73
CA PHE A 78 7.78 -6.68 -3.99
C PHE A 78 8.71 -5.46 -3.97
N ILE A 79 9.16 -5.02 -2.82
CA ILE A 79 10.06 -3.84 -2.80
C ILE A 79 11.40 -4.19 -2.13
N ILE A 80 11.38 -5.01 -1.12
CA ILE A 80 12.65 -5.40 -0.45
C ILE A 80 12.72 -6.93 -0.33
N GLU A 81 13.51 -7.44 0.58
CA GLU A 81 13.62 -8.91 0.73
C GLU A 81 12.95 -9.36 2.04
#